data_2KIM
#
_entry.id   2KIM
#
_entity_poly.entity_id   1
_entity_poly.type   'polypeptide(L)'
_entity_poly.pdbx_seq_one_letter_code
;MDQFLVQIFAVIHQIPKGKVSTYGEIAKMAGYPGYARHVGKALGNLPEGSKLPWFRVINSQGKISLKGRDLDRQKQKLEA
EGIEVSEIGKIALRKYKWQPLEHHHHHH
;
_entity_poly.pdbx_strand_id   A
#
# COMPACT_ATOMS: atom_id res chain seq x y z
N MET A 1 9.99 -11.16 13.74
CA MET A 1 10.00 -10.99 12.26
C MET A 1 9.62 -12.30 11.55
N ASP A 2 8.33 -12.48 11.25
CA ASP A 2 7.85 -13.67 10.55
C ASP A 2 8.20 -13.64 9.06
N GLN A 3 8.31 -14.83 8.44
CA GLN A 3 8.54 -14.92 7.00
C GLN A 3 7.41 -14.21 6.23
N PHE A 4 6.21 -14.21 6.83
CA PHE A 4 5.08 -13.43 6.32
C PHE A 4 5.48 -11.97 6.07
N LEU A 5 6.08 -11.35 7.09
CA LEU A 5 6.54 -9.97 6.99
C LEU A 5 7.62 -9.82 5.91
N VAL A 6 8.61 -10.71 5.93
CA VAL A 6 9.69 -10.70 4.94
C VAL A 6 9.16 -10.72 3.51
N GLN A 7 8.19 -11.62 3.25
CA GLN A 7 7.61 -11.78 1.91
C GLN A 7 6.81 -10.52 1.48
N ILE A 8 5.80 -10.15 2.26
CA ILE A 8 4.95 -9.00 1.91
C ILE A 8 5.77 -7.72 1.72
N PHE A 9 6.77 -7.50 2.59
CA PHE A 9 7.66 -6.33 2.47
C PHE A 9 8.48 -6.39 1.18
N ALA A 10 8.97 -7.58 0.84
CA ALA A 10 9.72 -7.78 -0.41
C ALA A 10 8.89 -7.40 -1.64
N VAL A 11 7.58 -7.67 -1.57
CA VAL A 11 6.65 -7.27 -2.61
C VAL A 11 6.48 -5.74 -2.64
N ILE A 12 6.38 -5.14 -1.46
CA ILE A 12 6.24 -3.67 -1.33
C ILE A 12 7.45 -2.92 -1.94
N HIS A 13 8.65 -3.47 -1.73
CA HIS A 13 9.87 -2.88 -2.31
C HIS A 13 9.82 -2.87 -3.86
N GLN A 14 8.92 -3.65 -4.44
CA GLN A 14 8.80 -3.76 -5.89
C GLN A 14 7.73 -2.82 -6.48
N ILE A 15 7.06 -2.03 -5.62
CA ILE A 15 6.04 -1.07 -6.08
C ILE A 15 6.70 0.14 -6.78
N PRO A 16 6.39 0.38 -8.07
CA PRO A 16 7.02 1.45 -8.86
C PRO A 16 6.41 2.86 -8.65
N LYS A 17 6.96 3.85 -9.36
CA LYS A 17 6.60 5.26 -9.19
C LYS A 17 5.23 5.57 -9.81
N GLY A 18 4.36 6.22 -9.04
CA GLY A 18 3.05 6.63 -9.56
C GLY A 18 2.03 5.49 -9.62
N LYS A 19 2.42 4.31 -9.14
CA LYS A 19 1.52 3.15 -9.10
C LYS A 19 1.32 2.66 -7.66
N VAL A 20 0.11 2.18 -7.37
CA VAL A 20 -0.21 1.64 -6.04
C VAL A 20 -0.77 0.22 -6.16
N SER A 21 -0.89 -0.47 -5.02
CA SER A 21 -1.47 -1.81 -4.99
C SER A 21 -2.33 -2.00 -3.74
N THR A 22 -3.11 -3.07 -3.72
CA THR A 22 -4.02 -3.35 -2.60
C THR A 22 -3.56 -4.57 -1.78
N TYR A 23 -3.90 -4.56 -0.48
CA TYR A 23 -3.52 -5.66 0.43
C TYR A 23 -3.89 -7.04 -0.14
N GLY A 24 -5.05 -7.14 -0.78
CA GLY A 24 -5.46 -8.40 -1.40
C GLY A 24 -4.46 -8.93 -2.41
N GLU A 25 -3.93 -8.02 -3.24
CA GLU A 25 -2.91 -8.38 -4.24
C GLU A 25 -1.59 -8.77 -3.56
N ILE A 26 -1.11 -7.89 -2.66
CA ILE A 26 0.15 -8.11 -1.95
C ILE A 26 0.16 -9.48 -1.24
N ALA A 27 -0.91 -9.77 -0.52
CA ALA A 27 -1.05 -11.05 0.20
C ALA A 27 -0.92 -12.25 -0.75
N LYS A 28 -1.69 -12.24 -1.85
CA LYS A 28 -1.65 -13.34 -2.82
C LYS A 28 -0.25 -13.48 -3.46
N MET A 29 0.33 -12.36 -3.87
CA MET A 29 1.66 -12.37 -4.50
C MET A 29 2.77 -12.76 -3.52
N ALA A 30 2.54 -12.53 -2.23
CA ALA A 30 3.49 -12.92 -1.18
C ALA A 30 3.32 -14.40 -0.79
N GLY A 31 2.25 -15.04 -1.26
CA GLY A 31 2.00 -16.45 -0.95
C GLY A 31 1.18 -16.65 0.31
N TYR A 32 0.38 -15.66 0.69
CA TYR A 32 -0.48 -15.75 1.88
C TYR A 32 -1.91 -15.26 1.56
N PRO A 33 -2.70 -16.04 0.80
CA PRO A 33 -4.07 -15.66 0.43
C PRO A 33 -5.01 -15.63 1.64
N GLY A 34 -5.62 -14.47 1.90
CA GLY A 34 -6.52 -14.33 3.04
C GLY A 34 -5.88 -13.66 4.25
N TYR A 35 -4.65 -13.18 4.08
CA TYR A 35 -3.94 -12.46 5.15
C TYR A 35 -3.75 -10.97 4.80
N ALA A 36 -4.54 -10.48 3.86
CA ALA A 36 -4.49 -9.07 3.45
C ALA A 36 -4.70 -8.12 4.63
N ARG A 37 -5.69 -8.42 5.46
CA ARG A 37 -5.99 -7.63 6.67
C ARG A 37 -4.79 -7.60 7.63
N HIS A 38 -4.02 -8.69 7.66
CA HIS A 38 -2.84 -8.79 8.53
C HIS A 38 -1.68 -7.93 8.00
N VAL A 39 -1.56 -7.83 6.68
CA VAL A 39 -0.56 -6.96 6.06
C VAL A 39 -0.74 -5.50 6.53
N GLY A 40 -1.98 -5.01 6.45
CA GLY A 40 -2.30 -3.68 6.95
C GLY A 40 -2.05 -3.52 8.44
N LYS A 41 -2.35 -4.58 9.20
CA LYS A 41 -2.11 -4.60 10.64
C LYS A 41 -0.60 -4.49 10.96
N ALA A 42 0.23 -4.84 9.98
CA ALA A 42 1.69 -4.70 10.11
C ALA A 42 2.18 -3.32 9.67
N LEU A 43 1.70 -2.86 8.51
CA LEU A 43 2.11 -1.55 7.96
C LEU A 43 1.75 -0.40 8.92
N GLY A 44 0.61 -0.50 9.59
CA GLY A 44 0.18 0.52 10.54
C GLY A 44 1.16 0.69 11.72
N ASN A 45 2.07 -0.27 11.88
CA ASN A 45 3.04 -0.25 12.98
C ASN A 45 4.39 0.35 12.53
N LEU A 46 4.49 0.70 11.25
CA LEU A 46 5.73 1.25 10.69
C LEU A 46 5.90 2.74 11.00
N PRO A 47 7.15 3.18 11.23
CA PRO A 47 7.47 4.61 11.41
C PRO A 47 7.53 5.35 10.07
N GLU A 48 6.80 6.46 9.96
CA GLU A 48 6.75 7.23 8.71
C GLU A 48 8.17 7.70 8.31
N GLY A 49 8.58 7.35 7.10
CA GLY A 49 9.93 7.65 6.64
C GLY A 49 10.86 6.44 6.70
N SER A 50 10.32 5.28 7.07
CA SER A 50 11.07 4.03 7.11
C SER A 50 11.59 3.65 5.71
N LYS A 51 12.69 2.90 5.67
CA LYS A 51 13.27 2.44 4.39
C LYS A 51 12.23 1.69 3.55
N LEU A 52 11.33 0.99 4.22
CA LEU A 52 10.20 0.31 3.56
C LEU A 52 9.06 1.32 3.27
N PRO A 53 8.67 1.50 2.00
CA PRO A 53 7.59 2.44 1.63
C PRO A 53 6.19 1.89 1.95
N TRP A 54 5.65 2.27 3.10
CA TRP A 54 4.34 1.80 3.54
C TRP A 54 3.18 2.43 2.73
N PHE A 55 3.32 3.71 2.41
CA PHE A 55 2.24 4.49 1.79
C PHE A 55 1.79 3.97 0.41
N ARG A 56 2.59 3.11 -0.21
CA ARG A 56 2.33 2.67 -1.59
C ARG A 56 1.32 1.51 -1.64
N VAL A 57 0.95 0.96 -0.48
CA VAL A 57 0.00 -0.16 -0.42
C VAL A 57 -1.28 0.23 0.35
N ILE A 58 -2.41 0.29 -0.36
CA ILE A 58 -3.69 0.67 0.23
C ILE A 58 -4.63 -0.54 0.38
N ASN A 59 -5.90 -0.29 0.72
CA ASN A 59 -6.86 -1.37 0.94
C ASN A 59 -7.55 -1.79 -0.36
N SER A 60 -8.15 -2.98 -0.37
CA SER A 60 -8.84 -3.50 -1.56
C SER A 60 -10.13 -2.73 -1.86
N GLN A 61 -10.43 -1.73 -1.04
CA GLN A 61 -11.60 -0.85 -1.26
C GLN A 61 -11.23 0.35 -2.14
N GLY A 62 -9.96 0.46 -2.50
CA GLY A 62 -9.50 1.57 -3.34
C GLY A 62 -9.36 2.88 -2.59
N LYS A 63 -9.07 2.79 -1.29
CA LYS A 63 -8.97 3.96 -0.42
C LYS A 63 -7.73 3.87 0.48
N ILE A 64 -7.38 4.99 1.11
CA ILE A 64 -6.23 5.04 2.02
C ILE A 64 -6.45 4.12 3.25
N SER A 65 -5.39 3.41 3.64
CA SER A 65 -5.48 2.41 4.73
C SER A 65 -5.61 3.07 6.11
N LEU A 66 -4.88 4.16 6.33
CA LEU A 66 -4.93 4.88 7.61
C LEU A 66 -5.90 6.06 7.55
N LYS A 67 -6.35 6.53 8.72
CA LYS A 67 -7.33 7.63 8.79
C LYS A 67 -6.79 8.81 9.61
N GLY A 68 -7.58 9.88 9.72
CA GLY A 68 -7.19 11.06 10.49
C GLY A 68 -6.00 11.80 9.89
N ARG A 69 -4.95 12.00 10.68
CA ARG A 69 -3.76 12.73 10.23
C ARG A 69 -2.91 11.90 9.26
N ASP A 70 -2.74 10.62 9.58
CA ASP A 70 -1.98 9.70 8.73
C ASP A 70 -2.63 9.51 7.35
N LEU A 71 -3.93 9.80 7.26
CA LEU A 71 -4.62 9.80 5.97
C LEU A 71 -3.99 10.84 5.03
N ASP A 72 -3.90 12.08 5.50
CA ASP A 72 -3.29 13.16 4.72
C ASP A 72 -1.77 12.96 4.60
N ARG A 73 -1.15 12.40 5.64
CA ARG A 73 0.29 12.10 5.61
C ARG A 73 0.63 11.09 4.50
N GLN A 74 -0.13 9.99 4.42
CA GLN A 74 0.01 9.03 3.32
C GLN A 74 -0.33 9.71 1.98
N LYS A 75 -1.44 10.44 1.99
CA LYS A 75 -1.89 11.23 0.83
C LYS A 75 -0.75 12.09 0.24
N GLN A 76 -0.05 12.83 1.08
CA GLN A 76 1.07 13.69 0.63
C GLN A 76 2.19 12.86 -0.02
N LYS A 77 2.55 11.74 0.60
CA LYS A 77 3.57 10.85 0.02
C LYS A 77 3.10 10.27 -1.32
N LEU A 78 1.79 10.13 -1.48
CA LEU A 78 1.19 9.70 -2.75
C LEU A 78 1.23 10.84 -3.79
N GLU A 79 0.87 12.04 -3.36
CA GLU A 79 0.93 13.22 -4.22
C GLU A 79 2.35 13.42 -4.77
N ALA A 80 3.35 13.15 -3.93
CA ALA A 80 4.77 13.22 -4.34
C ALA A 80 5.08 12.26 -5.50
N GLU A 81 4.31 11.17 -5.59
CA GLU A 81 4.47 10.20 -6.68
C GLU A 81 3.58 10.55 -7.88
N GLY A 82 2.78 11.61 -7.73
CA GLY A 82 1.83 12.01 -8.77
C GLY A 82 0.53 11.22 -8.73
N ILE A 83 0.00 11.03 -7.52
CA ILE A 83 -1.21 10.23 -7.32
C ILE A 83 -2.40 11.07 -6.79
N GLU A 84 -3.55 10.91 -7.43
CA GLU A 84 -4.79 11.58 -7.02
C GLU A 84 -5.36 11.01 -5.71
N VAL A 85 -5.61 11.88 -4.74
CA VAL A 85 -6.24 11.49 -3.47
C VAL A 85 -7.41 12.42 -3.14
N SER A 86 -8.64 11.94 -3.35
CA SER A 86 -9.84 12.76 -3.10
C SER A 86 -10.23 12.76 -1.60
N GLU A 87 -11.30 13.50 -1.28
CA GLU A 87 -11.67 13.85 0.11
C GLU A 87 -11.52 12.69 1.13
N ILE A 88 -12.12 11.53 0.86
CA ILE A 88 -12.09 10.41 1.82
C ILE A 88 -10.84 9.54 1.64
N GLY A 89 -9.79 10.09 1.03
CA GLY A 89 -8.63 9.30 0.67
C GLY A 89 -8.92 8.38 -0.50
N LYS A 90 -9.63 8.92 -1.49
CA LYS A 90 -10.12 8.14 -2.64
C LYS A 90 -9.09 8.12 -3.79
N ILE A 91 -8.61 6.93 -4.13
CA ILE A 91 -7.64 6.76 -5.23
C ILE A 91 -8.25 5.97 -6.39
N ALA A 92 -8.15 6.49 -7.61
CA ALA A 92 -8.68 5.79 -8.79
C ALA A 92 -7.73 4.68 -9.27
N LEU A 93 -7.95 3.46 -8.78
CA LEU A 93 -7.10 2.31 -9.12
C LEU A 93 -7.10 2.05 -10.63
N ARG A 94 -8.21 2.33 -11.29
CA ARG A 94 -8.34 2.13 -12.74
C ARG A 94 -7.16 2.74 -13.53
N LYS A 95 -6.59 3.83 -13.03
CA LYS A 95 -5.45 4.49 -13.70
C LYS A 95 -4.15 4.43 -12.85
N TYR A 96 -4.27 4.06 -11.57
CA TYR A 96 -3.10 3.96 -10.68
C TYR A 96 -2.76 2.50 -10.35
N LYS A 97 -3.46 1.57 -11.00
CA LYS A 97 -3.23 0.13 -10.81
C LYS A 97 -1.80 -0.27 -11.18
N TRP A 98 -1.14 -1.01 -10.29
CA TRP A 98 0.17 -1.57 -10.60
C TRP A 98 0.03 -2.78 -11.53
N GLN A 99 0.67 -2.69 -12.70
CA GLN A 99 0.65 -3.78 -13.68
C GLN A 99 2.00 -4.52 -13.72
N PRO A 100 2.11 -5.67 -13.01
CA PRO A 100 3.35 -6.46 -12.95
C PRO A 100 3.72 -7.11 -14.28
N LEU A 101 2.73 -7.28 -15.16
CA LEU A 101 2.94 -7.93 -16.46
C LEU A 101 2.35 -7.09 -17.60
N GLU A 102 3.23 -6.49 -18.41
CA GLU A 102 2.80 -5.68 -19.56
C GLU A 102 2.90 -6.47 -20.89
N MET A 1 11.95 -10.15 11.80
CA MET A 1 10.52 -10.14 11.40
C MET A 1 10.08 -11.50 10.83
N ASP A 2 8.79 -11.78 10.93
CA ASP A 2 8.22 -13.07 10.49
C ASP A 2 8.36 -13.28 8.97
N GLN A 3 8.34 -14.55 8.55
CA GLN A 3 8.43 -14.89 7.12
C GLN A 3 7.35 -14.18 6.29
N PHE A 4 6.12 -14.18 6.82
CA PHE A 4 5.01 -13.46 6.21
C PHE A 4 5.38 -12.00 5.95
N LEU A 5 5.95 -11.35 6.96
CA LEU A 5 6.38 -9.95 6.85
C LEU A 5 7.47 -9.80 5.77
N VAL A 6 8.46 -10.69 5.79
CA VAL A 6 9.54 -10.69 4.81
C VAL A 6 8.99 -10.81 3.38
N GLN A 7 8.00 -11.70 3.20
CA GLN A 7 7.40 -11.94 1.89
C GLN A 7 6.61 -10.71 1.37
N ILE A 8 5.68 -10.19 2.18
CA ILE A 8 4.88 -9.04 1.77
C ILE A 8 5.75 -7.80 1.52
N PHE A 9 6.71 -7.55 2.40
CA PHE A 9 7.63 -6.42 2.23
C PHE A 9 8.46 -6.55 0.95
N ALA A 10 8.93 -7.76 0.66
CA ALA A 10 9.69 -8.03 -0.57
C ALA A 10 8.87 -7.64 -1.83
N VAL A 11 7.56 -7.86 -1.78
CA VAL A 11 6.67 -7.47 -2.87
C VAL A 11 6.52 -5.95 -2.96
N ILE A 12 6.34 -5.30 -1.80
CA ILE A 12 6.16 -3.84 -1.74
C ILE A 12 7.40 -3.08 -2.28
N HIS A 13 8.59 -3.57 -1.95
CA HIS A 13 9.84 -2.96 -2.47
C HIS A 13 9.95 -3.06 -4.00
N GLN A 14 9.11 -3.88 -4.62
CA GLN A 14 9.14 -4.08 -6.07
C GLN A 14 8.10 -3.23 -6.83
N ILE A 15 7.28 -2.48 -6.09
CA ILE A 15 6.24 -1.66 -6.72
C ILE A 15 6.83 -0.37 -7.34
N PRO A 16 6.76 -0.23 -8.69
CA PRO A 16 7.29 0.94 -9.41
C PRO A 16 6.82 2.31 -8.88
N LYS A 17 7.69 3.31 -9.01
CA LYS A 17 7.41 4.67 -8.54
C LYS A 17 6.12 5.24 -9.16
N GLY A 18 5.19 5.66 -8.31
CA GLY A 18 3.94 6.26 -8.79
C GLY A 18 2.74 5.30 -8.82
N LYS A 19 2.98 4.00 -8.62
CA LYS A 19 1.88 3.01 -8.62
C LYS A 19 1.51 2.55 -7.21
N VAL A 20 0.33 1.94 -7.10
CA VAL A 20 -0.16 1.40 -5.83
C VAL A 20 -0.67 -0.04 -5.99
N SER A 21 -0.96 -0.70 -4.87
CA SER A 21 -1.47 -2.08 -4.88
C SER A 21 -2.44 -2.32 -3.70
N THR A 22 -3.09 -3.48 -3.68
CA THR A 22 -4.04 -3.79 -2.60
C THR A 22 -3.47 -4.84 -1.63
N TYR A 23 -4.01 -4.87 -0.41
CA TYR A 23 -3.61 -5.87 0.60
C TYR A 23 -3.75 -7.30 0.04
N GLY A 24 -4.84 -7.54 -0.69
CA GLY A 24 -5.08 -8.84 -1.29
C GLY A 24 -3.98 -9.25 -2.27
N GLU A 25 -3.70 -8.39 -3.25
CA GLU A 25 -2.69 -8.69 -4.27
C GLU A 25 -1.30 -8.94 -3.65
N ILE A 26 -0.85 -8.01 -2.80
CA ILE A 26 0.45 -8.13 -2.13
C ILE A 26 0.58 -9.49 -1.42
N ALA A 27 -0.45 -9.86 -0.68
CA ALA A 27 -0.47 -11.14 0.04
C ALA A 27 -0.41 -12.35 -0.92
N LYS A 28 -1.05 -12.21 -2.09
CA LYS A 28 -1.06 -13.28 -3.11
C LYS A 28 0.36 -13.61 -3.60
N MET A 29 1.08 -12.60 -4.11
CA MET A 29 2.46 -12.81 -4.56
C MET A 29 3.39 -13.16 -3.38
N ALA A 30 3.00 -12.76 -2.17
CA ALA A 30 3.73 -13.12 -0.95
C ALA A 30 3.56 -14.62 -0.61
N GLY A 31 2.41 -15.18 -0.99
CA GLY A 31 2.12 -16.59 -0.71
C GLY A 31 1.22 -16.80 0.49
N TYR A 32 0.62 -15.72 0.99
CA TYR A 32 -0.27 -15.78 2.15
C TYR A 32 -1.52 -14.89 1.94
N PRO A 33 -2.35 -15.18 0.93
CA PRO A 33 -3.49 -14.32 0.54
C PRO A 33 -4.56 -14.18 1.64
N GLY A 34 -4.66 -15.19 2.51
CA GLY A 34 -5.66 -15.16 3.58
C GLY A 34 -5.33 -14.14 4.68
N TYR A 35 -4.07 -13.74 4.76
CA TYR A 35 -3.60 -12.82 5.81
C TYR A 35 -3.67 -11.34 5.37
N ALA A 36 -4.63 -11.02 4.49
CA ALA A 36 -4.80 -9.67 3.98
C ALA A 36 -4.87 -8.61 5.10
N ARG A 37 -5.56 -8.93 6.19
CA ARG A 37 -5.67 -8.00 7.33
C ARG A 37 -4.31 -7.81 8.03
N HIS A 38 -3.53 -8.88 8.09
CA HIS A 38 -2.22 -8.85 8.77
C HIS A 38 -1.21 -8.02 7.99
N VAL A 39 -1.37 -7.94 6.66
CA VAL A 39 -0.55 -7.05 5.84
C VAL A 39 -0.68 -5.60 6.34
N GLY A 40 -1.93 -5.17 6.56
CA GLY A 40 -2.20 -3.85 7.13
C GLY A 40 -1.68 -3.71 8.55
N LYS A 41 -1.81 -4.79 9.32
CA LYS A 41 -1.29 -4.84 10.70
C LYS A 41 0.23 -4.56 10.72
N ALA A 42 0.92 -5.04 9.69
CA ALA A 42 2.37 -4.80 9.55
C ALA A 42 2.66 -3.34 9.16
N LEU A 43 1.98 -2.85 8.13
CA LEU A 43 2.18 -1.47 7.64
C LEU A 43 1.86 -0.43 8.71
N GLY A 44 0.84 -0.72 9.54
CA GLY A 44 0.48 0.19 10.63
C GLY A 44 1.59 0.40 11.66
N ASN A 45 2.61 -0.46 11.62
CA ASN A 45 3.75 -0.35 12.55
C ASN A 45 4.92 0.44 11.91
N LEU A 46 4.86 0.63 10.60
CA LEU A 46 5.96 1.26 9.85
C LEU A 46 5.88 2.81 9.91
N PRO A 47 7.04 3.47 10.07
CA PRO A 47 7.13 4.94 10.04
C PRO A 47 7.25 5.50 8.62
N GLU A 48 7.10 6.82 8.48
CA GLU A 48 7.21 7.47 7.16
C GLU A 48 8.67 7.70 6.76
N GLY A 49 9.58 7.54 7.73
CA GLY A 49 11.01 7.59 7.44
C GLY A 49 11.60 6.21 7.16
N SER A 50 11.24 5.63 6.02
CA SER A 50 11.70 4.29 5.65
C SER A 50 11.75 4.11 4.13
N LYS A 51 12.57 3.16 3.66
CA LYS A 51 12.67 2.86 2.22
C LYS A 51 11.35 2.29 1.70
N LEU A 52 10.79 1.34 2.44
CA LEU A 52 9.56 0.66 2.03
C LEU A 52 8.37 1.64 2.01
N PRO A 53 7.70 1.78 0.86
CA PRO A 53 6.55 2.66 0.75
C PRO A 53 5.23 1.95 1.13
N TRP A 54 4.83 2.12 2.39
CA TRP A 54 3.60 1.50 2.91
C TRP A 54 2.34 2.15 2.32
N PHE A 55 2.46 3.43 1.98
CA PHE A 55 1.34 4.20 1.42
C PHE A 55 0.83 3.64 0.08
N ARG A 56 1.57 2.72 -0.52
CA ARG A 56 1.16 2.11 -1.80
C ARG A 56 0.09 1.02 -1.60
N VAL A 57 0.13 0.32 -0.46
CA VAL A 57 -0.76 -0.82 -0.23
C VAL A 57 -2.06 -0.42 0.48
N ILE A 58 -3.14 -0.35 -0.29
CA ILE A 58 -4.44 0.10 0.22
C ILE A 58 -5.54 -0.97 0.06
N ASN A 59 -6.78 -0.61 0.39
CA ASN A 59 -7.92 -1.53 0.26
C ASN A 59 -8.38 -1.66 -1.20
N SER A 60 -9.08 -2.77 -1.51
CA SER A 60 -9.55 -3.05 -2.89
C SER A 60 -10.44 -1.93 -3.45
N GLN A 61 -11.20 -1.26 -2.58
CA GLN A 61 -12.04 -0.12 -2.99
C GLN A 61 -11.19 1.10 -3.41
N GLY A 62 -9.89 1.03 -3.16
CA GLY A 62 -9.00 2.14 -3.48
C GLY A 62 -9.17 3.35 -2.57
N LYS A 63 -8.67 3.24 -1.34
CA LYS A 63 -8.78 4.33 -0.37
C LYS A 63 -7.62 4.32 0.63
N ILE A 64 -7.32 5.47 1.23
CA ILE A 64 -6.29 5.59 2.26
C ILE A 64 -6.63 4.73 3.49
N SER A 65 -5.66 3.92 3.94
CA SER A 65 -5.87 3.03 5.08
C SER A 65 -5.94 3.81 6.40
N LEU A 66 -5.05 4.77 6.55
CA LEU A 66 -5.03 5.62 7.74
C LEU A 66 -6.14 6.68 7.70
N LYS A 67 -6.40 7.33 8.83
CA LYS A 67 -7.44 8.36 8.91
C LYS A 67 -7.13 9.40 9.99
N GLY A 68 -7.98 10.42 10.11
CA GLY A 68 -7.71 11.52 11.01
C GLY A 68 -6.60 12.43 10.49
N ARG A 69 -5.56 12.65 11.30
CA ARG A 69 -4.39 13.41 10.87
C ARG A 69 -3.53 12.57 9.90
N ASP A 70 -3.43 11.28 10.18
CA ASP A 70 -2.63 10.34 9.38
C ASP A 70 -3.20 10.16 7.95
N LEU A 71 -4.45 10.58 7.75
CA LEU A 71 -5.06 10.55 6.41
C LEU A 71 -4.28 11.47 5.47
N ASP A 72 -4.12 12.72 5.87
CA ASP A 72 -3.35 13.69 5.09
C ASP A 72 -1.88 13.29 5.02
N ARG A 73 -1.38 12.70 6.10
CA ARG A 73 -0.02 12.14 6.14
C ARG A 73 0.24 11.19 4.96
N GLN A 74 -0.56 10.12 4.85
CA GLN A 74 -0.44 9.18 3.74
C GLN A 74 -0.71 9.86 2.41
N LYS A 75 -1.71 10.74 2.39
CA LYS A 75 -2.09 11.49 1.18
C LYS A 75 -0.90 12.31 0.66
N GLN A 76 -0.20 13.02 1.55
CA GLN A 76 0.95 13.85 1.15
C GLN A 76 2.06 13.00 0.52
N LYS A 77 2.27 11.80 1.05
CA LYS A 77 3.21 10.85 0.45
C LYS A 77 2.76 10.42 -0.96
N LEU A 78 1.46 10.16 -1.11
CA LEU A 78 0.87 9.81 -2.40
C LEU A 78 0.95 11.00 -3.38
N GLU A 79 0.72 12.20 -2.88
CA GLU A 79 0.83 13.43 -3.68
C GLU A 79 2.25 13.59 -4.23
N ALA A 80 3.24 13.17 -3.44
CA ALA A 80 4.64 13.18 -3.89
C ALA A 80 4.84 12.19 -5.05
N GLU A 81 4.09 11.09 -5.03
CA GLU A 81 4.11 10.11 -6.12
C GLU A 81 3.40 10.65 -7.37
N GLY A 82 2.75 11.80 -7.23
CA GLY A 82 1.95 12.36 -8.32
C GLY A 82 0.58 11.68 -8.44
N ILE A 83 0.10 11.12 -7.33
CA ILE A 83 -1.16 10.40 -7.30
C ILE A 83 -2.35 11.32 -7.00
N GLU A 84 -3.36 11.26 -7.87
CA GLU A 84 -4.62 11.99 -7.66
C GLU A 84 -5.41 11.40 -6.48
N VAL A 85 -5.21 11.94 -5.28
CA VAL A 85 -5.94 11.49 -4.10
C VAL A 85 -7.13 12.41 -3.79
N SER A 86 -8.35 11.88 -3.91
CA SER A 86 -9.56 12.65 -3.58
C SER A 86 -9.61 12.99 -2.09
N GLU A 87 -10.22 14.14 -1.75
CA GLU A 87 -10.16 14.71 -0.38
C GLU A 87 -10.51 13.70 0.72
N ILE A 88 -11.52 12.86 0.49
CA ILE A 88 -11.94 11.86 1.49
C ILE A 88 -10.94 10.70 1.60
N GLY A 89 -9.78 10.85 0.96
CA GLY A 89 -8.78 9.79 0.94
C GLY A 89 -9.05 8.73 -0.12
N LYS A 90 -9.79 9.10 -1.16
CA LYS A 90 -10.21 8.13 -2.18
C LYS A 90 -9.21 8.08 -3.35
N ILE A 91 -8.74 6.88 -3.68
CA ILE A 91 -7.81 6.66 -4.79
C ILE A 91 -8.46 5.81 -5.89
N ALA A 92 -8.21 6.16 -7.15
CA ALA A 92 -8.72 5.38 -8.28
C ALA A 92 -7.70 4.33 -8.76
N LEU A 93 -7.86 3.09 -8.27
CA LEU A 93 -7.00 1.98 -8.70
C LEU A 93 -7.05 1.79 -10.22
N ARG A 94 -8.22 2.05 -10.81
CA ARG A 94 -8.42 1.91 -12.26
C ARG A 94 -7.35 2.64 -13.09
N LYS A 95 -6.70 3.64 -12.50
CA LYS A 95 -5.61 4.37 -13.19
C LYS A 95 -4.24 4.12 -12.52
N TYR A 96 -4.20 4.07 -11.18
CA TYR A 96 -2.93 3.96 -10.44
C TYR A 96 -2.57 2.53 -10.02
N LYS A 97 -3.31 1.53 -10.51
CA LYS A 97 -3.01 0.13 -10.17
C LYS A 97 -1.66 -0.32 -10.76
N TRP A 98 -0.91 -1.07 -9.97
CA TRP A 98 0.38 -1.60 -10.40
C TRP A 98 0.23 -2.71 -11.45
N GLN A 99 1.11 -2.70 -12.45
CA GLN A 99 1.18 -3.76 -13.46
C GLN A 99 2.32 -4.76 -13.13
N PRO A 100 1.99 -5.92 -12.51
CA PRO A 100 3.00 -6.95 -12.17
C PRO A 100 3.52 -7.74 -13.38
N LEU A 101 2.80 -7.68 -14.51
CA LEU A 101 3.18 -8.44 -15.71
C LEU A 101 3.10 -7.56 -16.96
N GLU A 102 4.12 -7.65 -17.82
CA GLU A 102 4.19 -6.85 -19.05
C GLU A 102 3.96 -7.71 -20.32
N MET A 1 13.52 -11.68 10.31
CA MET A 1 12.15 -11.92 10.86
C MET A 1 11.42 -13.01 10.06
N ASP A 2 10.18 -13.30 10.44
CA ASP A 2 9.38 -14.36 9.79
C ASP A 2 9.28 -14.19 8.27
N GLN A 3 9.31 -15.32 7.56
CA GLN A 3 9.27 -15.35 6.10
C GLN A 3 8.11 -14.51 5.53
N PHE A 4 6.93 -14.64 6.15
CA PHE A 4 5.76 -13.86 5.75
C PHE A 4 6.09 -12.36 5.60
N LEU A 5 6.70 -11.79 6.64
CA LEU A 5 7.09 -10.38 6.64
C LEU A 5 8.11 -10.09 5.52
N VAL A 6 9.11 -10.97 5.40
CA VAL A 6 10.15 -10.82 4.38
C VAL A 6 9.54 -10.79 2.96
N GLN A 7 8.56 -11.67 2.72
CA GLN A 7 7.92 -11.78 1.40
C GLN A 7 7.09 -10.52 1.07
N ILE A 8 6.10 -10.21 1.90
CA ILE A 8 5.20 -9.07 1.64
C ILE A 8 5.99 -7.75 1.50
N PHE A 9 7.01 -7.54 2.35
CA PHE A 9 7.84 -6.35 2.26
C PHE A 9 8.59 -6.28 0.93
N ALA A 10 9.18 -7.40 0.52
CA ALA A 10 9.92 -7.48 -0.75
C ALA A 10 9.04 -7.10 -1.94
N VAL A 11 7.79 -7.54 -1.91
CA VAL A 11 6.82 -7.20 -2.97
C VAL A 11 6.52 -5.69 -2.99
N ILE A 12 6.34 -5.10 -1.81
CA ILE A 12 6.03 -3.67 -1.70
C ILE A 12 7.21 -2.79 -2.19
N HIS A 13 8.45 -3.25 -2.00
CA HIS A 13 9.61 -2.55 -2.54
C HIS A 13 9.61 -2.53 -4.08
N GLN A 14 8.88 -3.47 -4.69
CA GLN A 14 8.84 -3.61 -6.15
C GLN A 14 7.79 -2.69 -6.80
N ILE A 15 6.99 -2.01 -5.99
CA ILE A 15 5.96 -1.08 -6.50
C ILE A 15 6.62 0.07 -7.31
N PRO A 16 6.16 0.31 -8.56
CA PRO A 16 6.69 1.40 -9.39
C PRO A 16 6.36 2.80 -8.84
N LYS A 17 7.24 3.77 -9.11
CA LYS A 17 7.07 5.14 -8.60
C LYS A 17 5.87 5.84 -9.26
N GLY A 18 4.68 5.70 -8.66
CA GLY A 18 3.49 6.36 -9.20
C GLY A 18 2.25 5.47 -9.25
N LYS A 19 2.38 4.20 -8.84
CA LYS A 19 1.24 3.27 -8.79
C LYS A 19 1.01 2.73 -7.38
N VAL A 20 -0.17 2.15 -7.14
CA VAL A 20 -0.54 1.59 -5.84
C VAL A 20 -1.08 0.17 -5.96
N SER A 21 -1.36 -0.46 -4.82
CA SER A 21 -1.95 -1.81 -4.79
C SER A 21 -2.78 -2.03 -3.52
N THR A 22 -3.36 -3.22 -3.38
CA THR A 22 -4.25 -3.54 -2.25
C THR A 22 -3.63 -4.59 -1.31
N TYR A 23 -4.04 -4.55 -0.05
CA TYR A 23 -3.57 -5.52 0.97
C TYR A 23 -3.74 -6.97 0.49
N GLY A 24 -4.88 -7.24 -0.16
CA GLY A 24 -5.17 -8.57 -0.69
C GLY A 24 -4.15 -9.04 -1.73
N GLU A 25 -3.84 -8.17 -2.70
CA GLU A 25 -2.86 -8.50 -3.74
C GLU A 25 -1.46 -8.70 -3.15
N ILE A 26 -1.04 -7.79 -2.27
CA ILE A 26 0.26 -7.88 -1.61
C ILE A 26 0.44 -9.24 -0.91
N ALA A 27 -0.58 -9.64 -0.14
CA ALA A 27 -0.56 -10.94 0.54
C ALA A 27 -0.45 -12.12 -0.45
N LYS A 28 -1.32 -12.13 -1.46
CA LYS A 28 -1.34 -13.23 -2.43
C LYS A 28 -0.03 -13.31 -3.24
N MET A 29 0.43 -12.17 -3.75
CA MET A 29 1.67 -12.12 -4.56
C MET A 29 2.89 -12.56 -3.74
N ALA A 30 2.83 -12.37 -2.43
CA ALA A 30 3.89 -12.81 -1.53
C ALA A 30 3.82 -14.33 -1.29
N GLY A 31 2.68 -14.93 -1.64
CA GLY A 31 2.50 -16.37 -1.46
C GLY A 31 1.65 -16.71 -0.22
N TYR A 32 0.96 -15.71 0.32
CA TYR A 32 0.12 -15.90 1.52
C TYR A 32 -1.26 -15.23 1.35
N PRO A 33 -2.14 -15.77 0.47
CA PRO A 33 -3.48 -15.20 0.25
C PRO A 33 -4.38 -15.31 1.50
N GLY A 34 -5.13 -14.25 1.78
CA GLY A 34 -6.02 -14.21 2.93
C GLY A 34 -5.43 -13.49 4.13
N TYR A 35 -4.11 -13.41 4.20
CA TYR A 35 -3.40 -12.76 5.33
C TYR A 35 -3.34 -11.22 5.17
N ALA A 36 -4.26 -10.66 4.39
CA ALA A 36 -4.30 -9.22 4.15
C ALA A 36 -4.33 -8.40 5.45
N ARG A 37 -5.06 -8.90 6.47
CA ARG A 37 -5.16 -8.22 7.76
C ARG A 37 -3.82 -8.22 8.51
N HIS A 38 -3.07 -9.33 8.38
CA HIS A 38 -1.73 -9.43 8.95
C HIS A 38 -0.77 -8.44 8.28
N VAL A 39 -0.88 -8.33 6.95
CA VAL A 39 -0.12 -7.32 6.20
C VAL A 39 -0.44 -5.90 6.71
N GLY A 40 -1.73 -5.65 7.00
CA GLY A 40 -2.15 -4.38 7.57
C GLY A 40 -1.38 -4.01 8.84
N LYS A 41 -1.24 -4.96 9.76
CA LYS A 41 -0.44 -4.75 10.98
C LYS A 41 1.03 -4.48 10.65
N ALA A 42 1.61 -5.31 9.79
CA ALA A 42 3.02 -5.17 9.40
C ALA A 42 3.33 -3.76 8.88
N LEU A 43 2.35 -3.16 8.20
CA LEU A 43 2.49 -1.79 7.68
C LEU A 43 2.12 -0.74 8.74
N GLY A 44 1.10 -1.03 9.54
CA GLY A 44 0.68 -0.11 10.60
C GLY A 44 1.75 0.10 11.67
N ASN A 45 2.69 -0.83 11.76
CA ASN A 45 3.81 -0.73 12.70
C ASN A 45 4.95 0.15 12.15
N LEU A 46 4.78 0.70 10.95
CA LEU A 46 5.82 1.52 10.31
C LEU A 46 5.57 3.02 10.53
N PRO A 47 6.64 3.80 10.80
CA PRO A 47 6.54 5.26 11.01
C PRO A 47 6.53 6.07 9.70
N GLU A 48 6.43 7.40 9.84
CA GLU A 48 6.40 8.31 8.67
C GLU A 48 7.73 8.33 7.90
N GLY A 49 8.80 7.84 8.53
CA GLY A 49 10.11 7.82 7.89
C GLY A 49 10.65 6.41 7.67
N SER A 50 9.77 5.49 7.25
CA SER A 50 10.19 4.11 6.93
C SER A 50 10.73 4.01 5.50
N LYS A 51 11.68 3.10 5.27
CA LYS A 51 12.22 2.88 3.93
C LYS A 51 11.23 2.06 3.09
N LEU A 52 10.37 1.30 3.76
CA LEU A 52 9.33 0.52 3.11
C LEU A 52 8.08 1.38 2.90
N PRO A 53 7.69 1.67 1.64
CA PRO A 53 6.53 2.50 1.37
C PRO A 53 5.20 1.79 1.67
N TRP A 54 4.70 1.99 2.89
CA TRP A 54 3.41 1.41 3.31
C TRP A 54 2.23 2.21 2.74
N PHE A 55 2.45 3.50 2.56
CA PHE A 55 1.42 4.42 2.05
C PHE A 55 0.90 4.02 0.64
N ARG A 56 1.64 3.17 -0.06
CA ARG A 56 1.26 2.73 -1.42
C ARG A 56 0.17 1.65 -1.39
N VAL A 57 -0.17 1.16 -0.20
CA VAL A 57 -1.14 0.06 -0.08
C VAL A 57 -2.47 0.53 0.54
N ILE A 58 -3.55 0.39 -0.23
CA ILE A 58 -4.90 0.77 0.24
C ILE A 58 -5.88 -0.43 0.14
N ASN A 59 -7.13 -0.22 0.53
CA ASN A 59 -8.14 -1.29 0.43
C ASN A 59 -8.78 -1.34 -0.96
N SER A 60 -9.37 -2.49 -1.32
CA SER A 60 -9.92 -2.72 -2.66
C SER A 60 -10.99 -1.68 -3.05
N GLN A 61 -11.53 -0.99 -2.04
CA GLN A 61 -12.56 0.04 -2.28
C GLN A 61 -11.97 1.31 -2.94
N GLY A 62 -10.64 1.37 -3.05
CA GLY A 62 -9.98 2.51 -3.68
C GLY A 62 -9.88 3.75 -2.80
N LYS A 63 -9.57 3.55 -1.52
CA LYS A 63 -9.48 4.67 -0.56
C LYS A 63 -8.47 4.38 0.56
N ILE A 64 -7.92 5.45 1.15
CA ILE A 64 -7.04 5.35 2.31
C ILE A 64 -7.84 4.91 3.55
N SER A 65 -7.36 3.86 4.24
CA SER A 65 -8.10 3.25 5.37
C SER A 65 -7.74 3.88 6.73
N LEU A 66 -7.03 5.00 6.71
CA LEU A 66 -6.62 5.70 7.94
C LEU A 66 -7.58 6.85 8.29
N LYS A 67 -7.53 7.29 9.55
CA LYS A 67 -8.34 8.43 10.00
C LYS A 67 -7.79 9.76 9.47
N GLY A 68 -8.65 10.78 9.37
CA GLY A 68 -8.31 12.06 8.72
C GLY A 68 -6.84 12.50 8.86
N ARG A 69 -6.35 12.62 10.10
CA ARG A 69 -4.97 13.03 10.36
C ARG A 69 -3.95 12.08 9.68
N ASP A 70 -4.07 10.78 9.98
CA ASP A 70 -3.20 9.76 9.40
C ASP A 70 -3.47 9.58 7.88
N LEU A 71 -4.67 9.98 7.46
CA LEU A 71 -5.08 9.90 6.06
C LEU A 71 -4.32 10.93 5.22
N ASP A 72 -4.32 12.18 5.67
CA ASP A 72 -3.55 13.24 5.01
C ASP A 72 -2.04 12.92 5.02
N ARG A 73 -1.59 12.22 6.06
CA ARG A 73 -0.21 11.72 6.12
C ARG A 73 0.09 10.82 4.90
N GLN A 74 -0.72 9.78 4.72
CA GLN A 74 -0.57 8.87 3.58
C GLN A 74 -0.77 9.62 2.25
N LYS A 75 -1.74 10.54 2.25
CA LYS A 75 -2.03 11.39 1.09
C LYS A 75 -0.78 12.15 0.62
N GLN A 76 -0.16 12.93 1.50
CA GLN A 76 1.03 13.72 1.17
C GLN A 76 2.15 12.84 0.59
N LYS A 77 2.38 11.68 1.21
CA LYS A 77 3.37 10.73 0.74
C LYS A 77 3.09 10.30 -0.71
N LEU A 78 1.84 9.91 -0.98
CA LEU A 78 1.42 9.50 -2.32
C LEU A 78 1.58 10.63 -3.34
N GLU A 79 1.23 11.85 -2.93
CA GLU A 79 1.42 13.02 -3.78
C GLU A 79 2.90 13.17 -4.18
N ALA A 80 3.79 12.91 -3.23
CA ALA A 80 5.24 12.95 -3.49
C ALA A 80 5.67 11.88 -4.50
N GLU A 81 4.93 10.77 -4.51
CA GLU A 81 5.18 9.69 -5.49
C GLU A 81 4.68 10.08 -6.89
N GLY A 82 3.93 11.18 -6.98
CA GLY A 82 3.35 11.62 -8.24
C GLY A 82 1.93 11.11 -8.44
N ILE A 83 1.26 10.77 -7.33
CA ILE A 83 -0.10 10.21 -7.36
C ILE A 83 -1.17 11.27 -7.02
N GLU A 84 -2.22 11.31 -7.83
CA GLU A 84 -3.35 12.21 -7.60
C GLU A 84 -4.34 11.62 -6.60
N VAL A 85 -4.33 12.13 -5.37
CA VAL A 85 -5.24 11.65 -4.33
C VAL A 85 -6.49 12.52 -4.22
N SER A 86 -7.66 11.93 -4.46
CA SER A 86 -8.94 12.65 -4.36
C SER A 86 -9.18 13.12 -2.92
N GLU A 87 -9.92 14.22 -2.77
CA GLU A 87 -10.05 14.94 -1.48
C GLU A 87 -10.18 14.01 -0.25
N ILE A 88 -11.14 13.07 -0.28
CA ILE A 88 -11.40 12.19 0.87
C ILE A 88 -10.38 11.04 0.98
N GLY A 89 -9.25 11.17 0.30
CA GLY A 89 -8.24 10.11 0.30
C GLY A 89 -8.60 8.96 -0.63
N LYS A 90 -9.21 9.28 -1.77
CA LYS A 90 -9.67 8.26 -2.72
C LYS A 90 -8.72 8.12 -3.93
N ILE A 91 -8.41 6.87 -4.29
CA ILE A 91 -7.53 6.60 -5.43
C ILE A 91 -8.23 5.68 -6.46
N ALA A 92 -8.42 6.18 -7.67
CA ALA A 92 -9.03 5.38 -8.75
C ALA A 92 -8.11 4.23 -9.18
N LEU A 93 -8.33 3.04 -8.60
CA LEU A 93 -7.53 1.86 -8.92
C LEU A 93 -7.56 1.54 -10.43
N ARG A 94 -8.68 1.83 -11.08
CA ARG A 94 -8.83 1.59 -12.53
C ARG A 94 -7.68 2.23 -13.35
N LYS A 95 -7.06 3.28 -12.81
CA LYS A 95 -5.93 3.92 -13.50
C LYS A 95 -4.61 3.72 -12.72
N TYR A 96 -4.66 3.79 -11.39
CA TYR A 96 -3.46 3.64 -10.55
C TYR A 96 -3.15 2.17 -10.22
N LYS A 97 -3.79 1.25 -10.94
CA LYS A 97 -3.53 -0.18 -10.82
C LYS A 97 -2.08 -0.55 -11.20
N TRP A 98 -1.43 -1.36 -10.38
CA TRP A 98 -0.18 -2.01 -10.78
C TRP A 98 -0.37 -3.53 -10.88
N GLN A 99 0.09 -4.10 -11.99
CA GLN A 99 0.01 -5.53 -12.21
C GLN A 99 1.41 -6.12 -12.52
N PRO A 100 1.91 -7.04 -11.68
CA PRO A 100 3.26 -7.64 -11.83
C PRO A 100 3.39 -8.63 -13.00
N LEU A 101 2.68 -8.38 -14.11
CA LEU A 101 2.77 -9.25 -15.29
C LEU A 101 2.65 -8.45 -16.60
N GLU A 102 3.62 -8.64 -17.50
CA GLU A 102 3.63 -7.99 -18.81
C GLU A 102 3.29 -9.00 -19.92
N MET A 1 13.66 -11.62 11.52
CA MET A 1 12.48 -11.11 10.78
C MET A 1 11.60 -12.27 10.27
N ASP A 2 10.32 -12.25 10.65
CA ASP A 2 9.39 -13.35 10.32
C ASP A 2 9.14 -13.44 8.80
N GLN A 3 9.09 -14.68 8.28
CA GLN A 3 8.92 -14.92 6.84
C GLN A 3 7.63 -14.32 6.28
N PHE A 4 6.58 -14.19 7.10
CA PHE A 4 5.35 -13.53 6.68
C PHE A 4 5.66 -12.08 6.26
N LEU A 5 6.39 -11.37 7.11
CA LEU A 5 6.80 -9.99 6.84
C LEU A 5 7.81 -9.94 5.69
N VAL A 6 8.74 -10.90 5.67
CA VAL A 6 9.75 -10.99 4.62
C VAL A 6 9.12 -11.05 3.22
N GLN A 7 8.18 -11.99 3.03
CA GLN A 7 7.53 -12.18 1.73
C GLN A 7 6.71 -10.95 1.30
N ILE A 8 5.80 -10.50 2.15
CA ILE A 8 4.91 -9.37 1.81
C ILE A 8 5.71 -8.08 1.53
N PHE A 9 6.69 -7.78 2.38
CA PHE A 9 7.51 -6.58 2.20
C PHE A 9 8.35 -6.66 0.91
N ALA A 10 8.85 -7.85 0.60
CA ALA A 10 9.59 -8.07 -0.65
C ALA A 10 8.75 -7.68 -1.88
N VAL A 11 7.46 -8.01 -1.86
CA VAL A 11 6.54 -7.64 -2.93
C VAL A 11 6.31 -6.11 -2.98
N ILE A 12 6.21 -5.50 -1.80
CA ILE A 12 5.98 -4.04 -1.70
C ILE A 12 7.21 -3.24 -2.17
N HIS A 13 8.41 -3.81 -2.00
CA HIS A 13 9.64 -3.18 -2.54
C HIS A 13 9.63 -3.15 -4.07
N GLN A 14 8.67 -3.84 -4.69
CA GLN A 14 8.57 -3.91 -6.15
C GLN A 14 7.65 -2.82 -6.72
N ILE A 15 6.99 -2.05 -5.86
CA ILE A 15 6.08 -0.99 -6.32
C ILE A 15 6.85 0.15 -7.04
N PRO A 16 6.42 0.53 -8.27
CA PRO A 16 7.09 1.60 -9.03
C PRO A 16 6.66 3.01 -8.58
N LYS A 17 7.52 4.00 -8.88
CA LYS A 17 7.27 5.39 -8.49
C LYS A 17 6.06 5.97 -9.25
N GLY A 18 4.89 6.01 -8.60
CA GLY A 18 3.71 6.63 -9.20
C GLY A 18 2.47 5.73 -9.22
N LYS A 19 2.60 4.48 -8.77
CA LYS A 19 1.46 3.55 -8.74
C LYS A 19 1.25 2.96 -7.33
N VAL A 20 0.03 2.50 -7.05
CA VAL A 20 -0.31 1.91 -5.75
C VAL A 20 -0.71 0.42 -5.88
N SER A 21 -0.95 -0.22 -4.75
CA SER A 21 -1.33 -1.64 -4.73
C SER A 21 -2.33 -1.93 -3.59
N THR A 22 -2.83 -3.17 -3.53
CA THR A 22 -3.80 -3.57 -2.51
C THR A 22 -3.21 -4.63 -1.56
N TYR A 23 -3.73 -4.66 -0.32
CA TYR A 23 -3.28 -5.66 0.66
C TYR A 23 -3.44 -7.09 0.15
N GLY A 24 -4.57 -7.35 -0.52
CA GLY A 24 -4.82 -8.66 -1.10
C GLY A 24 -3.84 -9.02 -2.21
N GLU A 25 -3.52 -8.04 -3.06
CA GLU A 25 -2.57 -8.25 -4.17
C GLU A 25 -1.19 -8.67 -3.63
N ILE A 26 -0.67 -7.90 -2.69
CA ILE A 26 0.62 -8.17 -2.05
C ILE A 26 0.62 -9.54 -1.34
N ALA A 27 -0.36 -9.74 -0.47
CA ALA A 27 -0.49 -10.99 0.30
C ALA A 27 -0.60 -12.22 -0.62
N LYS A 28 -1.40 -12.10 -1.68
CA LYS A 28 -1.58 -13.18 -2.66
C LYS A 28 -0.25 -13.68 -3.21
N MET A 29 0.52 -12.77 -3.81
CA MET A 29 1.81 -13.11 -4.42
C MET A 29 2.87 -13.46 -3.36
N ALA A 30 2.62 -13.06 -2.12
CA ALA A 30 3.49 -13.45 -0.99
C ALA A 30 3.22 -14.89 -0.53
N GLY A 31 2.07 -15.43 -0.93
CA GLY A 31 1.70 -16.80 -0.55
C GLY A 31 0.64 -16.86 0.54
N TYR A 32 0.17 -15.69 0.99
CA TYR A 32 -0.82 -15.60 2.07
C TYR A 32 -2.09 -14.86 1.61
N PRO A 33 -2.92 -15.46 0.74
CA PRO A 33 -4.04 -14.78 0.08
C PRO A 33 -5.05 -14.15 1.06
N GLY A 34 -5.48 -14.92 2.07
CA GLY A 34 -6.50 -14.44 3.01
C GLY A 34 -5.94 -13.75 4.24
N TYR A 35 -4.64 -13.45 4.24
CA TYR A 35 -3.99 -12.82 5.40
C TYR A 35 -3.76 -11.31 5.19
N ALA A 36 -4.46 -10.73 4.21
CA ALA A 36 -4.35 -9.29 3.91
C ALA A 36 -4.57 -8.42 5.15
N ARG A 37 -5.42 -8.89 6.05
CA ARG A 37 -5.70 -8.20 7.32
C ARG A 37 -4.42 -8.04 8.17
N HIS A 38 -3.58 -9.09 8.17
CA HIS A 38 -2.30 -9.07 8.90
C HIS A 38 -1.28 -8.19 8.19
N VAL A 39 -1.31 -8.19 6.85
CA VAL A 39 -0.45 -7.30 6.06
C VAL A 39 -0.69 -5.83 6.43
N GLY A 40 -1.96 -5.46 6.60
CA GLY A 40 -2.30 -4.12 7.08
C GLY A 40 -1.71 -3.83 8.46
N LYS A 41 -1.81 -4.80 9.37
CA LYS A 41 -1.22 -4.68 10.70
C LYS A 41 0.32 -4.56 10.63
N ALA A 42 0.92 -5.25 9.67
CA ALA A 42 2.37 -5.19 9.45
C ALA A 42 2.82 -3.77 9.05
N LEU A 43 2.15 -3.20 8.04
CA LEU A 43 2.45 -1.84 7.59
C LEU A 43 2.12 -0.80 8.67
N GLY A 44 1.15 -1.12 9.52
CA GLY A 44 0.82 -0.25 10.65
C GLY A 44 1.95 -0.16 11.68
N ASN A 45 2.86 -1.14 11.64
CA ASN A 45 4.03 -1.16 12.55
C ASN A 45 5.16 -0.27 12.02
N LEU A 46 5.14 0.00 10.71
CA LEU A 46 6.19 0.80 10.07
C LEU A 46 6.08 2.30 10.43
N PRO A 47 7.23 2.97 10.68
CA PRO A 47 7.27 4.41 10.92
C PRO A 47 7.25 5.24 9.63
N GLU A 48 6.96 6.53 9.76
CA GLU A 48 6.95 7.43 8.60
C GLU A 48 8.38 7.64 8.06
N GLY A 49 9.36 7.63 8.96
CA GLY A 49 10.76 7.71 8.54
C GLY A 49 11.39 6.34 8.31
N SER A 50 10.84 5.58 7.36
CA SER A 50 11.32 4.22 7.07
C SER A 50 11.82 4.10 5.62
N LYS A 51 12.11 2.87 5.19
CA LYS A 51 12.60 2.62 3.83
C LYS A 51 11.48 2.07 2.91
N LEU A 52 10.61 1.24 3.47
CA LEU A 52 9.52 0.63 2.71
C LEU A 52 8.30 1.57 2.62
N PRO A 53 7.85 1.93 1.40
CA PRO A 53 6.70 2.81 1.23
C PRO A 53 5.37 2.14 1.61
N TRP A 54 4.93 2.36 2.85
CA TRP A 54 3.65 1.84 3.34
C TRP A 54 2.46 2.60 2.74
N PHE A 55 2.69 3.86 2.40
CA PHE A 55 1.63 4.75 1.90
C PHE A 55 1.09 4.34 0.52
N ARG A 56 1.74 3.39 -0.15
CA ARG A 56 1.32 2.95 -1.49
C ARG A 56 0.33 1.77 -1.46
N VAL A 57 0.08 1.21 -0.28
CA VAL A 57 -0.76 0.00 -0.16
C VAL A 57 -2.10 0.32 0.52
N ILE A 58 -3.19 0.23 -0.26
CA ILE A 58 -4.53 0.50 0.24
C ILE A 58 -5.46 -0.71 0.09
N ASN A 59 -6.73 -0.57 0.45
CA ASN A 59 -7.71 -1.66 0.32
C ASN A 59 -8.35 -1.69 -1.09
N SER A 60 -8.82 -2.87 -1.49
CA SER A 60 -9.34 -3.10 -2.86
C SER A 60 -10.52 -2.19 -3.23
N GLN A 61 -11.14 -1.55 -2.25
CA GLN A 61 -12.24 -0.62 -2.50
C GLN A 61 -11.73 0.76 -2.99
N GLY A 62 -10.41 0.94 -2.98
CA GLY A 62 -9.80 2.17 -3.48
C GLY A 62 -9.87 3.34 -2.50
N LYS A 63 -9.39 3.13 -1.28
CA LYS A 63 -9.40 4.18 -0.26
C LYS A 63 -8.24 4.01 0.74
N ILE A 64 -7.85 5.11 1.39
CA ILE A 64 -6.83 5.08 2.44
C ILE A 64 -7.37 4.46 3.73
N SER A 65 -6.63 3.50 4.29
CA SER A 65 -7.03 2.82 5.53
C SER A 65 -6.72 3.67 6.76
N LEU A 66 -5.63 4.45 6.69
CA LEU A 66 -5.25 5.36 7.77
C LEU A 66 -6.31 6.45 7.99
N LYS A 67 -6.34 7.02 9.18
CA LYS A 67 -7.40 7.97 9.55
C LYS A 67 -6.86 9.24 10.21
N GLY A 68 -7.48 10.38 9.88
CA GLY A 68 -7.08 11.66 10.45
C GLY A 68 -5.77 12.20 9.89
N ARG A 69 -4.89 12.68 10.78
CA ARG A 69 -3.59 13.24 10.39
C ARG A 69 -2.78 12.24 9.54
N ASP A 70 -2.89 10.96 9.87
CA ASP A 70 -2.20 9.90 9.14
C ASP A 70 -2.75 9.73 7.71
N LEU A 71 -4.08 9.86 7.57
CA LEU A 71 -4.74 9.76 6.27
C LEU A 71 -4.23 10.86 5.32
N ASP A 72 -4.31 12.11 5.77
CA ASP A 72 -3.87 13.26 4.98
C ASP A 72 -2.36 13.20 4.74
N ARG A 73 -1.62 12.68 5.73
CA ARG A 73 -0.18 12.46 5.59
C ARG A 73 0.12 11.53 4.40
N GLN A 74 -0.60 10.41 4.35
CA GLN A 74 -0.44 9.44 3.25
C GLN A 74 -0.70 10.10 1.89
N LYS A 75 -1.81 10.85 1.81
CA LYS A 75 -2.14 11.59 0.59
C LYS A 75 -1.03 12.56 0.18
N GLN A 76 -0.49 13.31 1.14
CA GLN A 76 0.61 14.24 0.86
C GLN A 76 1.85 13.50 0.33
N LYS A 77 2.11 12.29 0.82
CA LYS A 77 3.22 11.48 0.32
C LYS A 77 2.96 11.01 -1.12
N LEU A 78 1.74 10.55 -1.37
CA LEU A 78 1.33 10.06 -2.70
C LEU A 78 1.32 11.20 -3.74
N GLU A 79 0.68 12.31 -3.41
CA GLU A 79 0.68 13.50 -4.28
C GLU A 79 2.12 13.92 -4.64
N ALA A 80 3.02 13.82 -3.67
CA ALA A 80 4.44 14.13 -3.89
C ALA A 80 5.06 13.21 -4.96
N GLU A 81 4.55 11.98 -5.07
CA GLU A 81 5.00 11.04 -6.09
C GLU A 81 4.24 11.24 -7.41
N GLY A 82 3.15 12.00 -7.35
CA GLY A 82 2.33 12.26 -8.54
C GLY A 82 1.06 11.42 -8.59
N ILE A 83 0.67 10.87 -7.44
CA ILE A 83 -0.53 10.01 -7.35
C ILE A 83 -1.78 10.83 -6.96
N GLU A 84 -2.75 10.88 -7.88
CA GLU A 84 -4.01 11.61 -7.68
C GLU A 84 -4.89 10.96 -6.59
N VAL A 85 -4.95 11.59 -5.42
CA VAL A 85 -5.86 11.16 -4.35
C VAL A 85 -7.10 12.07 -4.29
N SER A 86 -8.28 11.47 -4.24
CA SER A 86 -9.52 12.24 -4.04
C SER A 86 -9.64 12.73 -2.59
N GLU A 87 -10.23 13.90 -2.41
CA GLU A 87 -10.35 14.57 -1.10
C GLU A 87 -10.63 13.60 0.07
N ILE A 88 -11.56 12.67 -0.11
CA ILE A 88 -11.97 11.75 0.97
C ILE A 88 -11.01 10.55 1.11
N GLY A 89 -9.76 10.72 0.64
CA GLY A 89 -8.79 9.64 0.70
C GLY A 89 -9.11 8.51 -0.28
N LYS A 90 -9.74 8.86 -1.39
CA LYS A 90 -10.19 7.88 -2.39
C LYS A 90 -9.24 7.83 -3.61
N ILE A 91 -8.58 6.70 -3.81
CA ILE A 91 -7.64 6.54 -4.93
C ILE A 91 -8.26 5.71 -6.07
N ALA A 92 -8.16 6.21 -7.29
CA ALA A 92 -8.68 5.50 -8.46
C ALA A 92 -7.75 4.36 -8.91
N LEU A 93 -8.04 3.14 -8.43
CA LEU A 93 -7.24 1.96 -8.77
C LEU A 93 -7.19 1.72 -10.28
N ARG A 94 -8.26 2.09 -10.98
CA ARG A 94 -8.36 1.92 -12.44
C ARG A 94 -7.17 2.57 -13.17
N LYS A 95 -6.64 3.66 -12.62
CA LYS A 95 -5.53 4.41 -13.24
C LYS A 95 -4.24 4.33 -12.41
N TYR A 96 -4.29 3.75 -11.20
CA TYR A 96 -3.09 3.61 -10.35
C TYR A 96 -2.83 2.17 -9.89
N LYS A 97 -3.50 1.19 -10.47
CA LYS A 97 -3.26 -0.21 -10.11
C LYS A 97 -1.86 -0.66 -10.53
N TRP A 98 -1.11 -1.21 -9.59
CA TRP A 98 0.23 -1.74 -9.89
C TRP A 98 0.18 -2.84 -10.96
N GLN A 99 0.92 -2.63 -12.04
CA GLN A 99 0.98 -3.58 -13.15
C GLN A 99 2.34 -4.33 -13.16
N PRO A 100 2.42 -5.49 -12.48
CA PRO A 100 3.67 -6.25 -12.33
C PRO A 100 4.00 -7.12 -13.56
N LEU A 101 3.37 -6.81 -14.69
CA LEU A 101 3.51 -7.60 -15.92
C LEU A 101 4.67 -7.10 -16.80
N GLU A 102 4.70 -5.79 -17.05
CA GLU A 102 5.68 -5.20 -17.98
C GLU A 102 6.31 -3.91 -17.42
N MET A 1 12.51 -12.75 10.85
CA MET A 1 11.03 -12.69 10.68
C MET A 1 10.51 -13.89 9.88
N ASP A 2 9.23 -14.25 10.10
CA ASP A 2 8.62 -15.40 9.42
C ASP A 2 8.54 -15.19 7.89
N GLN A 3 8.45 -16.31 7.15
CA GLN A 3 8.37 -16.29 5.68
C GLN A 3 7.31 -15.29 5.18
N PHE A 4 6.17 -15.22 5.88
CA PHE A 4 5.09 -14.30 5.50
C PHE A 4 5.61 -12.85 5.38
N LEU A 5 6.27 -12.37 6.43
CA LEU A 5 6.82 -11.00 6.46
C LEU A 5 7.90 -10.83 5.39
N VAL A 6 8.75 -11.84 5.23
CA VAL A 6 9.82 -11.82 4.21
C VAL A 6 9.26 -11.57 2.81
N GLN A 7 8.23 -12.32 2.44
CA GLN A 7 7.65 -12.24 1.10
C GLN A 7 6.90 -10.91 0.87
N ILE A 8 5.97 -10.57 1.76
CA ILE A 8 5.16 -9.35 1.60
C ILE A 8 6.04 -8.09 1.55
N PHE A 9 7.06 -8.01 2.40
CA PHE A 9 7.99 -6.88 2.40
C PHE A 9 8.75 -6.78 1.07
N ALA A 10 9.17 -7.92 0.53
CA ALA A 10 9.84 -7.97 -0.77
C ALA A 10 8.95 -7.39 -1.88
N VAL A 11 7.67 -7.77 -1.86
CA VAL A 11 6.70 -7.28 -2.84
C VAL A 11 6.47 -5.76 -2.70
N ILE A 12 6.33 -5.29 -1.46
CA ILE A 12 6.09 -3.87 -1.19
C ILE A 12 7.30 -2.99 -1.56
N HIS A 13 8.52 -3.51 -1.41
CA HIS A 13 9.72 -2.78 -1.83
C HIS A 13 9.75 -2.56 -3.36
N GLN A 14 9.00 -3.37 -4.09
CA GLN A 14 8.99 -3.32 -5.55
C GLN A 14 7.97 -2.30 -6.10
N ILE A 15 7.18 -1.67 -5.23
CA ILE A 15 6.18 -0.69 -5.67
C ILE A 15 6.85 0.46 -6.46
N PRO A 16 6.52 0.60 -7.76
CA PRO A 16 7.18 1.57 -8.65
C PRO A 16 6.77 3.03 -8.38
N LYS A 17 7.66 3.95 -8.74
CA LYS A 17 7.43 5.38 -8.56
C LYS A 17 6.21 5.87 -9.36
N GLY A 18 5.06 5.95 -8.71
CA GLY A 18 3.85 6.45 -9.39
C GLY A 18 2.63 5.52 -9.26
N LYS A 19 2.84 4.26 -8.90
CA LYS A 19 1.73 3.31 -8.75
C LYS A 19 1.52 2.90 -7.28
N VAL A 20 0.38 2.27 -7.00
CA VAL A 20 0.03 1.82 -5.64
C VAL A 20 -0.52 0.38 -5.65
N SER A 21 -0.82 -0.14 -4.46
CA SER A 21 -1.39 -1.50 -4.33
C SER A 21 -2.26 -1.60 -3.06
N THR A 22 -2.77 -2.81 -2.77
CA THR A 22 -3.61 -3.02 -1.59
C THR A 22 -3.07 -4.16 -0.72
N TYR A 23 -3.45 -4.15 0.57
CA TYR A 23 -3.03 -5.21 1.51
C TYR A 23 -3.36 -6.60 0.96
N GLY A 24 -4.51 -6.71 0.28
CA GLY A 24 -4.93 -7.97 -0.31
C GLY A 24 -4.06 -8.40 -1.48
N GLU A 25 -3.78 -7.46 -2.39
CA GLU A 25 -2.94 -7.76 -3.55
C GLU A 25 -1.53 -8.17 -3.13
N ILE A 26 -0.96 -7.47 -2.17
CA ILE A 26 0.37 -7.78 -1.65
C ILE A 26 0.47 -9.23 -1.15
N ALA A 27 -0.42 -9.61 -0.21
CA ALA A 27 -0.46 -10.97 0.32
C ALA A 27 -0.70 -12.01 -0.79
N LYS A 28 -1.70 -11.75 -1.63
CA LYS A 28 -2.07 -12.64 -2.73
C LYS A 28 -0.88 -12.90 -3.67
N MET A 29 -0.14 -11.84 -4.00
CA MET A 29 1.03 -11.97 -4.89
C MET A 29 2.27 -12.52 -4.16
N ALA A 30 2.34 -12.28 -2.85
CA ALA A 30 3.45 -12.80 -2.03
C ALA A 30 3.35 -14.33 -1.85
N GLY A 31 2.18 -14.88 -2.14
CA GLY A 31 1.97 -16.32 -2.01
C GLY A 31 1.19 -16.70 -0.75
N TYR A 32 0.50 -15.73 -0.16
CA TYR A 32 -0.34 -15.95 1.03
C TYR A 32 -1.73 -15.34 0.86
N PRO A 33 -2.64 -16.02 0.14
CA PRO A 33 -3.99 -15.51 -0.14
C PRO A 33 -4.86 -15.45 1.13
N GLY A 34 -5.69 -14.41 1.23
CA GLY A 34 -6.53 -14.23 2.41
C GLY A 34 -5.86 -13.45 3.54
N TYR A 35 -4.53 -13.42 3.56
CA TYR A 35 -3.76 -12.75 4.63
C TYR A 35 -3.77 -11.20 4.50
N ALA A 36 -4.82 -10.64 3.91
CA ALA A 36 -4.93 -9.19 3.72
C ALA A 36 -4.91 -8.44 5.07
N ARG A 37 -5.63 -8.95 6.05
CA ARG A 37 -5.70 -8.32 7.38
C ARG A 37 -4.32 -8.32 8.06
N HIS A 38 -3.60 -9.43 7.93
CA HIS A 38 -2.27 -9.59 8.53
C HIS A 38 -1.26 -8.57 7.95
N VAL A 39 -1.28 -8.38 6.63
CA VAL A 39 -0.42 -7.39 5.99
C VAL A 39 -0.69 -5.97 6.54
N GLY A 40 -1.97 -5.60 6.61
CA GLY A 40 -2.35 -4.31 7.17
C GLY A 40 -1.89 -4.13 8.61
N LYS A 41 -1.97 -5.20 9.39
CA LYS A 41 -1.52 -5.19 10.79
C LYS A 41 -0.02 -4.84 10.88
N ALA A 42 0.80 -5.49 10.06
CA ALA A 42 2.25 -5.26 10.05
C ALA A 42 2.58 -3.83 9.59
N LEU A 43 2.02 -3.42 8.46
CA LEU A 43 2.28 -2.08 7.90
C LEU A 43 1.79 -0.96 8.84
N GLY A 44 0.73 -1.23 9.59
CA GLY A 44 0.19 -0.25 10.52
C GLY A 44 1.19 0.19 11.61
N ASN A 45 2.24 -0.60 11.80
CA ASN A 45 3.29 -0.29 12.79
C ASN A 45 4.30 0.73 12.23
N LEU A 46 4.56 0.66 10.92
CA LEU A 46 5.61 1.46 10.28
C LEU A 46 5.38 2.98 10.46
N PRO A 47 6.46 3.72 10.76
CA PRO A 47 6.39 5.16 11.05
C PRO A 47 6.62 6.06 9.82
N GLU A 48 6.94 7.33 10.08
CA GLU A 48 7.17 8.31 9.01
C GLU A 48 8.62 8.25 8.49
N GLY A 49 8.78 8.16 7.17
CA GLY A 49 10.10 8.09 6.56
C GLY A 49 10.83 6.77 6.84
N SER A 50 10.17 5.66 6.58
CA SER A 50 10.78 4.33 6.76
C SER A 50 11.34 3.78 5.44
N LYS A 51 12.16 2.72 5.54
CA LYS A 51 12.68 2.02 4.35
C LYS A 51 11.54 1.43 3.51
N LEU A 52 10.76 0.55 4.12
CA LEU A 52 9.61 -0.06 3.45
C LEU A 52 8.47 0.96 3.26
N PRO A 53 8.09 1.27 1.99
CA PRO A 53 7.03 2.25 1.73
C PRO A 53 5.62 1.68 1.93
N TRP A 54 5.06 1.91 3.12
CA TRP A 54 3.70 1.46 3.44
C TRP A 54 2.63 2.41 2.87
N PHE A 55 3.00 3.68 2.71
CA PHE A 55 2.06 4.71 2.25
C PHE A 55 1.52 4.44 0.83
N ARG A 56 2.07 3.45 0.13
CA ARG A 56 1.60 3.10 -1.21
C ARG A 56 0.70 1.85 -1.18
N VAL A 57 0.32 1.40 0.02
CA VAL A 57 -0.52 0.21 0.18
C VAL A 57 -1.82 0.54 0.95
N ILE A 58 -2.96 0.50 0.24
CA ILE A 58 -4.27 0.80 0.84
C ILE A 58 -5.16 -0.46 0.91
N ASN A 59 -6.44 -0.29 1.24
CA ASN A 59 -7.38 -1.42 1.25
C ASN A 59 -8.14 -1.53 -0.09
N SER A 60 -8.57 -2.74 -0.43
CA SER A 60 -9.15 -3.06 -1.75
C SER A 60 -10.32 -2.14 -2.15
N GLN A 61 -11.01 -1.58 -1.16
CA GLN A 61 -12.11 -0.62 -1.42
C GLN A 61 -11.64 0.59 -2.27
N GLY A 62 -10.33 0.81 -2.32
CA GLY A 62 -9.78 1.94 -3.08
C GLY A 62 -9.63 3.18 -2.23
N LYS A 63 -9.35 3.00 -0.94
CA LYS A 63 -9.26 4.11 0.01
C LYS A 63 -8.14 3.87 1.05
N ILE A 64 -7.64 4.96 1.63
CA ILE A 64 -6.67 4.88 2.72
C ILE A 64 -7.34 4.39 4.01
N SER A 65 -6.78 3.34 4.61
CA SER A 65 -7.36 2.74 5.83
C SER A 65 -7.28 3.70 7.03
N LEU A 66 -6.28 4.57 7.02
CA LEU A 66 -6.09 5.57 8.08
C LEU A 66 -6.93 6.84 7.83
N LYS A 67 -7.23 7.58 8.89
CA LYS A 67 -7.99 8.83 8.78
C LYS A 67 -7.30 9.98 9.53
N GLY A 68 -7.85 11.19 9.38
CA GLY A 68 -7.25 12.37 10.01
C GLY A 68 -5.97 12.82 9.31
N ARG A 69 -5.10 13.50 10.05
CA ARG A 69 -3.82 13.98 9.48
C ARG A 69 -2.95 12.79 9.01
N ASP A 70 -3.23 11.58 9.52
CA ASP A 70 -2.59 10.36 9.03
C ASP A 70 -2.96 10.11 7.56
N LEU A 71 -4.21 10.41 7.21
CA LEU A 71 -4.68 10.28 5.83
C LEU A 71 -3.99 11.32 4.93
N ASP A 72 -4.00 12.58 5.37
CA ASP A 72 -3.32 13.66 4.64
C ASP A 72 -1.81 13.38 4.51
N ARG A 73 -1.24 12.74 5.54
CA ARG A 73 0.16 12.32 5.50
C ARG A 73 0.43 11.38 4.31
N GLN A 74 -0.29 10.25 4.28
CA GLN A 74 -0.14 9.26 3.21
C GLN A 74 -0.49 9.86 1.84
N LYS A 75 -1.56 10.65 1.81
CA LYS A 75 -2.03 11.31 0.58
C LYS A 75 -0.91 12.15 -0.07
N GLN A 76 -0.27 13.03 0.72
CA GLN A 76 0.82 13.87 0.22
C GLN A 76 2.02 13.03 -0.26
N LYS A 77 2.32 11.95 0.47
CA LYS A 77 3.41 11.04 0.09
C LYS A 77 3.17 10.43 -1.30
N LEU A 78 1.90 10.27 -1.67
CA LEU A 78 1.54 9.80 -3.01
C LEU A 78 1.47 10.97 -4.01
N GLU A 79 1.05 12.13 -3.53
CA GLU A 79 1.03 13.34 -4.36
C GLU A 79 2.44 13.74 -4.80
N ALA A 80 3.45 13.13 -4.18
CA ALA A 80 4.85 13.30 -4.61
C ALA A 80 5.03 13.06 -6.13
N GLU A 81 4.30 12.08 -6.68
CA GLU A 81 4.33 11.83 -8.14
C GLU A 81 3.14 12.53 -8.84
N GLY A 82 2.32 13.22 -8.06
CA GLY A 82 1.11 13.85 -8.59
C GLY A 82 -0.08 12.90 -8.67
N ILE A 83 -0.02 11.80 -7.91
CA ILE A 83 -1.09 10.80 -7.87
C ILE A 83 -2.43 11.41 -7.43
N GLU A 84 -3.49 11.17 -8.20
CA GLU A 84 -4.83 11.61 -7.83
C GLU A 84 -5.37 10.85 -6.62
N VAL A 85 -5.47 11.56 -5.50
CA VAL A 85 -6.07 11.02 -4.28
C VAL A 85 -7.26 11.91 -3.86
N SER A 86 -8.48 11.41 -4.05
CA SER A 86 -9.68 12.17 -3.66
C SER A 86 -9.66 12.53 -2.18
N GLU A 87 -10.20 13.71 -1.85
CA GLU A 87 -10.16 14.26 -0.49
C GLU A 87 -10.60 13.25 0.59
N ILE A 88 -11.46 12.31 0.22
CA ILE A 88 -11.92 11.26 1.14
C ILE A 88 -10.90 10.10 1.25
N GLY A 89 -9.68 10.34 0.77
CA GLY A 89 -8.64 9.32 0.79
C GLY A 89 -8.88 8.21 -0.22
N LYS A 90 -9.53 8.53 -1.34
CA LYS A 90 -9.92 7.51 -2.33
C LYS A 90 -9.13 7.66 -3.65
N ILE A 91 -8.48 6.57 -4.07
CA ILE A 91 -7.63 6.57 -5.27
C ILE A 91 -8.27 5.74 -6.40
N ALA A 92 -8.03 6.14 -7.65
CA ALA A 92 -8.51 5.39 -8.81
C ALA A 92 -7.57 4.21 -9.13
N LEU A 93 -7.89 3.04 -8.56
CA LEU A 93 -7.04 1.85 -8.70
C LEU A 93 -6.99 1.33 -10.15
N ARG A 94 -8.07 1.55 -10.90
CA ARG A 94 -8.17 1.06 -12.28
C ARG A 94 -6.98 1.58 -13.14
N LYS A 95 -6.47 2.76 -12.82
CA LYS A 95 -5.32 3.33 -13.55
C LYS A 95 -4.04 3.30 -12.70
N TYR A 96 -4.18 3.47 -11.38
CA TYR A 96 -3.01 3.50 -10.48
C TYR A 96 -2.62 2.10 -9.97
N LYS A 97 -3.23 1.05 -10.53
CA LYS A 97 -2.89 -0.33 -10.19
C LYS A 97 -1.43 -0.67 -10.57
N TRP A 98 -0.81 -1.51 -9.76
CA TRP A 98 0.54 -2.02 -10.05
C TRP A 98 0.46 -3.38 -10.79
N GLN A 99 1.39 -3.60 -11.72
CA GLN A 99 1.41 -4.85 -12.49
C GLN A 99 2.78 -5.57 -12.38
N PRO A 100 2.96 -6.41 -11.35
CA PRO A 100 4.19 -7.20 -11.19
C PRO A 100 4.19 -8.50 -12.03
N LEU A 101 3.27 -9.42 -11.72
CA LEU A 101 3.20 -10.71 -12.42
C LEU A 101 2.45 -10.60 -13.76
N GLU A 102 1.62 -9.58 -13.91
CA GLU A 102 0.87 -9.36 -15.17
C GLU A 102 1.66 -8.44 -16.14
N MET A 1 13.40 -12.39 12.00
CA MET A 1 12.30 -11.75 11.24
C MET A 1 11.43 -12.80 10.52
N ASP A 2 10.13 -12.80 10.81
CA ASP A 2 9.21 -13.81 10.24
C ASP A 2 9.11 -13.68 8.71
N GLN A 3 9.00 -14.81 8.02
CA GLN A 3 8.96 -14.84 6.55
C GLN A 3 7.76 -14.07 5.99
N PHE A 4 6.69 -13.96 6.76
CA PHE A 4 5.52 -13.17 6.35
C PHE A 4 5.93 -11.74 5.99
N LEU A 5 6.63 -11.08 6.91
CA LEU A 5 7.11 -9.71 6.69
C LEU A 5 8.14 -9.67 5.54
N VAL A 6 9.04 -10.66 5.52
CA VAL A 6 10.08 -10.75 4.48
C VAL A 6 9.46 -10.79 3.07
N GLN A 7 8.43 -11.62 2.89
CA GLN A 7 7.80 -11.80 1.58
C GLN A 7 6.97 -10.56 1.16
N ILE A 8 6.07 -10.09 2.03
CA ILE A 8 5.20 -8.96 1.70
C ILE A 8 6.03 -7.69 1.38
N PHE A 9 7.06 -7.42 2.18
CA PHE A 9 7.93 -6.25 1.95
C PHE A 9 8.70 -6.38 0.64
N ALA A 10 9.15 -7.61 0.33
CA ALA A 10 9.84 -7.88 -0.94
C ALA A 10 8.95 -7.51 -2.15
N VAL A 11 7.65 -7.70 -2.01
CA VAL A 11 6.69 -7.29 -3.04
C VAL A 11 6.52 -5.76 -3.07
N ILE A 12 6.46 -5.15 -1.88
CA ILE A 12 6.31 -3.69 -1.76
C ILE A 12 7.47 -2.92 -2.44
N HIS A 13 8.69 -3.40 -2.24
CA HIS A 13 9.87 -2.79 -2.89
C HIS A 13 9.78 -2.85 -4.42
N GLN A 14 8.90 -3.70 -4.94
CA GLN A 14 8.74 -3.89 -6.39
C GLN A 14 7.66 -2.97 -6.99
N ILE A 15 6.93 -2.24 -6.15
CA ILE A 15 5.87 -1.33 -6.64
C ILE A 15 6.49 -0.11 -7.35
N PRO A 16 6.30 0.03 -8.68
CA PRO A 16 6.89 1.12 -9.47
C PRO A 16 6.50 2.53 -8.96
N LYS A 17 7.42 3.49 -9.11
CA LYS A 17 7.23 4.85 -8.59
C LYS A 17 6.00 5.54 -9.21
N GLY A 18 4.86 5.47 -8.52
CA GLY A 18 3.63 6.09 -9.03
C GLY A 18 2.41 5.16 -8.94
N LYS A 19 2.64 3.86 -9.10
CA LYS A 19 1.54 2.87 -9.06
C LYS A 19 1.18 2.47 -7.62
N VAL A 20 -0.08 2.06 -7.42
CA VAL A 20 -0.57 1.63 -6.09
C VAL A 20 -0.83 0.11 -6.05
N SER A 21 -1.20 -0.39 -4.88
CA SER A 21 -1.52 -1.82 -4.70
C SER A 21 -2.50 -2.03 -3.54
N THR A 22 -3.11 -3.21 -3.48
CA THR A 22 -4.06 -3.54 -2.40
C THR A 22 -3.60 -4.73 -1.56
N TYR A 23 -4.08 -4.79 -0.32
CA TYR A 23 -3.69 -5.84 0.64
C TYR A 23 -3.85 -7.26 0.06
N GLY A 24 -5.00 -7.53 -0.55
CA GLY A 24 -5.29 -8.87 -1.07
C GLY A 24 -4.34 -9.31 -2.18
N GLU A 25 -3.96 -8.38 -3.06
CA GLU A 25 -3.07 -8.70 -4.18
C GLU A 25 -1.63 -8.93 -3.69
N ILE A 26 -1.16 -8.07 -2.79
CA ILE A 26 0.17 -8.24 -2.18
C ILE A 26 0.25 -9.60 -1.46
N ALA A 27 -0.81 -9.93 -0.72
CA ALA A 27 -0.89 -11.22 -0.02
C ALA A 27 -0.71 -12.41 -0.98
N LYS A 28 -1.34 -12.34 -2.17
CA LYS A 28 -1.20 -13.38 -3.19
C LYS A 28 0.28 -13.58 -3.60
N MET A 29 0.93 -12.49 -3.99
CA MET A 29 2.32 -12.54 -4.46
C MET A 29 3.31 -12.84 -3.32
N ALA A 30 2.86 -12.68 -2.08
CA ALA A 30 3.67 -13.01 -0.91
C ALA A 30 3.50 -14.49 -0.50
N GLY A 31 2.36 -15.09 -0.88
CA GLY A 31 2.07 -16.46 -0.49
C GLY A 31 1.28 -16.56 0.82
N TYR A 32 0.56 -15.49 1.16
CA TYR A 32 -0.24 -15.42 2.39
C TYR A 32 -1.60 -14.76 2.13
N PRO A 33 -2.46 -15.37 1.27
CA PRO A 33 -3.72 -14.74 0.81
C PRO A 33 -4.66 -14.33 1.96
N GLY A 34 -4.78 -15.17 2.98
CA GLY A 34 -5.67 -14.87 4.10
C GLY A 34 -5.11 -13.84 5.08
N TYR A 35 -3.84 -13.48 4.92
CA TYR A 35 -3.19 -12.52 5.82
C TYR A 35 -3.26 -11.09 5.26
N ALA A 36 -4.11 -10.87 4.25
CA ALA A 36 -4.25 -9.55 3.60
C ALA A 36 -4.42 -8.41 4.62
N ARG A 37 -5.37 -8.56 5.55
CA ARG A 37 -5.60 -7.55 6.59
C ARG A 37 -4.34 -7.36 7.48
N HIS A 38 -3.56 -8.43 7.64
CA HIS A 38 -2.37 -8.40 8.48
C HIS A 38 -1.20 -7.67 7.80
N VAL A 39 -1.19 -7.68 6.47
CA VAL A 39 -0.22 -6.88 5.71
C VAL A 39 -0.37 -5.40 6.10
N GLY A 40 -1.61 -4.93 6.14
CA GLY A 40 -1.90 -3.58 6.59
C GLY A 40 -1.56 -3.34 8.05
N LYS A 41 -1.90 -4.32 8.91
CA LYS A 41 -1.56 -4.22 10.34
C LYS A 41 -0.05 -4.09 10.54
N ALA A 42 0.72 -4.76 9.70
CA ALA A 42 2.19 -4.67 9.73
C ALA A 42 2.65 -3.26 9.30
N LEU A 43 2.05 -2.74 8.23
CA LEU A 43 2.37 -1.39 7.75
C LEU A 43 1.96 -0.32 8.77
N GLY A 44 0.93 -0.60 9.55
CA GLY A 44 0.49 0.32 10.61
C GLY A 44 1.49 0.44 11.75
N ASN A 45 2.50 -0.43 11.76
CA ASN A 45 3.58 -0.39 12.75
C ASN A 45 4.72 0.54 12.26
N LEU A 46 4.70 0.89 10.98
CA LEU A 46 5.75 1.69 10.36
C LEU A 46 5.48 3.20 10.50
N PRO A 47 6.55 4.03 10.52
CA PRO A 47 6.43 5.49 10.55
C PRO A 47 6.19 6.09 9.14
N GLU A 48 6.28 7.42 9.03
CA GLU A 48 6.12 8.10 7.74
C GLU A 48 7.40 8.02 6.91
N GLY A 49 8.47 8.64 7.42
CA GLY A 49 9.75 8.67 6.71
C GLY A 49 10.46 7.32 6.68
N SER A 50 9.93 6.40 5.88
CA SER A 50 10.48 5.05 5.76
C SER A 50 11.02 4.77 4.36
N LYS A 51 12.11 4.03 4.28
CA LYS A 51 12.66 3.59 2.99
C LYS A 51 11.76 2.53 2.36
N LEU A 52 10.98 1.85 3.20
CA LEU A 52 9.97 0.89 2.76
C LEU A 52 8.61 1.61 2.58
N PRO A 53 8.13 1.76 1.33
CA PRO A 53 6.87 2.48 1.06
C PRO A 53 5.63 1.73 1.57
N TRP A 54 5.20 2.07 2.78
CA TRP A 54 3.99 1.50 3.38
C TRP A 54 2.72 2.05 2.72
N PHE A 55 2.78 3.31 2.33
CA PHE A 55 1.63 4.02 1.75
C PHE A 55 1.21 3.50 0.36
N ARG A 56 1.89 2.47 -0.14
CA ARG A 56 1.57 1.90 -1.47
C ARG A 56 0.45 0.87 -1.42
N VAL A 57 0.19 0.29 -0.24
CA VAL A 57 -0.78 -0.80 -0.11
C VAL A 57 -2.05 -0.32 0.63
N ILE A 58 -3.11 -0.08 -0.14
CA ILE A 58 -4.39 0.40 0.41
C ILE A 58 -5.48 -0.68 0.35
N ASN A 59 -6.72 -0.30 0.67
CA ASN A 59 -7.85 -1.24 0.69
C ASN A 59 -8.56 -1.30 -0.69
N SER A 60 -9.19 -2.44 -0.97
CA SER A 60 -9.73 -2.73 -2.32
C SER A 60 -10.90 -1.82 -2.75
N GLN A 61 -11.30 -0.87 -1.90
CA GLN A 61 -12.32 0.11 -2.28
C GLN A 61 -11.75 1.22 -3.18
N GLY A 62 -10.43 1.40 -3.13
CA GLY A 62 -9.82 2.57 -3.74
C GLY A 62 -9.85 3.75 -2.78
N LYS A 63 -9.50 3.48 -1.53
CA LYS A 63 -9.50 4.49 -0.48
C LYS A 63 -8.30 4.34 0.45
N ILE A 64 -8.13 5.29 1.36
CA ILE A 64 -7.11 5.21 2.41
C ILE A 64 -7.68 4.48 3.64
N SER A 65 -6.94 3.51 4.17
CA SER A 65 -7.39 2.73 5.33
C SER A 65 -7.52 3.60 6.59
N LEU A 66 -6.47 4.35 6.89
CA LEU A 66 -6.46 5.25 8.05
C LEU A 66 -7.23 6.55 7.77
N LYS A 67 -7.59 7.29 8.83
CA LYS A 67 -8.37 8.52 8.70
C LYS A 67 -7.74 9.69 9.47
N GLY A 68 -8.22 10.91 9.21
CA GLY A 68 -7.72 12.09 9.90
C GLY A 68 -6.26 12.42 9.59
N ARG A 69 -5.50 12.77 10.62
CA ARG A 69 -4.07 13.08 10.48
C ARG A 69 -3.31 12.00 9.68
N ASP A 70 -3.59 10.73 9.96
CA ASP A 70 -2.93 9.62 9.28
C ASP A 70 -3.36 9.54 7.80
N LEU A 71 -4.58 9.98 7.51
CA LEU A 71 -5.08 10.04 6.13
C LEU A 71 -4.27 11.06 5.32
N ASP A 72 -4.16 12.29 5.85
CA ASP A 72 -3.39 13.34 5.18
C ASP A 72 -1.89 12.99 5.10
N ARG A 73 -1.37 12.32 6.14
CA ARG A 73 0.03 11.87 6.14
C ARG A 73 0.30 10.88 4.99
N GLN A 74 -0.52 9.84 4.92
CA GLN A 74 -0.45 8.84 3.83
C GLN A 74 -0.66 9.53 2.46
N LYS A 75 -1.64 10.43 2.43
CA LYS A 75 -1.93 11.25 1.25
C LYS A 75 -0.70 12.02 0.74
N GLN A 76 -0.06 12.77 1.63
CA GLN A 76 1.13 13.57 1.28
C GLN A 76 2.23 12.71 0.66
N LYS A 77 2.40 11.50 1.17
CA LYS A 77 3.37 10.56 0.61
C LYS A 77 2.97 10.10 -0.80
N LEU A 78 1.66 9.95 -1.04
CA LEU A 78 1.15 9.65 -2.38
C LEU A 78 1.42 10.80 -3.35
N GLU A 79 1.13 12.02 -2.90
CA GLU A 79 1.42 13.23 -3.68
C GLU A 79 2.91 13.30 -4.05
N ALA A 80 3.76 12.75 -3.18
CA ALA A 80 5.21 12.68 -3.44
C ALA A 80 5.53 11.64 -4.52
N GLU A 81 4.70 10.60 -4.64
CA GLU A 81 4.84 9.60 -5.70
C GLU A 81 4.22 10.10 -7.02
N GLY A 82 3.32 11.08 -6.90
CA GLY A 82 2.63 11.62 -8.07
C GLY A 82 1.21 11.07 -8.22
N ILE A 83 0.64 10.60 -7.12
CA ILE A 83 -0.68 9.96 -7.13
C ILE A 83 -1.81 10.93 -6.74
N GLU A 84 -2.91 10.89 -7.49
CA GLU A 84 -4.08 11.73 -7.20
C GLU A 84 -4.87 11.21 -5.99
N VAL A 85 -5.26 12.11 -5.09
CA VAL A 85 -5.99 11.74 -3.87
C VAL A 85 -7.18 12.68 -3.59
N SER A 86 -8.39 12.13 -3.61
CA SER A 86 -9.60 12.88 -3.21
C SER A 86 -9.57 13.18 -1.70
N GLU A 87 -10.08 14.35 -1.33
CA GLU A 87 -10.01 14.84 0.06
C GLU A 87 -10.58 13.83 1.08
N ILE A 88 -11.54 13.03 0.64
CA ILE A 88 -12.15 12.01 1.52
C ILE A 88 -11.28 10.75 1.63
N GLY A 89 -10.05 10.84 1.13
CA GLY A 89 -9.14 9.69 1.13
C GLY A 89 -9.51 8.66 0.08
N LYS A 90 -9.69 9.10 -1.17
CA LYS A 90 -10.11 8.20 -2.26
C LYS A 90 -9.15 8.25 -3.46
N ILE A 91 -8.70 7.07 -3.91
CA ILE A 91 -7.71 6.95 -4.99
C ILE A 91 -8.28 6.19 -6.19
N ALA A 92 -7.82 6.55 -7.40
CA ALA A 92 -8.28 5.89 -8.63
C ALA A 92 -7.42 4.65 -8.97
N LEU A 93 -7.85 3.48 -8.50
CA LEU A 93 -7.10 2.22 -8.71
C LEU A 93 -6.98 1.87 -10.20
N ARG A 94 -8.06 2.05 -10.94
CA ARG A 94 -8.15 1.58 -12.33
C ARG A 94 -7.03 2.13 -13.24
N LYS A 95 -6.53 3.33 -12.94
CA LYS A 95 -5.41 3.90 -13.70
C LYS A 95 -4.05 3.71 -12.99
N TYR A 96 -4.05 3.73 -11.66
CA TYR A 96 -2.82 3.52 -10.89
C TYR A 96 -2.56 2.03 -10.60
N LYS A 97 -3.31 1.15 -11.27
CA LYS A 97 -3.16 -0.30 -11.08
C LYS A 97 -1.79 -0.82 -11.52
N TRP A 98 -1.10 -1.52 -10.61
CA TRP A 98 0.16 -2.19 -10.94
C TRP A 98 -0.12 -3.57 -11.54
N GLN A 99 0.61 -3.92 -12.60
CA GLN A 99 0.41 -5.21 -13.29
C GLN A 99 1.69 -6.06 -13.29
N PRO A 100 1.79 -7.04 -12.37
CA PRO A 100 2.87 -8.05 -12.42
C PRO A 100 2.79 -8.88 -13.71
N LEU A 101 1.59 -8.94 -14.29
CA LEU A 101 1.35 -9.62 -15.57
C LEU A 101 1.56 -8.66 -16.75
N GLU A 102 2.48 -7.71 -16.57
CA GLU A 102 2.77 -6.65 -17.56
C GLU A 102 2.95 -7.21 -19.00
N MET A 1 13.30 -13.55 11.22
CA MET A 1 12.02 -12.84 10.98
C MET A 1 11.01 -13.75 10.25
N ASP A 2 9.73 -13.56 10.53
CA ASP A 2 8.68 -14.40 9.90
C ASP A 2 8.65 -14.22 8.37
N GLN A 3 8.70 -15.35 7.65
CA GLN A 3 8.73 -15.34 6.17
C GLN A 3 7.59 -14.50 5.57
N PHE A 4 6.38 -14.68 6.09
CA PHE A 4 5.22 -13.90 5.64
C PHE A 4 5.55 -12.40 5.48
N LEU A 5 6.11 -11.81 6.54
CA LEU A 5 6.49 -10.40 6.53
C LEU A 5 7.56 -10.11 5.48
N VAL A 6 8.59 -10.96 5.44
CA VAL A 6 9.68 -10.81 4.46
C VAL A 6 9.15 -10.86 3.02
N GLN A 7 8.18 -11.72 2.76
CA GLN A 7 7.61 -11.89 1.42
C GLN A 7 6.80 -10.66 0.98
N ILE A 8 5.85 -10.24 1.83
CA ILE A 8 5.00 -9.09 1.49
C ILE A 8 5.81 -7.79 1.34
N PHE A 9 6.81 -7.60 2.21
CA PHE A 9 7.69 -6.43 2.12
C PHE A 9 8.52 -6.44 0.82
N ALA A 10 9.06 -7.61 0.47
CA ALA A 10 9.81 -7.77 -0.77
C ALA A 10 8.98 -7.33 -2.00
N VAL A 11 7.70 -7.69 -1.99
CA VAL A 11 6.77 -7.25 -3.04
C VAL A 11 6.58 -5.72 -3.03
N ILE A 12 6.43 -5.16 -1.83
CA ILE A 12 6.25 -3.70 -1.66
C ILE A 12 7.49 -2.92 -2.13
N HIS A 13 8.68 -3.48 -1.89
CA HIS A 13 9.94 -2.87 -2.36
C HIS A 13 10.01 -2.83 -3.90
N GLN A 14 9.23 -3.69 -4.55
CA GLN A 14 9.24 -3.78 -6.02
C GLN A 14 8.08 -2.98 -6.66
N ILE A 15 7.36 -2.19 -5.85
CA ILE A 15 6.29 -1.33 -6.39
C ILE A 15 6.89 -0.18 -7.22
N PRO A 16 6.49 -0.03 -8.50
CA PRO A 16 6.97 1.07 -9.36
C PRO A 16 6.61 2.47 -8.81
N LYS A 17 7.52 3.42 -9.01
CA LYS A 17 7.32 4.81 -8.56
C LYS A 17 6.01 5.41 -9.13
N GLY A 18 5.04 5.66 -8.25
CA GLY A 18 3.77 6.25 -8.67
C GLY A 18 2.67 5.22 -8.93
N LYS A 19 2.90 3.97 -8.56
CA LYS A 19 1.89 2.92 -8.68
C LYS A 19 1.40 2.45 -7.30
N VAL A 20 0.16 1.97 -7.24
CA VAL A 20 -0.44 1.54 -5.96
C VAL A 20 -0.96 0.10 -6.01
N SER A 21 -1.24 -0.46 -4.84
CA SER A 21 -1.81 -1.82 -4.73
C SER A 21 -2.64 -1.94 -3.45
N THR A 22 -3.20 -3.12 -3.19
CA THR A 22 -4.03 -3.35 -2.00
C THR A 22 -3.41 -4.41 -1.08
N TYR A 23 -3.73 -4.33 0.22
CA TYR A 23 -3.23 -5.30 1.20
C TYR A 23 -3.56 -6.74 0.78
N GLY A 24 -4.74 -6.91 0.18
CA GLY A 24 -5.15 -8.21 -0.32
C GLY A 24 -4.25 -8.74 -1.44
N GLU A 25 -4.07 -7.94 -2.49
CA GLU A 25 -3.26 -8.34 -3.65
C GLU A 25 -1.78 -8.57 -3.27
N ILE A 26 -1.27 -7.75 -2.35
CA ILE A 26 0.11 -7.91 -1.87
C ILE A 26 0.32 -9.30 -1.25
N ALA A 27 -0.55 -9.67 -0.31
CA ALA A 27 -0.51 -10.99 0.32
C ALA A 27 -0.68 -12.11 -0.71
N LYS A 28 -1.61 -11.93 -1.65
CA LYS A 28 -1.85 -12.89 -2.73
C LYS A 28 -0.58 -13.13 -3.58
N MET A 29 0.11 -12.06 -3.94
CA MET A 29 1.35 -12.15 -4.72
C MET A 29 2.51 -12.69 -3.88
N ALA A 30 2.45 -12.48 -2.56
CA ALA A 30 3.43 -13.02 -1.63
C ALA A 30 3.22 -14.53 -1.41
N GLY A 31 2.00 -15.00 -1.69
CA GLY A 31 1.68 -16.42 -1.56
C GLY A 31 0.90 -16.76 -0.29
N TYR A 32 0.38 -15.74 0.39
CA TYR A 32 -0.36 -15.95 1.65
C TYR A 32 -1.79 -15.35 1.56
N PRO A 33 -2.77 -16.14 1.09
CA PRO A 33 -4.16 -15.68 0.98
C PRO A 33 -4.88 -15.62 2.34
N GLY A 34 -5.68 -14.56 2.54
CA GLY A 34 -6.43 -14.41 3.78
C GLY A 34 -5.68 -13.63 4.87
N TYR A 35 -4.37 -13.47 4.71
CA TYR A 35 -3.55 -12.78 5.72
C TYR A 35 -3.40 -11.28 5.42
N ALA A 36 -4.27 -10.75 4.54
CA ALA A 36 -4.23 -9.33 4.16
C ALA A 36 -4.28 -8.39 5.37
N ARG A 37 -5.11 -8.75 6.36
CA ARG A 37 -5.23 -7.96 7.60
C ARG A 37 -3.86 -7.74 8.27
N HIS A 38 -3.00 -8.76 8.22
CA HIS A 38 -1.68 -8.70 8.85
C HIS A 38 -0.72 -7.79 8.06
N VAL A 39 -0.93 -7.68 6.75
CA VAL A 39 -0.16 -6.73 5.93
C VAL A 39 -0.39 -5.30 6.43
N GLY A 40 -1.67 -4.94 6.62
CA GLY A 40 -2.01 -3.65 7.20
C GLY A 40 -1.53 -3.50 8.64
N LYS A 41 -1.54 -4.61 9.38
CA LYS A 41 -1.01 -4.66 10.75
C LYS A 41 0.47 -4.24 10.80
N ALA A 42 1.26 -4.80 9.89
CA ALA A 42 2.69 -4.48 9.80
C ALA A 42 2.94 -3.05 9.29
N LEU A 43 2.34 -2.72 8.15
CA LEU A 43 2.53 -1.39 7.55
C LEU A 43 2.00 -0.26 8.44
N GLY A 44 0.88 -0.53 9.12
CA GLY A 44 0.28 0.47 10.02
C GLY A 44 1.09 0.71 11.28
N ASN A 45 2.19 -0.02 11.45
CA ASN A 45 3.11 0.19 12.58
C ASN A 45 4.30 1.07 12.18
N LEU A 46 4.58 1.10 10.87
CA LEU A 46 5.74 1.81 10.34
C LEU A 46 5.59 3.34 10.42
N PRO A 47 6.72 4.08 10.49
CA PRO A 47 6.71 5.54 10.41
C PRO A 47 6.65 6.05 8.96
N GLU A 48 6.21 7.29 8.77
CA GLU A 48 6.09 7.87 7.41
C GLU A 48 7.47 8.05 6.75
N GLY A 49 8.51 8.18 7.56
CA GLY A 49 9.88 8.25 7.04
C GLY A 49 10.64 6.94 7.19
N SER A 50 10.36 6.00 6.28
CA SER A 50 10.97 4.66 6.33
C SER A 50 11.61 4.29 4.99
N LYS A 51 12.37 3.19 4.98
CA LYS A 51 12.97 2.69 3.73
C LYS A 51 11.99 1.81 2.97
N LEU A 52 10.96 1.32 3.68
CA LEU A 52 9.88 0.55 3.07
C LEU A 52 8.66 1.45 2.79
N PRO A 53 8.34 1.71 1.51
CA PRO A 53 7.20 2.56 1.15
C PRO A 53 5.85 1.84 1.33
N TRP A 54 5.24 2.03 2.49
CA TRP A 54 3.97 1.37 2.83
C TRP A 54 2.75 2.14 2.30
N PHE A 55 2.93 3.44 2.09
CA PHE A 55 1.84 4.33 1.66
C PHE A 55 1.24 3.90 0.28
N ARG A 56 2.03 3.19 -0.52
CA ARG A 56 1.56 2.75 -1.86
C ARG A 56 0.51 1.62 -1.76
N VAL A 57 0.23 1.15 -0.55
CA VAL A 57 -0.71 0.04 -0.34
C VAL A 57 -1.98 0.52 0.40
N ILE A 58 -3.13 0.44 -0.28
CA ILE A 58 -4.43 0.86 0.29
C ILE A 58 -5.41 -0.31 0.36
N ASN A 59 -6.69 -0.03 0.64
CA ASN A 59 -7.69 -1.09 0.82
C ASN A 59 -8.37 -1.48 -0.52
N SER A 60 -9.18 -2.55 -0.48
CA SER A 60 -9.84 -3.08 -1.68
C SER A 60 -10.91 -2.11 -2.24
N GLN A 61 -11.33 -1.16 -1.41
CA GLN A 61 -12.32 -0.15 -1.83
C GLN A 61 -11.68 0.92 -2.73
N GLY A 62 -10.35 1.00 -2.70
CA GLY A 62 -9.63 2.05 -3.42
C GLY A 62 -9.46 3.31 -2.57
N LYS A 63 -9.56 3.14 -1.26
CA LYS A 63 -9.46 4.27 -0.32
C LYS A 63 -8.29 4.07 0.66
N ILE A 64 -7.85 5.15 1.28
CA ILE A 64 -6.84 5.09 2.33
C ILE A 64 -7.41 4.38 3.58
N SER A 65 -6.72 3.34 4.04
CA SER A 65 -7.14 2.57 5.21
C SER A 65 -7.07 3.39 6.51
N LEU A 66 -6.05 4.24 6.59
CA LEU A 66 -5.82 5.07 7.78
C LEU A 66 -6.85 6.23 7.87
N LYS A 67 -6.86 6.92 9.02
CA LYS A 67 -7.87 7.96 9.28
C LYS A 67 -7.24 9.29 9.70
N GLY A 68 -7.96 10.39 9.39
CA GLY A 68 -7.59 11.74 9.85
C GLY A 68 -6.10 12.07 9.72
N ARG A 69 -5.41 12.16 10.86
CA ARG A 69 -3.99 12.51 10.91
C ARG A 69 -3.16 11.59 10.02
N ASP A 70 -3.42 10.29 10.12
CA ASP A 70 -2.70 9.29 9.33
C ASP A 70 -3.23 9.21 7.89
N LEU A 71 -4.44 9.68 7.65
CA LEU A 71 -4.99 9.77 6.28
C LEU A 71 -4.26 10.87 5.51
N ASP A 72 -4.14 12.05 6.12
CA ASP A 72 -3.35 13.14 5.55
C ASP A 72 -1.89 12.72 5.36
N ARG A 73 -1.31 12.10 6.40
CA ARG A 73 0.03 11.52 6.31
C ARG A 73 0.19 10.64 5.05
N GLN A 74 -0.76 9.72 4.88
CA GLN A 74 -0.81 8.85 3.70
C GLN A 74 -0.84 9.68 2.40
N LYS A 75 -1.85 10.55 2.28
CA LYS A 75 -2.03 11.37 1.08
C LYS A 75 -0.79 12.24 0.79
N GLN A 76 -0.13 12.75 1.83
CA GLN A 76 1.08 13.55 1.65
C GLN A 76 2.16 12.77 0.89
N LYS A 77 2.37 11.52 1.28
CA LYS A 77 3.34 10.66 0.61
C LYS A 77 2.88 10.29 -0.82
N LEU A 78 1.58 10.01 -0.97
CA LEU A 78 1.00 9.68 -2.28
C LEU A 78 1.11 10.86 -3.27
N GLU A 79 0.54 12.00 -2.89
CA GLU A 79 0.62 13.25 -3.68
C GLU A 79 2.08 13.60 -4.02
N ALA A 80 3.01 13.23 -3.13
CA ALA A 80 4.43 13.46 -3.35
C ALA A 80 4.94 12.76 -4.62
N GLU A 81 4.43 11.56 -4.89
CA GLU A 81 4.82 10.79 -6.08
C GLU A 81 3.97 11.15 -7.30
N GLY A 82 3.07 12.11 -7.13
CA GLY A 82 2.18 12.53 -8.21
C GLY A 82 0.90 11.70 -8.28
N ILE A 83 0.63 10.92 -7.24
CA ILE A 83 -0.59 10.09 -7.19
C ILE A 83 -1.82 10.95 -6.88
N GLU A 84 -2.83 10.86 -7.74
CA GLU A 84 -4.06 11.64 -7.58
C GLU A 84 -4.97 11.05 -6.50
N VAL A 85 -4.98 11.66 -5.32
CA VAL A 85 -5.84 11.21 -4.22
C VAL A 85 -7.07 12.11 -4.07
N SER A 86 -8.25 11.57 -4.40
CA SER A 86 -9.52 12.29 -4.27
C SER A 86 -9.73 12.83 -2.84
N GLU A 87 -10.43 13.96 -2.74
CA GLU A 87 -10.63 14.70 -1.48
C GLU A 87 -11.05 13.81 -0.29
N ILE A 88 -11.78 12.74 -0.57
CA ILE A 88 -12.25 11.83 0.49
C ILE A 88 -11.18 10.81 0.90
N GLY A 89 -9.96 10.98 0.39
CA GLY A 89 -8.89 10.02 0.63
C GLY A 89 -9.01 8.77 -0.22
N LYS A 90 -9.34 8.94 -1.50
CA LYS A 90 -9.60 7.79 -2.40
C LYS A 90 -8.78 7.89 -3.69
N ILE A 91 -8.20 6.76 -4.11
CA ILE A 91 -7.37 6.71 -5.33
C ILE A 91 -8.06 5.94 -6.47
N ALA A 92 -7.87 6.38 -7.70
CA ALA A 92 -8.37 5.66 -8.88
C ALA A 92 -7.51 4.42 -9.17
N LEU A 93 -7.93 3.27 -8.67
CA LEU A 93 -7.18 2.02 -8.85
C LEU A 93 -6.96 1.71 -10.34
N ARG A 94 -8.00 1.90 -11.14
CA ARG A 94 -7.93 1.64 -12.59
C ARG A 94 -6.88 2.53 -13.29
N LYS A 95 -6.49 3.61 -12.62
CA LYS A 95 -5.48 4.54 -13.15
C LYS A 95 -4.06 4.11 -12.73
N TYR A 96 -3.89 3.76 -11.46
CA TYR A 96 -2.56 3.41 -10.91
C TYR A 96 -2.39 1.89 -10.71
N LYS A 97 -3.27 1.11 -11.30
CA LYS A 97 -3.22 -0.36 -11.22
C LYS A 97 -1.84 -0.91 -11.65
N TRP A 98 -1.16 -1.60 -10.75
CA TRP A 98 0.12 -2.24 -11.08
C TRP A 98 -0.05 -3.74 -11.33
N GLN A 99 0.58 -4.21 -12.40
CA GLN A 99 0.61 -5.62 -12.73
C GLN A 99 2.06 -6.14 -12.81
N PRO A 100 2.43 -7.16 -12.00
CA PRO A 100 3.81 -7.69 -11.97
C PRO A 100 4.27 -8.24 -13.33
N LEU A 101 3.32 -8.61 -14.19
CA LEU A 101 3.61 -9.12 -15.53
C LEU A 101 2.92 -8.26 -16.60
N GLU A 102 2.95 -8.72 -17.85
CA GLU A 102 2.31 -8.00 -18.96
C GLU A 102 0.97 -8.66 -19.38
N MET A 1 10.75 -12.16 13.18
CA MET A 1 10.28 -11.74 11.84
C MET A 1 9.99 -12.95 10.95
N ASP A 2 8.70 -13.29 10.80
CA ASP A 2 8.28 -14.44 9.99
C ASP A 2 8.50 -14.19 8.49
N GLN A 3 8.65 -15.27 7.72
CA GLN A 3 8.86 -15.18 6.26
C GLN A 3 7.73 -14.40 5.57
N PHE A 4 6.55 -14.39 6.18
CA PHE A 4 5.43 -13.59 5.71
C PHE A 4 5.83 -12.11 5.59
N LEU A 5 6.34 -11.55 6.70
CA LEU A 5 6.79 -10.16 6.73
C LEU A 5 7.91 -9.92 5.70
N VAL A 6 8.86 -10.86 5.63
CA VAL A 6 9.99 -10.75 4.71
C VAL A 6 9.54 -10.58 3.25
N GLN A 7 8.59 -11.41 2.83
CA GLN A 7 8.11 -11.39 1.43
C GLN A 7 7.23 -10.17 1.14
N ILE A 8 6.25 -9.88 1.99
CA ILE A 8 5.34 -8.76 1.74
C ILE A 8 6.10 -7.41 1.64
N PHE A 9 7.10 -7.22 2.51
CA PHE A 9 7.93 -6.00 2.46
C PHE A 9 8.77 -5.97 1.17
N ALA A 10 9.29 -7.14 0.78
CA ALA A 10 10.08 -7.26 -0.46
C ALA A 10 9.27 -6.84 -1.69
N VAL A 11 7.99 -7.21 -1.72
CA VAL A 11 7.09 -6.82 -2.81
C VAL A 11 6.92 -5.28 -2.84
N ILE A 12 6.74 -4.70 -1.65
CA ILE A 12 6.57 -3.25 -1.50
C ILE A 12 7.79 -2.46 -2.04
N HIS A 13 9.00 -2.95 -1.73
CA HIS A 13 10.23 -2.31 -2.20
C HIS A 13 10.35 -2.34 -3.73
N GLN A 14 9.56 -3.18 -4.39
CA GLN A 14 9.63 -3.33 -5.85
C GLN A 14 8.45 -2.65 -6.57
N ILE A 15 7.68 -1.83 -5.85
CA ILE A 15 6.59 -1.07 -6.45
C ILE A 15 7.12 0.11 -7.29
N PRO A 16 6.67 0.25 -8.55
CA PRO A 16 7.06 1.36 -9.43
C PRO A 16 6.42 2.72 -9.04
N LYS A 17 6.68 3.74 -9.84
CA LYS A 17 6.20 5.10 -9.57
C LYS A 17 4.73 5.27 -10.01
N GLY A 18 3.86 5.60 -9.05
CA GLY A 18 2.47 5.91 -9.35
C GLY A 18 1.58 4.68 -9.56
N LYS A 19 2.08 3.49 -9.26
CA LYS A 19 1.30 2.26 -9.39
C LYS A 19 1.16 1.55 -8.04
N VAL A 20 0.01 1.73 -7.39
CA VAL A 20 -0.22 1.21 -6.03
C VAL A 20 -0.84 -0.20 -6.05
N SER A 21 -1.01 -0.77 -4.86
CA SER A 21 -1.62 -2.10 -4.72
C SER A 21 -2.42 -2.21 -3.41
N THR A 22 -3.02 -3.38 -3.16
CA THR A 22 -3.86 -3.60 -1.98
C THR A 22 -3.26 -4.67 -1.06
N TYR A 23 -3.61 -4.59 0.23
CA TYR A 23 -3.10 -5.56 1.23
C TYR A 23 -3.35 -7.02 0.80
N GLY A 24 -4.56 -7.29 0.32
CA GLY A 24 -4.89 -8.64 -0.14
C GLY A 24 -4.10 -9.06 -1.37
N GLU A 25 -3.92 -8.12 -2.30
CA GLU A 25 -3.19 -8.37 -3.55
C GLU A 25 -1.69 -8.64 -3.27
N ILE A 26 -1.11 -7.86 -2.36
CA ILE A 26 0.28 -8.06 -1.91
C ILE A 26 0.47 -9.47 -1.33
N ALA A 27 -0.41 -9.84 -0.39
CA ALA A 27 -0.36 -11.18 0.23
C ALA A 27 -0.42 -12.29 -0.83
N LYS A 28 -1.34 -12.17 -1.79
CA LYS A 28 -1.47 -13.14 -2.86
C LYS A 28 -0.16 -13.27 -3.67
N MET A 29 0.37 -12.14 -4.14
CA MET A 29 1.61 -12.13 -4.93
C MET A 29 2.82 -12.60 -4.10
N ALA A 30 2.78 -12.37 -2.79
CA ALA A 30 3.85 -12.79 -1.90
C ALA A 30 3.81 -14.30 -1.60
N GLY A 31 2.66 -14.94 -1.90
CA GLY A 31 2.50 -16.37 -1.66
C GLY A 31 1.83 -16.68 -0.32
N TYR A 32 0.92 -15.82 0.11
CA TYR A 32 0.17 -16.02 1.36
C TYR A 32 -1.31 -15.62 1.20
N PRO A 33 -2.03 -16.17 0.18
CA PRO A 33 -3.44 -15.82 -0.06
C PRO A 33 -4.35 -16.20 1.12
N GLY A 34 -4.75 -15.21 1.91
CA GLY A 34 -5.55 -15.44 3.10
C GLY A 34 -5.12 -14.59 4.28
N TYR A 35 -3.86 -14.15 4.27
CA TYR A 35 -3.32 -13.28 5.33
C TYR A 35 -3.47 -11.80 4.97
N ALA A 36 -4.45 -11.49 4.12
CA ALA A 36 -4.72 -10.12 3.67
C ALA A 36 -4.82 -9.12 4.84
N ARG A 37 -5.59 -9.48 5.86
CA ARG A 37 -5.78 -8.61 7.02
C ARG A 37 -4.47 -8.40 7.80
N HIS A 38 -3.65 -9.45 7.85
CA HIS A 38 -2.36 -9.39 8.53
C HIS A 38 -1.43 -8.36 7.86
N VAL A 39 -1.48 -8.29 6.53
CA VAL A 39 -0.73 -7.29 5.77
C VAL A 39 -1.16 -5.86 6.19
N GLY A 40 -2.48 -5.66 6.25
CA GLY A 40 -3.01 -4.36 6.67
C GLY A 40 -2.65 -4.02 8.11
N LYS A 41 -2.74 -5.01 8.99
CA LYS A 41 -2.38 -4.84 10.41
C LYS A 41 -0.90 -4.45 10.56
N ALA A 42 -0.02 -5.15 9.86
CA ALA A 42 1.43 -4.89 9.92
C ALA A 42 1.78 -3.50 9.38
N LEU A 43 1.32 -3.20 8.17
CA LEU A 43 1.66 -1.93 7.50
C LEU A 43 0.98 -0.74 8.18
N GLY A 44 -0.29 -0.88 8.54
CA GLY A 44 -1.03 0.20 9.19
C GLY A 44 -0.45 0.62 10.54
N ASN A 45 0.32 -0.28 11.16
CA ASN A 45 0.94 -0.01 12.47
C ASN A 45 2.33 0.65 12.31
N LEU A 46 2.82 0.72 11.07
CA LEU A 46 4.13 1.35 10.78
C LEU A 46 4.09 2.86 11.02
N PRO A 47 5.22 3.46 11.45
CA PRO A 47 5.34 4.91 11.65
C PRO A 47 5.52 5.68 10.33
N GLU A 48 5.29 6.99 10.35
CA GLU A 48 5.41 7.84 9.17
C GLU A 48 6.83 7.79 8.58
N GLY A 49 7.82 8.15 9.38
CA GLY A 49 9.18 8.25 8.91
C GLY A 49 9.90 6.90 8.82
N SER A 50 9.43 6.03 7.94
CA SER A 50 10.05 4.71 7.74
C SER A 50 10.77 4.62 6.38
N LYS A 51 11.79 3.79 6.31
CA LYS A 51 12.51 3.54 5.05
C LYS A 51 11.70 2.61 4.13
N LEU A 52 10.63 2.03 4.68
CA LEU A 52 9.70 1.21 3.92
C LEU A 52 8.48 2.03 3.47
N PRO A 53 8.21 2.14 2.16
CA PRO A 53 7.04 2.89 1.68
C PRO A 53 5.72 2.14 1.91
N TRP A 54 5.05 2.44 3.02
CA TRP A 54 3.78 1.79 3.37
C TRP A 54 2.58 2.46 2.68
N PHE A 55 2.75 3.73 2.31
CA PHE A 55 1.69 4.51 1.67
C PHE A 55 1.23 3.92 0.33
N ARG A 56 2.09 3.14 -0.32
CA ARG A 56 1.79 2.55 -1.63
C ARG A 56 0.81 1.37 -1.54
N VAL A 57 0.52 0.89 -0.34
CA VAL A 57 -0.40 -0.24 -0.16
C VAL A 57 -1.64 0.16 0.65
N ILE A 58 -2.81 0.15 -0.01
CA ILE A 58 -4.07 0.56 0.63
C ILE A 58 -5.13 -0.55 0.59
N ASN A 59 -6.35 -0.22 1.00
CA ASN A 59 -7.46 -1.18 0.97
C ASN A 59 -8.19 -1.15 -0.39
N SER A 60 -8.67 -2.31 -0.83
CA SER A 60 -9.27 -2.50 -2.17
C SER A 60 -10.41 -1.51 -2.48
N GLN A 61 -10.94 -0.85 -1.45
CA GLN A 61 -12.00 0.14 -1.61
C GLN A 61 -11.53 1.36 -2.43
N GLY A 62 -10.22 1.47 -2.67
CA GLY A 62 -9.67 2.65 -3.33
C GLY A 62 -9.58 3.84 -2.39
N LYS A 63 -9.25 3.56 -1.14
CA LYS A 63 -9.22 4.57 -0.07
C LYS A 63 -8.02 4.35 0.85
N ILE A 64 -7.59 5.42 1.51
CA ILE A 64 -6.52 5.34 2.52
C ILE A 64 -6.97 4.56 3.76
N SER A 65 -6.15 3.61 4.19
CA SER A 65 -6.45 2.80 5.38
C SER A 65 -6.36 3.63 6.68
N LEU A 66 -5.32 4.44 6.76
CA LEU A 66 -5.12 5.33 7.91
C LEU A 66 -6.15 6.47 7.92
N LYS A 67 -6.35 7.09 9.09
CA LYS A 67 -7.40 8.10 9.26
C LYS A 67 -6.99 9.20 10.26
N GLY A 68 -7.15 10.46 9.85
CA GLY A 68 -6.74 11.58 10.69
C GLY A 68 -5.42 12.20 10.22
N ARG A 69 -4.55 12.55 11.17
CA ARG A 69 -3.24 13.13 10.85
C ARG A 69 -2.40 12.18 9.97
N ASP A 70 -2.45 10.88 10.29
CA ASP A 70 -1.75 9.85 9.54
C ASP A 70 -2.28 9.73 8.10
N LEU A 71 -3.59 9.94 7.92
CA LEU A 71 -4.19 9.98 6.58
C LEU A 71 -3.51 11.04 5.72
N ASP A 72 -3.27 12.21 6.30
CA ASP A 72 -2.59 13.31 5.61
C ASP A 72 -1.17 12.90 5.19
N ARG A 73 -0.46 12.20 6.08
CA ARG A 73 0.92 11.76 5.81
C ARG A 73 0.96 10.83 4.58
N GLN A 74 0.09 9.83 4.58
CA GLN A 74 -0.01 8.88 3.46
C GLN A 74 -0.41 9.59 2.15
N LYS A 75 -1.41 10.47 2.24
CA LYS A 75 -1.87 11.24 1.08
C LYS A 75 -0.72 12.05 0.44
N GLN A 76 -0.05 12.87 1.23
CA GLN A 76 1.04 13.72 0.74
C GLN A 76 2.16 12.89 0.07
N LYS A 77 2.46 11.73 0.66
CA LYS A 77 3.46 10.82 0.08
C LYS A 77 3.01 10.30 -1.29
N LEU A 78 1.73 9.91 -1.40
CA LEU A 78 1.17 9.44 -2.67
C LEU A 78 1.14 10.57 -3.72
N GLU A 79 0.81 11.78 -3.29
CA GLU A 79 0.81 12.94 -4.19
C GLU A 79 2.23 13.31 -4.65
N ALA A 80 3.23 12.86 -3.89
CA ALA A 80 4.63 13.01 -4.30
C ALA A 80 4.92 12.22 -5.59
N GLU A 81 4.20 11.11 -5.76
CA GLU A 81 4.28 10.31 -6.99
C GLU A 81 3.28 10.83 -8.05
N GLY A 82 2.69 12.00 -7.79
CA GLY A 82 1.74 12.60 -8.73
C GLY A 82 0.44 11.81 -8.85
N ILE A 83 0.04 11.13 -7.77
CA ILE A 83 -1.19 10.35 -7.77
C ILE A 83 -2.42 11.22 -7.46
N GLU A 84 -3.44 11.10 -8.31
CA GLU A 84 -4.70 11.83 -8.11
C GLU A 84 -5.45 11.31 -6.86
N VAL A 85 -5.20 11.94 -5.73
CA VAL A 85 -5.86 11.56 -4.46
C VAL A 85 -6.97 12.54 -4.10
N SER A 86 -8.20 12.04 -3.96
CA SER A 86 -9.31 12.86 -3.48
C SER A 86 -9.08 13.26 -2.01
N GLU A 87 -9.55 14.44 -1.63
CA GLU A 87 -9.26 15.03 -0.30
C GLU A 87 -9.51 14.07 0.89
N ILE A 88 -10.50 13.20 0.80
CA ILE A 88 -10.76 12.20 1.87
C ILE A 88 -9.90 10.93 1.71
N GLY A 89 -8.82 11.04 0.93
CA GLY A 89 -7.94 9.91 0.71
C GLY A 89 -8.51 8.84 -0.20
N LYS A 90 -8.96 9.24 -1.40
CA LYS A 90 -9.48 8.28 -2.38
C LYS A 90 -8.61 8.24 -3.67
N ILE A 91 -8.37 7.02 -4.17
CA ILE A 91 -7.56 6.81 -5.37
C ILE A 91 -8.27 5.88 -6.36
N ALA A 92 -8.24 6.22 -7.66
CA ALA A 92 -8.83 5.36 -8.68
C ALA A 92 -7.88 4.19 -9.05
N LEU A 93 -8.06 3.05 -8.37
CA LEU A 93 -7.24 1.87 -8.61
C LEU A 93 -7.33 1.42 -10.08
N ARG A 94 -8.46 1.73 -10.71
CA ARG A 94 -8.71 1.40 -12.12
C ARG A 94 -7.53 1.77 -13.03
N LYS A 95 -6.91 2.92 -12.76
CA LYS A 95 -5.77 3.40 -13.56
C LYS A 95 -4.45 3.39 -12.77
N TYR A 96 -4.54 3.28 -11.44
CA TYR A 96 -3.33 3.26 -10.59
C TYR A 96 -2.98 1.84 -10.12
N LYS A 97 -3.65 0.83 -10.69
CA LYS A 97 -3.37 -0.57 -10.34
C LYS A 97 -2.00 -1.03 -10.85
N TRP A 98 -1.22 -1.63 -9.97
CA TRP A 98 0.12 -2.14 -10.32
C TRP A 98 0.05 -3.56 -10.89
N GLN A 99 0.74 -3.78 -12.01
CA GLN A 99 0.86 -5.11 -12.61
C GLN A 99 2.34 -5.55 -12.68
N PRO A 100 2.79 -6.39 -11.72
CA PRO A 100 4.17 -6.90 -11.69
C PRO A 100 4.49 -7.75 -12.94
N LEU A 101 3.47 -8.39 -13.49
CA LEU A 101 3.61 -9.18 -14.71
C LEU A 101 3.50 -8.29 -15.96
N GLU A 102 4.63 -7.80 -16.45
CA GLU A 102 4.66 -6.96 -17.66
C GLU A 102 4.91 -7.81 -18.92
N MET A 1 13.50 -11.80 11.26
CA MET A 1 12.18 -11.59 10.59
C MET A 1 11.76 -12.84 9.81
N ASP A 2 10.60 -13.39 10.13
CA ASP A 2 10.15 -14.66 9.55
C ASP A 2 9.49 -14.50 8.17
N GLN A 3 9.18 -15.64 7.53
CA GLN A 3 8.71 -15.70 6.13
C GLN A 3 7.59 -14.70 5.82
N PHE A 4 6.49 -14.74 6.59
CA PHE A 4 5.34 -13.86 6.34
C PHE A 4 5.75 -12.41 6.08
N LEU A 5 6.47 -11.82 7.03
CA LEU A 5 6.94 -10.44 6.91
C LEU A 5 7.97 -10.29 5.78
N VAL A 6 8.89 -11.24 5.68
CA VAL A 6 9.92 -11.24 4.64
C VAL A 6 9.31 -11.18 3.22
N GLN A 7 8.23 -11.93 3.01
CA GLN A 7 7.57 -12.00 1.70
C GLN A 7 6.83 -10.69 1.37
N ILE A 8 5.90 -10.30 2.25
CA ILE A 8 5.08 -9.10 2.02
C ILE A 8 5.95 -7.84 1.88
N PHE A 9 6.97 -7.70 2.73
CA PHE A 9 7.91 -6.57 2.64
C PHE A 9 8.63 -6.57 1.30
N ALA A 10 9.17 -7.73 0.91
CA ALA A 10 9.89 -7.87 -0.37
C ALA A 10 9.07 -7.38 -1.56
N VAL A 11 7.78 -7.70 -1.55
CA VAL A 11 6.87 -7.25 -2.62
C VAL A 11 6.67 -5.72 -2.58
N ILE A 12 6.41 -5.19 -1.40
CA ILE A 12 6.14 -3.75 -1.22
C ILE A 12 7.36 -2.88 -1.60
N HIS A 13 8.57 -3.38 -1.32
CA HIS A 13 9.81 -2.69 -1.73
C HIS A 13 9.88 -2.50 -3.26
N GLN A 14 9.08 -3.27 -4.00
CA GLN A 14 9.14 -3.27 -5.47
C GLN A 14 7.97 -2.51 -6.13
N ILE A 15 7.20 -1.75 -5.34
CA ILE A 15 6.11 -0.95 -5.91
C ILE A 15 6.68 0.22 -6.75
N PRO A 16 6.35 0.28 -8.07
CA PRO A 16 6.91 1.29 -8.98
C PRO A 16 6.35 2.71 -8.73
N LYS A 17 7.08 3.71 -9.22
CA LYS A 17 6.72 5.12 -9.01
C LYS A 17 5.39 5.46 -9.70
N GLY A 18 4.55 6.24 -9.00
CA GLY A 18 3.26 6.66 -9.56
C GLY A 18 2.17 5.59 -9.46
N LYS A 19 2.55 4.35 -9.19
CA LYS A 19 1.59 3.25 -9.06
C LYS A 19 1.44 2.78 -7.60
N VAL A 20 0.27 2.21 -7.29
CA VAL A 20 -0.02 1.68 -5.96
C VAL A 20 -0.62 0.27 -6.06
N SER A 21 -0.91 -0.34 -4.92
CA SER A 21 -1.53 -1.68 -4.90
C SER A 21 -2.41 -1.87 -3.66
N THR A 22 -2.97 -3.08 -3.51
CA THR A 22 -3.91 -3.38 -2.41
C THR A 22 -3.39 -4.55 -1.54
N TYR A 23 -3.79 -4.55 -0.27
CA TYR A 23 -3.38 -5.60 0.66
C TYR A 23 -3.73 -7.01 0.13
N GLY A 24 -4.88 -7.13 -0.53
CA GLY A 24 -5.28 -8.40 -1.12
C GLY A 24 -4.29 -8.91 -2.16
N GLU A 25 -3.90 -8.03 -3.09
CA GLU A 25 -2.93 -8.38 -4.13
C GLU A 25 -1.54 -8.68 -3.53
N ILE A 26 -1.13 -7.88 -2.55
CA ILE A 26 0.13 -8.12 -1.85
C ILE A 26 0.14 -9.52 -1.21
N ALA A 27 -0.95 -9.86 -0.53
CA ALA A 27 -1.11 -11.18 0.09
C ALA A 27 -1.02 -12.31 -0.96
N LYS A 28 -1.75 -12.13 -2.08
CA LYS A 28 -1.73 -13.10 -3.19
C LYS A 28 -0.30 -13.33 -3.73
N MET A 29 0.43 -12.24 -3.92
CA MET A 29 1.80 -12.31 -4.44
C MET A 29 2.79 -12.86 -3.39
N ALA A 30 2.51 -12.61 -2.12
CA ALA A 30 3.33 -13.12 -1.01
C ALA A 30 3.02 -14.59 -0.70
N GLY A 31 1.85 -15.07 -1.13
CA GLY A 31 1.47 -16.45 -0.90
C GLY A 31 0.63 -16.63 0.37
N TYR A 32 0.01 -15.57 0.84
CA TYR A 32 -0.84 -15.61 2.04
C TYR A 32 -2.23 -15.00 1.77
N PRO A 33 -3.05 -15.64 0.92
CA PRO A 33 -4.31 -15.07 0.41
C PRO A 33 -5.29 -14.61 1.50
N GLY A 34 -5.30 -15.31 2.64
CA GLY A 34 -6.26 -14.97 3.71
C GLY A 34 -5.71 -13.96 4.72
N TYR A 35 -4.44 -13.59 4.58
CA TYR A 35 -3.78 -12.70 5.54
C TYR A 35 -3.74 -11.23 5.08
N ALA A 36 -4.63 -10.87 4.15
CA ALA A 36 -4.69 -9.50 3.60
C ALA A 36 -4.71 -8.42 4.69
N ARG A 37 -5.64 -8.55 5.64
CA ARG A 37 -5.78 -7.58 6.73
C ARG A 37 -4.57 -7.61 7.68
N HIS A 38 -4.02 -8.81 7.90
CA HIS A 38 -2.83 -8.98 8.74
C HIS A 38 -1.64 -8.18 8.21
N VAL A 39 -1.48 -8.14 6.89
CA VAL A 39 -0.43 -7.34 6.25
C VAL A 39 -0.56 -5.85 6.62
N GLY A 40 -1.74 -5.29 6.38
CA GLY A 40 -1.99 -3.89 6.70
C GLY A 40 -1.80 -3.57 8.18
N LYS A 41 -2.31 -4.45 9.05
CA LYS A 41 -2.19 -4.27 10.50
C LYS A 41 -0.72 -4.28 10.93
N ALA A 42 0.10 -5.06 10.22
CA ALA A 42 1.55 -5.12 10.49
C ALA A 42 2.27 -3.83 10.06
N LEU A 43 1.92 -3.32 8.87
CA LEU A 43 2.53 -2.10 8.33
C LEU A 43 2.29 -0.88 9.22
N GLY A 44 1.28 -0.96 10.10
CA GLY A 44 0.99 0.14 11.02
C GLY A 44 2.04 0.34 12.11
N ASN A 45 3.21 -0.30 11.96
CA ASN A 45 4.33 -0.12 12.90
C ASN A 45 5.46 0.72 12.25
N LEU A 46 5.27 1.10 11.00
CA LEU A 46 6.30 1.83 10.24
C LEU A 46 6.18 3.36 10.42
N PRO A 47 7.32 4.08 10.45
CA PRO A 47 7.33 5.55 10.54
C PRO A 47 7.02 6.25 9.20
N GLU A 48 6.93 7.58 9.22
CA GLU A 48 6.58 8.35 8.02
C GLU A 48 7.70 8.32 6.96
N GLY A 49 8.95 8.26 7.41
CA GLY A 49 10.09 8.22 6.51
C GLY A 49 10.77 6.86 6.48
N SER A 50 9.97 5.80 6.35
CA SER A 50 10.49 4.43 6.34
C SER A 50 11.07 4.05 4.97
N LYS A 51 12.00 3.10 4.97
CA LYS A 51 12.57 2.56 3.73
C LYS A 51 11.50 1.75 2.97
N LEU A 52 10.75 0.94 3.73
CA LEU A 52 9.62 0.18 3.20
C LEU A 52 8.40 1.10 3.00
N PRO A 53 8.03 1.40 1.74
CA PRO A 53 6.94 2.35 1.47
C PRO A 53 5.54 1.75 1.70
N TRP A 54 5.00 1.98 2.89
CA TRP A 54 3.64 1.52 3.24
C TRP A 54 2.56 2.36 2.55
N PHE A 55 2.87 3.63 2.30
CA PHE A 55 1.92 4.58 1.72
C PHE A 55 1.47 4.20 0.29
N ARG A 56 2.06 3.14 -0.26
CA ARG A 56 1.74 2.71 -1.64
C ARG A 56 0.76 1.53 -1.65
N VAL A 57 0.41 1.03 -0.48
CA VAL A 57 -0.48 -0.15 -0.37
C VAL A 57 -1.77 0.20 0.40
N ILE A 58 -2.88 0.29 -0.33
CA ILE A 58 -4.18 0.63 0.26
C ILE A 58 -5.12 -0.59 0.34
N ASN A 59 -6.40 -0.36 0.67
CA ASN A 59 -7.36 -1.46 0.78
C ASN A 59 -8.00 -1.79 -0.58
N SER A 60 -8.53 -3.01 -0.70
CA SER A 60 -9.02 -3.56 -1.97
C SER A 60 -10.04 -2.64 -2.69
N GLN A 61 -10.79 -1.83 -1.93
CA GLN A 61 -11.83 -0.97 -2.51
C GLN A 61 -11.29 0.42 -2.94
N GLY A 62 -9.98 0.53 -3.11
CA GLY A 62 -9.40 1.77 -3.64
C GLY A 62 -9.56 3.00 -2.74
N LYS A 63 -9.22 2.85 -1.46
CA LYS A 63 -9.30 3.97 -0.50
C LYS A 63 -8.14 3.90 0.50
N ILE A 64 -7.86 5.02 1.15
CA ILE A 64 -6.79 5.07 2.15
C ILE A 64 -7.19 4.32 3.42
N SER A 65 -6.48 3.23 3.70
CA SER A 65 -6.75 2.40 4.89
C SER A 65 -6.42 3.16 6.18
N LEU A 66 -5.15 3.52 6.34
CA LEU A 66 -4.72 4.30 7.50
C LEU A 66 -5.30 5.71 7.45
N LYS A 67 -6.29 5.97 8.30
CA LYS A 67 -6.99 7.26 8.30
C LYS A 67 -6.75 8.05 9.60
N GLY A 68 -7.18 9.31 9.60
CA GLY A 68 -6.80 10.24 10.65
C GLY A 68 -5.64 11.12 10.21
N ARG A 69 -4.63 11.28 11.06
CA ARG A 69 -3.40 11.99 10.66
C ARG A 69 -2.63 11.15 9.62
N ASP A 70 -2.79 9.84 9.69
CA ASP A 70 -2.19 8.92 8.73
C ASP A 70 -2.73 9.18 7.31
N LEU A 71 -3.99 9.60 7.21
CA LEU A 71 -4.64 9.86 5.93
C LEU A 71 -3.93 10.99 5.16
N ASP A 72 -3.85 12.18 5.79
CA ASP A 72 -3.21 13.33 5.16
C ASP A 72 -1.70 13.12 5.00
N ARG A 73 -1.10 12.40 5.95
CA ARG A 73 0.33 12.03 5.86
C ARG A 73 0.58 11.20 4.58
N GLN A 74 -0.22 10.15 4.38
CA GLN A 74 -0.12 9.31 3.19
C GLN A 74 -0.47 10.11 1.92
N LYS A 75 -1.49 10.96 2.03
CA LYS A 75 -1.90 11.83 0.93
C LYS A 75 -0.73 12.67 0.40
N GLN A 76 -0.02 13.34 1.31
CA GLN A 76 1.15 14.15 0.94
C GLN A 76 2.26 13.29 0.30
N LYS A 77 2.40 12.05 0.75
CA LYS A 77 3.32 11.09 0.13
C LYS A 77 2.92 10.79 -1.32
N LEU A 78 1.62 10.57 -1.53
CA LEU A 78 1.09 10.29 -2.86
C LEU A 78 1.20 11.53 -3.78
N GLU A 79 0.99 12.71 -3.20
CA GLU A 79 1.16 13.98 -3.94
C GLU A 79 2.60 14.12 -4.46
N ALA A 80 3.56 13.67 -3.65
CA ALA A 80 4.97 13.66 -4.07
C ALA A 80 5.18 12.74 -5.29
N GLU A 81 4.34 11.70 -5.39
CA GLU A 81 4.35 10.79 -6.54
C GLU A 81 3.52 11.35 -7.71
N GLY A 82 2.71 12.37 -7.43
CA GLY A 82 1.84 12.95 -8.44
C GLY A 82 0.54 12.17 -8.62
N ILE A 83 0.05 11.57 -7.53
CA ILE A 83 -1.16 10.74 -7.55
C ILE A 83 -2.42 11.54 -7.18
N GLU A 84 -3.44 11.45 -8.05
CA GLU A 84 -4.73 12.10 -7.80
C GLU A 84 -5.48 11.45 -6.63
N VAL A 85 -5.33 12.04 -5.45
CA VAL A 85 -6.04 11.56 -4.25
C VAL A 85 -7.39 12.28 -4.08
N SER A 86 -8.48 11.54 -4.16
CA SER A 86 -9.83 12.11 -3.98
C SER A 86 -10.02 12.66 -2.56
N GLU A 87 -10.66 13.82 -2.47
CA GLU A 87 -10.84 14.58 -1.21
C GLU A 87 -11.22 13.68 -0.01
N ILE A 88 -12.10 12.72 -0.25
CA ILE A 88 -12.59 11.84 0.82
C ILE A 88 -11.61 10.70 1.17
N GLY A 89 -10.36 10.83 0.73
CA GLY A 89 -9.35 9.80 0.99
C GLY A 89 -9.53 8.56 0.11
N LYS A 90 -9.83 8.78 -1.16
CA LYS A 90 -10.08 7.68 -2.11
C LYS A 90 -9.11 7.75 -3.31
N ILE A 91 -8.67 6.59 -3.80
CA ILE A 91 -7.72 6.53 -4.92
C ILE A 91 -8.32 5.77 -6.12
N ALA A 92 -8.13 6.31 -7.32
CA ALA A 92 -8.62 5.68 -8.54
C ALA A 92 -7.68 4.58 -9.03
N LEU A 93 -7.95 3.34 -8.63
CA LEU A 93 -7.10 2.20 -8.98
C LEU A 93 -7.00 2.00 -10.51
N ARG A 94 -8.07 2.25 -11.24
CA ARG A 94 -8.07 2.07 -12.71
C ARG A 94 -6.91 2.82 -13.38
N LYS A 95 -6.46 3.91 -12.77
CA LYS A 95 -5.36 4.72 -13.32
C LYS A 95 -4.08 4.64 -12.45
N TYR A 96 -4.19 4.02 -11.27
CA TYR A 96 -3.01 3.87 -10.37
C TYR A 96 -2.75 2.39 -9.96
N LYS A 97 -3.39 1.45 -10.66
CA LYS A 97 -3.22 0.01 -10.35
C LYS A 97 -1.86 -0.53 -10.84
N TRP A 98 -1.23 -1.38 -10.02
CA TRP A 98 0.02 -2.03 -10.40
C TRP A 98 -0.22 -3.46 -10.90
N GLN A 99 0.37 -3.79 -12.05
CA GLN A 99 0.26 -5.13 -12.63
C GLN A 99 1.63 -5.83 -12.67
N PRO A 100 1.91 -6.73 -11.71
CA PRO A 100 3.17 -7.50 -11.66
C PRO A 100 3.41 -8.32 -12.93
N LEU A 101 2.38 -9.05 -13.36
CA LEU A 101 2.40 -9.78 -14.63
C LEU A 101 1.39 -9.17 -15.61
N GLU A 102 1.90 -8.37 -16.55
CA GLU A 102 1.04 -7.67 -17.52
C GLU A 102 0.33 -8.64 -18.48
N MET A 1 12.83 -10.42 11.43
CA MET A 1 11.51 -10.03 12.00
C MET A 1 10.47 -11.16 11.89
N ASP A 2 10.12 -11.54 10.66
CA ASP A 2 9.10 -12.57 10.42
C ASP A 2 9.03 -12.91 8.92
N GLN A 3 9.12 -14.20 8.59
CA GLN A 3 9.17 -14.64 7.19
C GLN A 3 7.97 -14.16 6.38
N PHE A 4 6.78 -14.21 6.98
CA PHE A 4 5.57 -13.68 6.35
C PHE A 4 5.75 -12.19 5.98
N LEU A 5 6.16 -11.39 6.96
CA LEU A 5 6.39 -9.96 6.76
C LEU A 5 7.45 -9.71 5.67
N VAL A 6 8.57 -10.41 5.76
CA VAL A 6 9.67 -10.26 4.79
C VAL A 6 9.20 -10.47 3.34
N GLN A 7 8.38 -11.51 3.12
CA GLN A 7 7.88 -11.84 1.78
C GLN A 7 6.90 -10.78 1.25
N ILE A 8 5.87 -10.46 2.02
CA ILE A 8 4.88 -9.46 1.61
C ILE A 8 5.54 -8.09 1.36
N PHE A 9 6.50 -7.72 2.20
CA PHE A 9 7.25 -6.48 2.03
C PHE A 9 8.08 -6.50 0.73
N ALA A 10 8.67 -7.67 0.44
CA ALA A 10 9.45 -7.85 -0.79
C ALA A 10 8.61 -7.54 -2.04
N VAL A 11 7.33 -7.86 -1.98
CA VAL A 11 6.39 -7.51 -3.05
C VAL A 11 6.16 -5.99 -3.11
N ILE A 12 6.07 -5.37 -1.93
CA ILE A 12 5.86 -3.92 -1.82
C ILE A 12 7.06 -3.11 -2.35
N HIS A 13 8.27 -3.63 -2.13
CA HIS A 13 9.48 -2.99 -2.67
C HIS A 13 9.46 -2.96 -4.21
N GLN A 14 8.63 -3.81 -4.81
CA GLN A 14 8.55 -3.93 -6.27
C GLN A 14 7.48 -3.00 -6.88
N ILE A 15 6.88 -2.13 -6.06
CA ILE A 15 5.90 -1.15 -6.57
C ILE A 15 6.61 0.03 -7.24
N PRO A 16 6.25 0.37 -8.50
CA PRO A 16 6.86 1.49 -9.22
C PRO A 16 6.36 2.87 -8.73
N LYS A 17 7.06 3.92 -9.16
CA LYS A 17 6.74 5.29 -8.76
C LYS A 17 5.34 5.72 -9.26
N GLY A 18 4.52 6.23 -8.35
CA GLY A 18 3.21 6.76 -8.72
C GLY A 18 2.14 5.70 -8.94
N LYS A 19 2.40 4.48 -8.47
CA LYS A 19 1.41 3.40 -8.55
C LYS A 19 1.09 2.83 -7.16
N VAL A 20 -0.11 2.27 -7.02
CA VAL A 20 -0.56 1.72 -5.73
C VAL A 20 -0.89 0.22 -5.84
N SER A 21 -1.12 -0.41 -4.69
CA SER A 21 -1.47 -1.83 -4.64
C SER A 21 -2.42 -2.10 -3.46
N THR A 22 -2.97 -3.31 -3.41
CA THR A 22 -3.91 -3.69 -2.34
C THR A 22 -3.32 -4.78 -1.43
N TYR A 23 -3.65 -4.71 -0.14
CA TYR A 23 -3.18 -5.72 0.84
C TYR A 23 -3.50 -7.15 0.36
N GLY A 24 -4.69 -7.31 -0.24
CA GLY A 24 -5.11 -8.60 -0.75
C GLY A 24 -4.21 -9.14 -1.86
N GLU A 25 -3.81 -8.27 -2.79
CA GLU A 25 -2.95 -8.70 -3.91
C GLU A 25 -1.50 -8.88 -3.46
N ILE A 26 -1.02 -8.01 -2.57
CA ILE A 26 0.34 -8.13 -2.02
C ILE A 26 0.56 -9.51 -1.38
N ALA A 27 -0.27 -9.83 -0.39
CA ALA A 27 -0.19 -11.14 0.28
C ALA A 27 -0.40 -12.29 -0.73
N LYS A 28 -1.41 -12.14 -1.59
CA LYS A 28 -1.71 -13.12 -2.65
C LYS A 28 -0.46 -13.50 -3.47
N MET A 29 0.27 -12.49 -3.94
CA MET A 29 1.47 -12.72 -4.77
C MET A 29 2.70 -13.08 -3.93
N ALA A 30 2.66 -12.77 -2.64
CA ALA A 30 3.75 -13.15 -1.71
C ALA A 30 3.64 -14.63 -1.30
N GLY A 31 2.55 -15.28 -1.68
CA GLY A 31 2.34 -16.69 -1.34
C GLY A 31 1.48 -16.90 -0.10
N TYR A 32 0.79 -15.84 0.32
CA TYR A 32 -0.10 -15.90 1.49
C TYR A 32 -1.49 -15.31 1.15
N PRO A 33 -2.41 -16.13 0.61
CA PRO A 33 -3.72 -15.64 0.12
C PRO A 33 -4.61 -15.02 1.21
N GLY A 34 -4.83 -15.73 2.32
CA GLY A 34 -5.75 -15.26 3.34
C GLY A 34 -5.08 -14.58 4.52
N TYR A 35 -4.31 -13.53 4.25
CA TYR A 35 -3.61 -12.77 5.32
C TYR A 35 -3.59 -11.25 5.04
N ALA A 36 -4.51 -10.77 4.22
CA ALA A 36 -4.55 -9.35 3.83
C ALA A 36 -4.59 -8.41 5.05
N ARG A 37 -5.40 -8.75 6.05
CA ARG A 37 -5.52 -7.94 7.27
C ARG A 37 -4.17 -7.82 8.00
N HIS A 38 -3.48 -8.95 8.15
CA HIS A 38 -2.19 -8.99 8.85
C HIS A 38 -1.15 -8.09 8.16
N VAL A 39 -1.20 -8.06 6.82
CA VAL A 39 -0.35 -7.15 6.04
C VAL A 39 -0.62 -5.68 6.40
N GLY A 40 -1.90 -5.30 6.35
CA GLY A 40 -2.29 -3.93 6.69
C GLY A 40 -1.90 -3.53 8.11
N LYS A 41 -2.07 -4.45 9.06
CA LYS A 41 -1.70 -4.22 10.47
C LYS A 41 -0.19 -3.93 10.60
N ALA A 42 0.62 -4.67 9.87
CA ALA A 42 2.08 -4.50 9.90
C ALA A 42 2.50 -3.15 9.30
N LEU A 43 1.99 -2.85 8.11
CA LEU A 43 2.31 -1.59 7.42
C LEU A 43 1.85 -0.37 8.22
N GLY A 44 0.70 -0.49 8.88
CA GLY A 44 0.18 0.60 9.70
C GLY A 44 1.08 0.95 10.89
N ASN A 45 2.02 0.05 11.21
CA ASN A 45 2.94 0.26 12.34
C ASN A 45 4.27 0.89 11.89
N LEU A 46 4.41 1.15 10.59
CA LEU A 46 5.63 1.76 10.04
C LEU A 46 5.59 3.30 10.16
N PRO A 47 6.75 3.94 10.34
CA PRO A 47 6.85 5.42 10.34
C PRO A 47 6.68 5.98 8.92
N GLU A 48 6.28 7.26 8.81
CA GLU A 48 6.09 7.89 7.50
C GLU A 48 7.33 7.71 6.61
N GLY A 49 8.47 8.20 7.08
CA GLY A 49 9.72 8.04 6.33
C GLY A 49 10.38 6.69 6.60
N SER A 50 9.63 5.61 6.36
CA SER A 50 10.15 4.25 6.55
C SER A 50 11.03 3.80 5.38
N LYS A 51 11.85 2.78 5.61
CA LYS A 51 12.65 2.16 4.54
C LYS A 51 11.73 1.47 3.51
N LEU A 52 10.57 1.02 3.99
CA LEU A 52 9.57 0.37 3.14
C LEU A 52 8.43 1.35 2.80
N PRO A 53 8.21 1.67 1.51
CA PRO A 53 7.09 2.52 1.11
C PRO A 53 5.73 1.86 1.37
N TRP A 54 5.14 2.18 2.51
CA TRP A 54 3.86 1.58 2.93
C TRP A 54 2.67 2.35 2.35
N PHE A 55 2.83 3.65 2.18
CA PHE A 55 1.76 4.54 1.68
C PHE A 55 1.15 4.07 0.35
N ARG A 56 1.93 3.33 -0.45
CA ARG A 56 1.46 2.85 -1.76
C ARG A 56 0.42 1.72 -1.65
N VAL A 57 0.40 1.03 -0.52
CA VAL A 57 -0.48 -0.14 -0.35
C VAL A 57 -1.76 0.22 0.42
N ILE A 58 -2.90 0.22 -0.29
CA ILE A 58 -4.19 0.56 0.32
C ILE A 58 -5.16 -0.65 0.29
N ASN A 59 -6.42 -0.41 0.60
CA ASN A 59 -7.44 -1.46 0.60
C ASN A 59 -7.96 -1.75 -0.83
N SER A 60 -8.69 -2.85 -0.99
CA SER A 60 -9.25 -3.21 -2.32
C SER A 60 -10.54 -2.41 -2.62
N GLN A 61 -10.80 -1.39 -1.80
CA GLN A 61 -11.96 -0.52 -1.99
C GLN A 61 -11.57 0.75 -2.77
N GLY A 62 -10.27 1.01 -2.85
CA GLY A 62 -9.78 2.20 -3.55
C GLY A 62 -9.69 3.43 -2.65
N LYS A 63 -9.29 3.23 -1.40
CA LYS A 63 -9.18 4.34 -0.44
C LYS A 63 -8.02 4.12 0.55
N ILE A 64 -7.48 5.21 1.08
CA ILE A 64 -6.45 5.16 2.12
C ILE A 64 -6.95 4.37 3.35
N SER A 65 -6.08 3.52 3.92
CA SER A 65 -6.45 2.66 5.05
C SER A 65 -6.47 3.41 6.39
N LEU A 66 -5.59 4.40 6.53
CA LEU A 66 -5.50 5.18 7.77
C LEU A 66 -6.69 6.14 7.94
N LYS A 67 -6.81 6.74 9.13
CA LYS A 67 -7.90 7.66 9.44
C LYS A 67 -7.41 8.81 10.32
N GLY A 68 -7.94 10.01 10.10
CA GLY A 68 -7.51 11.18 10.87
C GLY A 68 -6.30 11.87 10.23
N ARG A 69 -5.49 12.56 11.05
CA ARG A 69 -4.30 13.26 10.55
C ARG A 69 -3.23 12.29 10.05
N ASP A 70 -3.24 11.06 10.55
CA ASP A 70 -2.33 10.03 10.07
C ASP A 70 -2.63 9.67 8.60
N LEU A 71 -3.89 9.88 8.20
CA LEU A 71 -4.30 9.73 6.80
C LEU A 71 -3.62 10.83 5.95
N ASP A 72 -3.56 12.04 6.49
CA ASP A 72 -2.88 13.16 5.84
C ASP A 72 -1.42 12.81 5.53
N ARG A 73 -0.72 12.19 6.49
CA ARG A 73 0.66 11.73 6.28
C ARG A 73 0.77 10.86 5.02
N GLN A 74 -0.04 9.82 4.95
CA GLN A 74 -0.03 8.92 3.79
C GLN A 74 -0.39 9.68 2.50
N LYS A 75 -1.43 10.50 2.58
CA LYS A 75 -1.89 11.32 1.45
C LYS A 75 -0.75 12.15 0.84
N GLN A 76 -0.08 12.94 1.68
CA GLN A 76 1.01 13.80 1.21
C GLN A 76 2.15 12.99 0.57
N LYS A 77 2.37 11.78 1.08
CA LYS A 77 3.38 10.87 0.49
C LYS A 77 2.94 10.40 -0.90
N LEU A 78 1.65 10.11 -1.04
CA LEU A 78 1.07 9.72 -2.32
C LEU A 78 1.21 10.85 -3.35
N GLU A 79 0.93 12.08 -2.93
CA GLU A 79 1.10 13.25 -3.79
C GLU A 79 2.57 13.48 -4.15
N ALA A 80 3.48 13.09 -3.26
CA ALA A 80 4.92 13.11 -3.55
C ALA A 80 5.27 12.10 -4.66
N GLU A 81 4.42 11.09 -4.83
CA GLU A 81 4.52 10.13 -5.92
C GLU A 81 3.74 10.58 -7.16
N GLY A 82 3.11 11.76 -7.07
CA GLY A 82 2.29 12.26 -8.17
C GLY A 82 0.93 11.57 -8.29
N ILE A 83 0.54 10.85 -7.23
CA ILE A 83 -0.73 10.13 -7.21
C ILE A 83 -1.91 11.06 -6.90
N GLU A 84 -2.89 11.07 -7.79
CA GLU A 84 -4.11 11.86 -7.61
C GLU A 84 -4.95 11.32 -6.45
N VAL A 85 -4.73 11.88 -5.26
CA VAL A 85 -5.52 11.50 -4.08
C VAL A 85 -6.87 12.24 -4.08
N SER A 86 -7.94 11.52 -4.38
CA SER A 86 -9.29 12.11 -4.42
C SER A 86 -9.67 12.70 -3.05
N GLU A 87 -10.40 13.82 -3.08
CA GLU A 87 -10.72 14.64 -1.89
C GLU A 87 -10.95 13.82 -0.59
N ILE A 88 -11.79 12.79 -0.65
CA ILE A 88 -12.13 11.99 0.53
C ILE A 88 -11.13 10.85 0.79
N GLY A 89 -9.89 11.01 0.32
CA GLY A 89 -8.84 10.02 0.56
C GLY A 89 -8.94 8.79 -0.33
N LYS A 90 -9.51 8.96 -1.53
CA LYS A 90 -9.66 7.83 -2.47
C LYS A 90 -8.56 7.81 -3.53
N ILE A 91 -8.23 6.61 -4.00
CA ILE A 91 -7.27 6.42 -5.09
C ILE A 91 -7.89 5.58 -6.21
N ALA A 92 -8.07 6.17 -7.39
CA ALA A 92 -8.67 5.47 -8.52
C ALA A 92 -7.78 4.30 -8.98
N LEU A 93 -8.07 3.10 -8.48
CA LEU A 93 -7.29 1.90 -8.80
C LEU A 93 -7.18 1.66 -10.32
N ARG A 94 -8.26 1.91 -11.04
CA ARG A 94 -8.30 1.68 -12.50
C ARG A 94 -7.17 2.42 -13.25
N LYS A 95 -6.64 3.49 -12.65
CA LYS A 95 -5.56 4.27 -13.28
C LYS A 95 -4.22 4.16 -12.52
N TYR A 96 -4.26 3.68 -11.28
CA TYR A 96 -3.03 3.55 -10.46
C TYR A 96 -2.70 2.11 -10.06
N LYS A 97 -3.47 1.13 -10.52
CA LYS A 97 -3.22 -0.26 -10.14
C LYS A 97 -1.87 -0.76 -10.70
N TRP A 98 -1.14 -1.50 -9.87
CA TRP A 98 0.15 -2.05 -10.26
C TRP A 98 -0.01 -3.34 -11.09
N GLN A 99 0.57 -3.33 -12.29
CA GLN A 99 0.59 -4.50 -13.16
C GLN A 99 1.96 -5.21 -13.08
N PRO A 100 2.05 -6.34 -12.33
CA PRO A 100 3.31 -7.07 -12.15
C PRO A 100 3.70 -7.96 -13.34
N LEU A 101 2.92 -7.87 -14.42
CA LEU A 101 3.13 -8.70 -15.61
C LEU A 101 2.76 -7.94 -16.91
N GLU A 102 3.76 -7.28 -17.51
CA GLU A 102 3.55 -6.51 -18.75
C GLU A 102 4.25 -7.16 -19.96
N MET A 1 8.17 -11.93 13.36
CA MET A 1 8.26 -11.62 11.90
C MET A 1 8.00 -12.89 11.09
N ASP A 2 8.68 -13.98 11.47
CA ASP A 2 8.34 -15.33 11.00
C ASP A 2 8.30 -15.46 9.46
N GLN A 3 9.14 -14.70 8.77
CA GLN A 3 9.19 -14.71 7.30
C GLN A 3 7.94 -14.10 6.62
N PHE A 4 6.78 -14.20 7.26
CA PHE A 4 5.54 -13.58 6.73
C PHE A 4 5.78 -12.12 6.32
N LEU A 5 6.24 -11.31 7.28
CA LEU A 5 6.53 -9.90 7.03
C LEU A 5 7.64 -9.74 5.97
N VAL A 6 8.64 -10.61 6.02
CA VAL A 6 9.76 -10.56 5.07
C VAL A 6 9.28 -10.66 3.61
N GLN A 7 8.41 -11.63 3.33
CA GLN A 7 7.93 -11.86 1.97
C GLN A 7 7.06 -10.70 1.46
N ILE A 8 6.05 -10.30 2.25
CA ILE A 8 5.15 -9.21 1.82
C ILE A 8 5.91 -7.89 1.59
N PHE A 9 6.90 -7.60 2.45
CA PHE A 9 7.72 -6.39 2.29
C PHE A 9 8.56 -6.45 1.00
N ALA A 10 9.13 -7.62 0.72
CA ALA A 10 9.93 -7.83 -0.49
C ALA A 10 9.12 -7.51 -1.76
N VAL A 11 7.82 -7.77 -1.70
CA VAL A 11 6.90 -7.44 -2.81
C VAL A 11 6.67 -5.92 -2.90
N ILE A 12 6.51 -5.26 -1.75
CA ILE A 12 6.23 -3.82 -1.70
C ILE A 12 7.33 -2.98 -2.36
N HIS A 13 8.59 -3.39 -2.19
CA HIS A 13 9.73 -2.67 -2.79
C HIS A 13 9.72 -2.72 -4.34
N GLN A 14 8.85 -3.55 -4.92
CA GLN A 14 8.82 -3.74 -6.37
C GLN A 14 7.70 -2.94 -7.06
N ILE A 15 7.07 -2.01 -6.35
CA ILE A 15 5.98 -1.21 -6.94
C ILE A 15 6.54 0.00 -7.72
N PRO A 16 6.31 0.07 -9.05
CA PRO A 16 6.80 1.16 -9.90
C PRO A 16 6.35 2.56 -9.45
N LYS A 17 7.11 3.60 -9.82
CA LYS A 17 6.83 4.97 -9.39
C LYS A 17 5.54 5.52 -10.04
N GLY A 18 4.64 6.03 -9.21
CA GLY A 18 3.37 6.57 -9.71
C GLY A 18 2.24 5.54 -9.73
N LYS A 19 2.53 4.32 -9.27
CA LYS A 19 1.51 3.26 -9.19
C LYS A 19 1.38 2.71 -7.75
N VAL A 20 0.21 2.18 -7.42
CA VAL A 20 -0.06 1.64 -6.08
C VAL A 20 -0.62 0.20 -6.14
N SER A 21 -0.80 -0.41 -4.97
CA SER A 21 -1.35 -1.78 -4.88
C SER A 21 -2.22 -1.93 -3.63
N THR A 22 -2.80 -3.12 -3.43
CA THR A 22 -3.67 -3.38 -2.28
C THR A 22 -3.04 -4.37 -1.30
N TYR A 23 -3.51 -4.37 -0.06
CA TYR A 23 -3.05 -5.33 0.95
C TYR A 23 -3.24 -6.78 0.48
N GLY A 24 -4.34 -7.00 -0.25
CA GLY A 24 -4.64 -8.33 -0.78
C GLY A 24 -3.66 -8.76 -1.87
N GLU A 25 -3.52 -7.93 -2.91
CA GLU A 25 -2.59 -8.21 -4.01
C GLU A 25 -1.16 -8.44 -3.52
N ILE A 26 -0.71 -7.63 -2.56
CA ILE A 26 0.62 -7.79 -1.95
C ILE A 26 0.75 -9.16 -1.28
N ALA A 27 -0.26 -9.52 -0.47
CA ALA A 27 -0.29 -10.80 0.22
C ALA A 27 -0.28 -11.99 -0.78
N LYS A 28 -1.10 -11.90 -1.83
CA LYS A 28 -1.16 -12.94 -2.87
C LYS A 28 0.22 -13.16 -3.51
N MET A 29 0.85 -12.08 -3.97
CA MET A 29 2.16 -12.17 -4.62
C MET A 29 3.26 -12.62 -3.65
N ALA A 30 3.01 -12.47 -2.35
CA ALA A 30 3.92 -12.96 -1.32
C ALA A 30 3.69 -14.46 -1.03
N GLY A 31 2.49 -14.95 -1.37
CA GLY A 31 2.16 -16.35 -1.13
C GLY A 31 1.32 -16.56 0.13
N TYR A 32 0.71 -15.49 0.63
CA TYR A 32 -0.16 -15.56 1.81
C TYR A 32 -1.59 -15.04 1.50
N PRO A 33 -2.47 -15.92 0.98
CA PRO A 33 -3.83 -15.53 0.58
C PRO A 33 -4.76 -15.28 1.78
N GLY A 34 -5.52 -14.18 1.74
CA GLY A 34 -6.46 -13.86 2.80
C GLY A 34 -5.85 -12.97 3.90
N TYR A 35 -4.54 -12.79 3.88
CA TYR A 35 -3.84 -11.98 4.89
C TYR A 35 -3.91 -10.47 4.60
N ALA A 36 -4.90 -10.04 3.82
CA ALA A 36 -5.07 -8.62 3.48
C ALA A 36 -5.20 -7.75 4.73
N ARG A 37 -6.09 -8.12 5.64
CA ARG A 37 -6.26 -7.41 6.91
C ARG A 37 -4.96 -7.42 7.75
N HIS A 38 -4.26 -8.55 7.74
CA HIS A 38 -2.99 -8.70 8.47
C HIS A 38 -1.92 -7.73 7.95
N VAL A 39 -1.74 -7.70 6.62
CA VAL A 39 -0.79 -6.78 5.99
C VAL A 39 -1.11 -5.32 6.33
N GLY A 40 -2.39 -4.97 6.28
CA GLY A 40 -2.83 -3.63 6.66
C GLY A 40 -2.46 -3.26 8.10
N LYS A 41 -2.73 -4.18 9.03
CA LYS A 41 -2.40 -3.97 10.44
C LYS A 41 -0.87 -3.91 10.65
N ALA A 42 -0.13 -4.71 9.88
CA ALA A 42 1.33 -4.73 9.96
C ALA A 42 1.96 -3.42 9.49
N LEU A 43 1.53 -2.93 8.32
CA LEU A 43 2.06 -1.67 7.77
C LEU A 43 1.71 -0.49 8.69
N GLY A 44 0.54 -0.56 9.34
CA GLY A 44 0.14 0.48 10.29
C GLY A 44 1.03 0.56 11.54
N ASN A 45 1.99 -0.36 11.65
CA ASN A 45 2.97 -0.36 12.75
C ASN A 45 4.15 0.56 12.41
N LEU A 46 4.29 0.91 11.14
CA LEU A 46 5.42 1.73 10.68
C LEU A 46 5.21 3.23 10.98
N PRO A 47 6.32 4.01 11.07
CA PRO A 47 6.26 5.46 11.33
C PRO A 47 5.95 6.30 10.07
N GLU A 48 6.18 7.61 10.17
CA GLU A 48 5.89 8.57 9.09
C GLU A 48 6.36 8.07 7.71
N GLY A 49 7.66 7.82 7.58
CA GLY A 49 8.21 7.38 6.30
C GLY A 49 9.52 6.61 6.44
N SER A 50 9.43 5.35 6.85
CA SER A 50 10.62 4.48 6.97
C SER A 50 11.17 4.08 5.60
N LYS A 51 12.29 3.36 5.59
CA LYS A 51 12.93 2.93 4.34
C LYS A 51 12.01 2.01 3.52
N LEU A 52 11.05 1.39 4.20
CA LEU A 52 10.01 0.59 3.55
C LEU A 52 8.78 1.46 3.23
N PRO A 53 8.47 1.68 1.93
CA PRO A 53 7.31 2.51 1.55
C PRO A 53 5.97 1.79 1.75
N TRP A 54 5.32 2.04 2.89
CA TRP A 54 4.02 1.41 3.21
C TRP A 54 2.84 2.20 2.61
N PHE A 55 3.07 3.49 2.37
CA PHE A 55 2.03 4.39 1.85
C PHE A 55 1.50 3.98 0.47
N ARG A 56 2.18 3.04 -0.19
CA ARG A 56 1.80 2.60 -1.54
C ARG A 56 0.77 1.46 -1.52
N VAL A 57 0.35 1.05 -0.33
CA VAL A 57 -0.55 -0.10 -0.20
C VAL A 57 -1.89 0.29 0.45
N ILE A 58 -2.98 0.21 -0.33
CA ILE A 58 -4.32 0.55 0.13
C ILE A 58 -5.24 -0.69 0.22
N ASN A 59 -6.53 -0.50 0.52
CA ASN A 59 -7.46 -1.62 0.63
C ASN A 59 -8.20 -1.90 -0.70
N SER A 60 -8.99 -2.97 -0.72
CA SER A 60 -9.69 -3.41 -1.94
C SER A 60 -10.64 -2.34 -2.51
N GLN A 61 -11.19 -1.50 -1.63
CA GLN A 61 -12.14 -0.44 -2.06
C GLN A 61 -11.43 0.64 -2.90
N GLY A 62 -10.11 0.72 -2.78
CA GLY A 62 -9.35 1.79 -3.41
C GLY A 62 -9.28 3.04 -2.53
N LYS A 63 -8.99 2.84 -1.24
CA LYS A 63 -8.96 3.94 -0.26
C LYS A 63 -7.87 3.73 0.80
N ILE A 64 -7.48 4.81 1.46
CA ILE A 64 -6.56 4.75 2.60
C ILE A 64 -7.28 4.24 3.85
N SER A 65 -6.90 3.05 4.32
CA SER A 65 -7.57 2.41 5.47
C SER A 65 -7.00 2.90 6.81
N LEU A 66 -6.95 4.22 6.98
CA LEU A 66 -6.34 4.82 8.17
C LEU A 66 -7.25 5.90 8.80
N LYS A 67 -6.68 6.68 9.73
CA LYS A 67 -7.38 7.79 10.36
C LYS A 67 -7.02 9.12 9.68
N GLY A 68 -7.70 10.21 10.04
CA GLY A 68 -7.45 11.52 9.46
C GLY A 68 -5.97 11.95 9.50
N ARG A 69 -5.33 11.75 10.65
CA ARG A 69 -3.90 12.05 10.80
C ARG A 69 -3.05 11.22 9.83
N ASP A 70 -3.18 9.91 9.93
CA ASP A 70 -2.42 8.97 9.10
C ASP A 70 -2.79 9.09 7.61
N LEU A 71 -4.00 9.57 7.33
CA LEU A 71 -4.48 9.76 5.96
C LEU A 71 -3.62 10.78 5.22
N ASP A 72 -3.51 11.98 5.79
CA ASP A 72 -2.66 13.02 5.22
C ASP A 72 -1.19 12.58 5.14
N ARG A 73 -0.74 11.77 6.11
CA ARG A 73 0.60 11.16 6.03
C ARG A 73 0.79 10.41 4.71
N GLN A 74 -0.02 9.37 4.52
CA GLN A 74 0.04 8.55 3.30
C GLN A 74 -0.20 9.39 2.04
N LYS A 75 -1.22 10.24 2.10
CA LYS A 75 -1.60 11.09 0.97
C LYS A 75 -0.43 11.97 0.50
N GLN A 76 0.22 12.67 1.43
CA GLN A 76 1.37 13.53 1.09
C GLN A 76 2.50 12.72 0.43
N LYS A 77 2.72 11.50 0.92
CA LYS A 77 3.74 10.61 0.35
C LYS A 77 3.36 10.17 -1.07
N LEU A 78 2.05 9.98 -1.31
CA LEU A 78 1.55 9.61 -2.62
C LEU A 78 1.58 10.80 -3.60
N GLU A 79 1.20 11.98 -3.13
CA GLU A 79 1.24 13.20 -3.95
C GLU A 79 2.69 13.57 -4.31
N ALA A 80 3.62 13.20 -3.43
CA ALA A 80 5.05 13.33 -3.73
C ALA A 80 5.45 12.48 -4.94
N GLU A 81 4.68 11.43 -5.20
CA GLU A 81 4.86 10.57 -6.38
C GLU A 81 3.96 11.02 -7.55
N GLY A 82 3.25 12.12 -7.36
CA GLY A 82 2.34 12.63 -8.41
C GLY A 82 1.11 11.76 -8.61
N ILE A 83 0.46 11.39 -7.50
CA ILE A 83 -0.74 10.56 -7.54
C ILE A 83 -2.00 11.35 -7.17
N GLU A 84 -3.05 11.22 -7.99
CA GLU A 84 -4.35 11.84 -7.73
C GLU A 84 -5.08 11.14 -6.57
N VAL A 85 -5.12 11.80 -5.41
CA VAL A 85 -5.80 11.26 -4.22
C VAL A 85 -7.05 12.07 -3.88
N SER A 86 -8.21 11.42 -3.87
CA SER A 86 -9.48 12.07 -3.54
C SER A 86 -9.52 12.54 -2.08
N GLU A 87 -10.28 13.61 -1.84
CA GLU A 87 -10.36 14.28 -0.52
C GLU A 87 -10.48 13.31 0.67
N ILE A 88 -11.29 12.26 0.50
CA ILE A 88 -11.51 11.27 1.57
C ILE A 88 -10.41 10.18 1.59
N GLY A 89 -9.26 10.50 0.99
CA GLY A 89 -8.17 9.54 0.88
C GLY A 89 -8.49 8.36 -0.02
N LYS A 90 -9.13 8.65 -1.16
CA LYS A 90 -9.57 7.59 -2.08
C LYS A 90 -8.84 7.65 -3.43
N ILE A 91 -8.32 6.51 -3.89
CA ILE A 91 -7.59 6.45 -5.16
C ILE A 91 -8.34 5.57 -6.18
N ALA A 92 -8.54 6.11 -7.39
CA ALA A 92 -9.19 5.36 -8.45
C ALA A 92 -8.29 4.24 -9.00
N LEU A 93 -8.50 3.02 -8.54
CA LEU A 93 -7.71 1.86 -8.97
C LEU A 93 -7.74 1.71 -10.50
N ARG A 94 -8.89 2.01 -11.11
CA ARG A 94 -9.04 1.88 -12.57
C ARG A 94 -7.96 2.64 -13.36
N LYS A 95 -7.28 3.61 -12.73
CA LYS A 95 -6.18 4.33 -13.39
C LYS A 95 -4.81 4.02 -12.74
N TYR A 96 -4.75 3.99 -11.40
CA TYR A 96 -3.46 3.80 -10.69
C TYR A 96 -3.16 2.34 -10.32
N LYS A 97 -3.96 1.39 -10.82
CA LYS A 97 -3.69 -0.03 -10.58
C LYS A 97 -2.40 -0.49 -11.25
N TRP A 98 -1.61 -1.30 -10.54
CA TRP A 98 -0.36 -1.85 -11.07
C TRP A 98 -0.57 -3.18 -11.79
N GLN A 99 0.17 -3.39 -12.88
CA GLN A 99 0.12 -4.65 -13.63
C GLN A 99 1.41 -5.47 -13.39
N PRO A 100 1.37 -6.44 -12.46
CA PRO A 100 2.52 -7.32 -12.18
C PRO A 100 2.92 -8.17 -13.40
N LEU A 101 1.91 -8.72 -14.10
CA LEU A 101 2.15 -9.53 -15.29
C LEU A 101 1.26 -9.09 -16.46
N GLU A 102 -0.06 -9.26 -16.30
CA GLU A 102 -1.03 -8.90 -17.34
C GLU A 102 -2.35 -8.39 -16.75
N MET A 1 12.12 -10.96 12.67
CA MET A 1 11.49 -10.54 11.40
C MET A 1 11.11 -11.76 10.55
N ASP A 2 9.91 -12.28 10.76
CA ASP A 2 9.47 -13.53 10.11
C ASP A 2 9.35 -13.37 8.58
N GLN A 3 9.55 -14.47 7.87
CA GLN A 3 9.49 -14.48 6.40
C GLN A 3 8.15 -13.93 5.88
N PHE A 4 7.07 -14.13 6.64
CA PHE A 4 5.78 -13.53 6.29
C PHE A 4 5.92 -12.03 6.05
N LEU A 5 6.57 -11.34 6.98
CA LEU A 5 6.81 -9.90 6.87
C LEU A 5 7.82 -9.59 5.74
N VAL A 6 8.91 -10.36 5.70
CA VAL A 6 9.95 -10.18 4.68
C VAL A 6 9.38 -10.27 3.25
N GLN A 7 8.49 -11.24 3.03
CA GLN A 7 7.90 -11.46 1.71
C GLN A 7 6.96 -10.31 1.29
N ILE A 8 6.03 -9.93 2.17
CA ILE A 8 5.09 -8.85 1.85
C ILE A 8 5.82 -7.51 1.64
N PHE A 9 6.83 -7.24 2.48
CA PHE A 9 7.68 -6.05 2.31
C PHE A 9 8.38 -6.06 0.94
N ALA A 10 9.00 -7.20 0.60
CA ALA A 10 9.69 -7.35 -0.69
C ALA A 10 8.79 -7.03 -1.89
N VAL A 11 7.52 -7.43 -1.80
CA VAL A 11 6.53 -7.10 -2.85
C VAL A 11 6.35 -5.58 -2.99
N ILE A 12 6.21 -4.90 -1.85
CA ILE A 12 6.00 -3.45 -1.82
C ILE A 12 7.22 -2.68 -2.33
N HIS A 13 8.43 -3.14 -1.98
CA HIS A 13 9.67 -2.50 -2.46
C HIS A 13 9.74 -2.49 -4.00
N GLN A 14 9.06 -3.43 -4.64
CA GLN A 14 9.12 -3.59 -6.10
C GLN A 14 8.11 -2.67 -6.84
N ILE A 15 7.28 -1.94 -6.09
CA ILE A 15 6.28 -1.04 -6.72
C ILE A 15 6.96 0.19 -7.36
N PRO A 16 6.68 0.46 -8.65
CA PRO A 16 7.25 1.61 -9.37
C PRO A 16 6.57 2.96 -9.03
N LYS A 17 7.22 4.06 -9.43
CA LYS A 17 6.74 5.41 -9.15
C LYS A 17 5.35 5.68 -9.75
N GLY A 18 4.40 6.03 -8.88
CA GLY A 18 3.07 6.40 -9.33
C GLY A 18 2.09 5.24 -9.38
N LYS A 19 2.41 4.14 -8.70
CA LYS A 19 1.51 2.98 -8.62
C LYS A 19 1.14 2.62 -7.17
N VAL A 20 -0.11 2.18 -6.98
CA VAL A 20 -0.60 1.73 -5.66
C VAL A 20 -1.16 0.30 -5.74
N SER A 21 -1.33 -0.33 -4.59
CA SER A 21 -1.86 -1.70 -4.52
C SER A 21 -2.66 -1.92 -3.23
N THR A 22 -3.36 -3.04 -3.16
CA THR A 22 -4.14 -3.40 -1.96
C THR A 22 -3.49 -4.58 -1.21
N TYR A 23 -3.86 -4.72 0.07
CA TYR A 23 -3.30 -5.77 0.93
C TYR A 23 -3.43 -7.19 0.31
N GLY A 24 -4.56 -7.44 -0.34
CA GLY A 24 -4.78 -8.74 -0.98
C GLY A 24 -3.79 -9.02 -2.11
N GLU A 25 -3.52 -8.01 -2.93
CA GLU A 25 -2.56 -8.15 -4.04
C GLU A 25 -1.14 -8.40 -3.51
N ILE A 26 -0.68 -7.55 -2.60
CA ILE A 26 0.64 -7.70 -1.96
C ILE A 26 0.82 -9.11 -1.39
N ALA A 27 -0.21 -9.59 -0.68
CA ALA A 27 -0.19 -10.93 -0.08
C ALA A 27 -0.01 -12.03 -1.14
N LYS A 28 -0.67 -11.87 -2.30
CA LYS A 28 -0.61 -12.90 -3.35
C LYS A 28 0.82 -13.06 -3.94
N MET A 29 1.46 -11.94 -4.28
CA MET A 29 2.85 -11.98 -4.78
C MET A 29 3.84 -12.29 -3.65
N ALA A 30 3.37 -12.20 -2.41
CA ALA A 30 4.19 -12.59 -1.25
C ALA A 30 4.15 -14.11 -1.01
N GLY A 31 3.07 -14.75 -1.45
CA GLY A 31 2.89 -16.19 -1.25
C GLY A 31 1.94 -16.52 -0.11
N TYR A 32 1.06 -15.56 0.25
CA TYR A 32 0.06 -15.75 1.30
C TYR A 32 -1.29 -15.10 0.89
N PRO A 33 -1.87 -15.50 -0.25
CA PRO A 33 -3.03 -14.81 -0.86
C PRO A 33 -4.25 -14.66 0.07
N GLY A 34 -4.44 -15.61 0.98
CA GLY A 34 -5.60 -15.57 1.89
C GLY A 34 -5.35 -14.78 3.17
N TYR A 35 -4.09 -14.50 3.48
CA TYR A 35 -3.70 -13.87 4.77
C TYR A 35 -3.62 -12.34 4.66
N ALA A 36 -4.37 -11.76 3.72
CA ALA A 36 -4.40 -10.30 3.52
C ALA A 36 -4.74 -9.54 4.82
N ARG A 37 -5.62 -10.12 5.64
CA ARG A 37 -5.99 -9.51 6.92
C ARG A 37 -4.76 -9.33 7.84
N HIS A 38 -3.92 -10.36 7.89
CA HIS A 38 -2.69 -10.32 8.69
C HIS A 38 -1.70 -9.29 8.12
N VAL A 39 -1.66 -9.21 6.78
CA VAL A 39 -0.84 -8.19 6.10
C VAL A 39 -1.29 -6.78 6.51
N GLY A 40 -2.59 -6.57 6.61
CA GLY A 40 -3.14 -5.29 7.05
C GLY A 40 -2.71 -4.90 8.46
N LYS A 41 -2.74 -5.86 9.37
CA LYS A 41 -2.29 -5.64 10.76
C LYS A 41 -0.77 -5.38 10.80
N ALA A 42 -0.02 -6.11 9.98
CA ALA A 42 1.44 -5.96 9.93
C ALA A 42 1.85 -4.58 9.42
N LEU A 43 1.34 -4.20 8.25
CA LEU A 43 1.63 -2.89 7.65
C LEU A 43 1.06 -1.74 8.50
N GLY A 44 -0.12 -1.97 9.09
CA GLY A 44 -0.72 -0.97 9.97
C GLY A 44 0.13 -0.67 11.20
N ASN A 45 1.05 -1.57 11.53
CA ASN A 45 1.94 -1.40 12.70
C ASN A 45 3.19 -0.58 12.33
N LEU A 46 3.32 -0.22 11.06
CA LEU A 46 4.47 0.56 10.58
C LEU A 46 4.30 2.06 10.87
N PRO A 47 5.38 2.74 11.35
CA PRO A 47 5.36 4.19 11.55
C PRO A 47 5.55 4.97 10.24
N GLU A 48 5.08 6.22 10.21
CA GLU A 48 5.24 7.07 9.02
C GLU A 48 6.72 7.17 8.57
N GLY A 49 7.64 7.11 9.54
CA GLY A 49 9.05 7.15 9.23
C GLY A 49 9.67 5.77 8.99
N SER A 50 8.87 4.83 8.46
CA SER A 50 9.34 3.47 8.14
C SER A 50 10.17 3.44 6.85
N LYS A 51 11.14 2.54 6.80
CA LYS A 51 11.98 2.36 5.60
C LYS A 51 11.15 1.87 4.42
N LEU A 52 10.20 0.97 4.71
CA LEU A 52 9.28 0.43 3.70
C LEU A 52 8.24 1.49 3.27
N PRO A 53 8.06 1.72 1.95
CA PRO A 53 6.99 2.61 1.48
C PRO A 53 5.60 2.04 1.79
N TRP A 54 5.03 2.49 2.91
CA TRP A 54 3.75 1.98 3.42
C TRP A 54 2.54 2.60 2.68
N PHE A 55 2.70 3.85 2.23
CA PHE A 55 1.62 4.60 1.57
C PHE A 55 1.13 3.92 0.27
N ARG A 56 1.94 3.04 -0.29
CA ARG A 56 1.61 2.39 -1.57
C ARG A 56 0.57 1.26 -1.43
N VAL A 57 0.19 0.92 -0.19
CA VAL A 57 -0.78 -0.15 0.04
C VAL A 57 -2.04 0.38 0.77
N ILE A 58 -3.20 0.17 0.15
CA ILE A 58 -4.48 0.65 0.70
C ILE A 58 -5.55 -0.47 0.77
N ASN A 59 -6.76 -0.11 1.16
CA ASN A 59 -7.86 -1.08 1.30
C ASN A 59 -8.64 -1.25 -0.03
N SER A 60 -9.45 -2.32 -0.10
CA SER A 60 -10.14 -2.69 -1.35
C SER A 60 -11.13 -1.63 -1.85
N GLN A 61 -11.54 -0.72 -0.97
CA GLN A 61 -12.46 0.37 -1.36
C GLN A 61 -11.71 1.52 -2.08
N GLY A 62 -10.40 1.37 -2.26
CA GLY A 62 -9.60 2.41 -2.89
C GLY A 62 -9.53 3.68 -2.07
N LYS A 63 -9.02 3.58 -0.85
CA LYS A 63 -8.98 4.70 0.08
C LYS A 63 -7.70 4.69 0.94
N ILE A 64 -7.30 5.87 1.41
CA ILE A 64 -6.14 6.01 2.29
C ILE A 64 -6.34 5.21 3.60
N SER A 65 -5.31 4.42 3.97
CA SER A 65 -5.39 3.56 5.15
C SER A 65 -5.34 4.37 6.45
N LEU A 66 -4.45 5.36 6.50
CA LEU A 66 -4.28 6.20 7.70
C LEU A 66 -5.35 7.31 7.79
N LYS A 67 -5.62 7.79 9.00
CA LYS A 67 -6.65 8.81 9.24
C LYS A 67 -6.09 10.01 10.02
N GLY A 68 -6.87 11.09 10.08
CA GLY A 68 -6.43 12.30 10.79
C GLY A 68 -5.36 13.07 10.03
N ARG A 69 -4.30 13.51 10.74
CA ARG A 69 -3.17 14.16 10.08
C ARG A 69 -2.36 13.15 9.24
N ASP A 70 -2.41 11.89 9.64
CA ASP A 70 -1.78 10.81 8.87
C ASP A 70 -2.45 10.62 7.51
N LEU A 71 -3.71 11.07 7.39
CA LEU A 71 -4.45 11.07 6.12
C LEU A 71 -3.67 11.88 5.07
N ASP A 72 -3.52 13.17 5.33
CA ASP A 72 -2.79 14.08 4.44
C ASP A 72 -1.30 13.68 4.33
N ARG A 73 -0.77 13.05 5.37
CA ARG A 73 0.63 12.61 5.36
C ARG A 73 0.84 11.43 4.39
N GLN A 74 -0.05 10.45 4.42
CA GLN A 74 0.02 9.37 3.42
C GLN A 74 -0.21 9.94 2.02
N LYS A 75 -1.13 10.89 1.92
CA LYS A 75 -1.46 11.52 0.63
C LYS A 75 -0.26 12.32 0.07
N GLN A 76 0.44 13.08 0.92
CA GLN A 76 1.59 13.87 0.46
C GLN A 76 2.69 12.96 -0.11
N LYS A 77 2.85 11.77 0.49
CA LYS A 77 3.79 10.78 -0.03
C LYS A 77 3.34 10.28 -1.42
N LEU A 78 2.06 9.95 -1.54
CA LEU A 78 1.49 9.52 -2.82
C LEU A 78 1.66 10.61 -3.90
N GLU A 79 1.32 11.84 -3.55
CA GLU A 79 1.43 12.98 -4.46
C GLU A 79 2.87 13.24 -4.87
N ALA A 80 3.83 12.86 -4.02
CA ALA A 80 5.25 12.94 -4.37
C ALA A 80 5.57 12.09 -5.61
N GLU A 81 4.87 10.96 -5.73
CA GLU A 81 5.00 10.08 -6.90
C GLU A 81 3.96 10.42 -7.99
N GLY A 82 3.26 11.55 -7.81
CA GLY A 82 2.30 12.01 -8.81
C GLY A 82 0.95 11.29 -8.76
N ILE A 83 0.65 10.64 -7.64
CA ILE A 83 -0.61 9.93 -7.47
C ILE A 83 -1.74 10.87 -7.01
N GLU A 84 -2.78 10.98 -7.82
CA GLU A 84 -3.94 11.83 -7.50
C GLU A 84 -4.87 11.15 -6.48
N VAL A 85 -5.17 11.85 -5.39
CA VAL A 85 -6.11 11.36 -4.37
C VAL A 85 -7.36 12.25 -4.30
N SER A 86 -8.54 11.63 -4.39
CA SER A 86 -9.81 12.37 -4.37
C SER A 86 -10.14 12.90 -2.96
N GLU A 87 -11.10 13.83 -2.89
CA GLU A 87 -11.36 14.64 -1.68
C GLU A 87 -11.53 13.79 -0.40
N ILE A 88 -12.31 12.70 -0.48
CA ILE A 88 -12.58 11.86 0.70
C ILE A 88 -11.41 10.91 1.00
N GLY A 89 -10.22 11.21 0.47
CA GLY A 89 -9.07 10.34 0.65
C GLY A 89 -9.15 9.08 -0.21
N LYS A 90 -9.67 9.24 -1.42
CA LYS A 90 -9.94 8.10 -2.32
C LYS A 90 -8.88 7.97 -3.41
N ILE A 91 -8.33 6.77 -3.58
CA ILE A 91 -7.36 6.48 -4.65
C ILE A 91 -8.00 5.58 -5.72
N ALA A 92 -8.13 6.10 -6.93
CA ALA A 92 -8.75 5.35 -8.03
C ALA A 92 -7.88 4.17 -8.48
N LEU A 93 -8.13 3.00 -7.90
CA LEU A 93 -7.39 1.77 -8.24
C LEU A 93 -7.46 1.44 -9.74
N ARG A 94 -8.60 1.76 -10.35
CA ARG A 94 -8.81 1.45 -11.78
C ARG A 94 -7.71 2.05 -12.67
N LYS A 95 -7.20 3.22 -12.28
CA LYS A 95 -6.18 3.94 -13.07
C LYS A 95 -4.81 4.01 -12.37
N TYR A 96 -4.72 3.50 -11.14
CA TYR A 96 -3.44 3.51 -10.39
C TYR A 96 -3.00 2.12 -9.88
N LYS A 97 -3.76 1.07 -10.15
CA LYS A 97 -3.43 -0.26 -9.59
C LYS A 97 -2.10 -0.82 -10.17
N TRP A 98 -1.25 -1.31 -9.28
CA TRP A 98 0.06 -1.85 -9.65
C TRP A 98 -0.08 -3.17 -10.44
N GLN A 99 0.70 -3.30 -11.51
CA GLN A 99 0.63 -4.46 -12.39
C GLN A 99 2.03 -4.97 -12.77
N PRO A 100 2.60 -5.91 -12.00
CA PRO A 100 3.93 -6.50 -12.30
C PRO A 100 3.89 -7.41 -13.53
N LEU A 101 2.72 -7.97 -13.83
CA LEU A 101 2.52 -8.84 -14.99
C LEU A 101 1.02 -9.00 -15.32
N GLU A 102 0.70 -9.85 -16.30
CA GLU A 102 -0.70 -10.10 -16.66
C GLU A 102 -1.24 -11.34 -15.93
N MET A 1 13.12 -14.33 11.57
CA MET A 1 12.06 -13.30 11.45
C MET A 1 10.76 -13.94 10.94
N ASP A 2 9.63 -13.29 11.21
CA ASP A 2 8.32 -13.76 10.71
C ASP A 2 8.30 -13.78 9.17
N GLN A 3 8.29 -15.00 8.60
CA GLN A 3 8.32 -15.18 7.14
C GLN A 3 7.18 -14.43 6.45
N PHE A 4 6.01 -14.39 7.09
CA PHE A 4 4.87 -13.62 6.58
C PHE A 4 5.27 -12.17 6.30
N LEU A 5 5.89 -11.54 7.29
CA LEU A 5 6.36 -10.15 7.16
C LEU A 5 7.44 -10.03 6.08
N VAL A 6 8.41 -10.94 6.13
CA VAL A 6 9.52 -10.97 5.15
C VAL A 6 8.99 -10.99 3.71
N GLN A 7 8.02 -11.87 3.44
CA GLN A 7 7.48 -12.04 2.09
C GLN A 7 6.64 -10.83 1.63
N ILE A 8 5.67 -10.40 2.46
CA ILE A 8 4.81 -9.28 2.09
C ILE A 8 5.63 -7.99 1.87
N PHE A 9 6.59 -7.73 2.75
CA PHE A 9 7.44 -6.54 2.61
C PHE A 9 8.30 -6.63 1.33
N ALA A 10 8.82 -7.82 1.03
CA ALA A 10 9.61 -8.04 -0.19
C ALA A 10 8.82 -7.66 -1.45
N VAL A 11 7.52 -7.96 -1.44
CA VAL A 11 6.64 -7.58 -2.56
C VAL A 11 6.41 -6.06 -2.59
N ILE A 12 6.23 -5.46 -1.41
CA ILE A 12 6.00 -4.01 -1.30
C ILE A 12 7.21 -3.19 -1.79
N HIS A 13 8.42 -3.72 -1.57
CA HIS A 13 9.64 -3.08 -2.08
C HIS A 13 9.64 -2.99 -3.62
N GLN A 14 8.78 -3.76 -4.27
CA GLN A 14 8.71 -3.79 -5.74
C GLN A 14 7.71 -2.76 -6.30
N ILE A 15 7.08 -1.97 -5.43
CA ILE A 15 6.17 -0.91 -5.89
C ILE A 15 6.97 0.29 -6.43
N PRO A 16 6.73 0.68 -7.70
CA PRO A 16 7.48 1.75 -8.37
C PRO A 16 6.86 3.15 -8.17
N LYS A 17 7.27 4.09 -9.01
CA LYS A 17 6.78 5.47 -8.96
C LYS A 17 5.39 5.61 -9.62
N GLY A 18 4.43 6.13 -8.87
CA GLY A 18 3.10 6.42 -9.43
C GLY A 18 2.08 5.31 -9.21
N LYS A 19 2.45 4.07 -9.52
CA LYS A 19 1.54 2.92 -9.39
C LYS A 19 1.43 2.44 -7.92
N VAL A 20 0.21 2.31 -7.42
CA VAL A 20 -0.05 1.83 -6.06
C VAL A 20 -0.71 0.44 -6.08
N SER A 21 -0.60 -0.30 -4.98
CA SER A 21 -1.13 -1.67 -4.90
C SER A 21 -2.11 -1.84 -3.73
N THR A 22 -2.70 -3.04 -3.60
CA THR A 22 -3.62 -3.34 -2.50
C THR A 22 -3.13 -4.51 -1.64
N TYR A 23 -3.52 -4.52 -0.37
CA TYR A 23 -3.09 -5.56 0.59
C TYR A 23 -3.36 -6.98 0.07
N GLY A 24 -4.53 -7.16 -0.57
CA GLY A 24 -4.89 -8.46 -1.11
C GLY A 24 -3.94 -8.98 -2.19
N GLU A 25 -3.46 -8.07 -3.04
CA GLU A 25 -2.55 -8.43 -4.12
C GLU A 25 -1.14 -8.72 -3.59
N ILE A 26 -0.70 -7.92 -2.62
CA ILE A 26 0.59 -8.15 -1.95
C ILE A 26 0.62 -9.53 -1.28
N ALA A 27 -0.37 -9.78 -0.41
CA ALA A 27 -0.49 -11.08 0.28
C ALA A 27 -0.63 -12.24 -0.72
N LYS A 28 -1.34 -11.98 -1.82
CA LYS A 28 -1.54 -12.97 -2.89
C LYS A 28 -0.20 -13.56 -3.35
N MET A 29 0.67 -12.71 -3.89
CA MET A 29 1.96 -13.15 -4.43
C MET A 29 2.97 -13.50 -3.32
N ALA A 30 2.73 -13.01 -2.10
CA ALA A 30 3.58 -13.33 -0.95
C ALA A 30 3.38 -14.78 -0.48
N GLY A 31 2.33 -15.44 -1.00
CA GLY A 31 2.06 -16.82 -0.64
C GLY A 31 1.00 -16.96 0.46
N TYR A 32 0.31 -15.87 0.77
CA TYR A 32 -0.75 -15.85 1.78
C TYR A 32 -2.00 -15.11 1.28
N PRO A 33 -2.64 -15.63 0.20
CA PRO A 33 -3.72 -14.92 -0.51
C PRO A 33 -4.91 -14.51 0.37
N GLY A 34 -5.17 -15.26 1.45
CA GLY A 34 -6.35 -14.99 2.28
C GLY A 34 -6.04 -14.17 3.54
N TYR A 35 -4.82 -13.65 3.67
CA TYR A 35 -4.40 -12.92 4.88
C TYR A 35 -4.12 -11.44 4.60
N ALA A 36 -4.87 -10.86 3.65
CA ALA A 36 -4.70 -9.45 3.26
C ALA A 36 -4.77 -8.48 4.46
N ARG A 37 -5.72 -8.73 5.37
CA ARG A 37 -5.92 -7.85 6.53
C ARG A 37 -4.64 -7.70 7.38
N HIS A 38 -3.86 -8.77 7.47
CA HIS A 38 -2.64 -8.78 8.29
C HIS A 38 -1.56 -7.86 7.70
N VAL A 39 -1.52 -7.77 6.36
CA VAL A 39 -0.57 -6.88 5.67
C VAL A 39 -0.76 -5.42 6.10
N GLY A 40 -2.03 -4.97 6.12
CA GLY A 40 -2.34 -3.64 6.58
C GLY A 40 -1.97 -3.41 8.04
N LYS A 41 -2.20 -4.43 8.87
CA LYS A 41 -1.82 -4.38 10.29
C LYS A 41 -0.31 -4.17 10.46
N ALA A 42 0.48 -4.88 9.64
CA ALA A 42 1.94 -4.77 9.67
C ALA A 42 2.42 -3.38 9.21
N LEU A 43 1.84 -2.87 8.14
CA LEU A 43 2.21 -1.56 7.60
C LEU A 43 1.79 -0.42 8.54
N GLY A 44 0.71 -0.63 9.29
CA GLY A 44 0.26 0.37 10.26
C GLY A 44 1.11 0.42 11.53
N ASN A 45 2.42 0.26 11.36
CA ASN A 45 3.38 0.32 12.49
C ASN A 45 4.75 0.82 11.99
N LEU A 46 4.77 1.38 10.78
CA LEU A 46 6.01 1.83 10.13
C LEU A 46 5.96 3.33 9.81
N PRO A 47 7.10 4.05 9.98
CA PRO A 47 7.18 5.47 9.63
C PRO A 47 7.33 5.71 8.12
N GLU A 48 6.70 6.76 7.61
CA GLU A 48 6.75 7.10 6.17
C GLU A 48 8.18 7.41 5.70
N GLY A 49 9.05 7.75 6.66
CA GLY A 49 10.45 8.01 6.36
C GLY A 49 11.27 6.74 6.12
N SER A 50 10.65 5.57 6.29
CA SER A 50 11.33 4.27 6.09
C SER A 50 11.61 3.98 4.62
N LYS A 51 12.55 3.07 4.35
CA LYS A 51 12.82 2.60 2.99
C LYS A 51 11.70 1.68 2.49
N LEU A 52 10.93 1.14 3.43
CA LEU A 52 9.75 0.33 3.11
C LEU A 52 8.49 1.22 3.07
N PRO A 53 7.97 1.52 1.87
CA PRO A 53 6.86 2.46 1.71
C PRO A 53 5.47 1.84 1.96
N TRP A 54 4.95 2.00 3.17
CA TRP A 54 3.56 1.62 3.47
C TRP A 54 2.58 2.52 2.72
N PHE A 55 3.03 3.74 2.40
CA PHE A 55 2.21 4.73 1.70
C PHE A 55 2.02 4.39 0.20
N ARG A 56 2.29 3.14 -0.19
CA ARG A 56 2.09 2.69 -1.57
C ARG A 56 1.00 1.59 -1.65
N VAL A 57 0.51 1.14 -0.49
CA VAL A 57 -0.45 0.02 -0.46
C VAL A 57 -1.72 0.35 0.33
N ILE A 58 -2.87 0.24 -0.34
CA ILE A 58 -4.19 0.46 0.30
C ILE A 58 -5.09 -0.78 0.14
N ASN A 59 -6.38 -0.66 0.47
CA ASN A 59 -7.33 -1.77 0.33
C ASN A 59 -8.11 -1.67 -1.01
N SER A 60 -8.60 -2.82 -1.48
CA SER A 60 -9.20 -2.96 -2.83
C SER A 60 -10.33 -1.97 -3.13
N GLN A 61 -11.07 -1.51 -2.11
CA GLN A 61 -12.18 -0.56 -2.33
C GLN A 61 -11.68 0.84 -2.76
N GLY A 62 -10.36 1.04 -2.79
CA GLY A 62 -9.80 2.32 -3.25
C GLY A 62 -9.72 3.38 -2.16
N LYS A 63 -9.93 2.96 -0.92
CA LYS A 63 -9.90 3.88 0.23
C LYS A 63 -8.64 3.66 1.08
N ILE A 64 -8.05 4.75 1.56
CA ILE A 64 -6.86 4.66 2.42
C ILE A 64 -7.21 4.02 3.77
N SER A 65 -6.49 2.95 4.13
CA SER A 65 -6.75 2.22 5.38
C SER A 65 -6.56 3.12 6.62
N LEU A 66 -5.35 3.65 6.77
CA LEU A 66 -5.04 4.56 7.87
C LEU A 66 -5.73 5.92 7.67
N LYS A 67 -6.41 6.40 8.72
CA LYS A 67 -7.29 7.58 8.59
C LYS A 67 -6.75 8.81 9.34
N GLY A 68 -7.43 9.95 9.16
CA GLY A 68 -7.02 11.18 9.82
C GLY A 68 -5.60 11.62 9.50
N ARG A 69 -4.72 11.55 10.50
CA ARG A 69 -3.32 11.95 10.34
C ARG A 69 -2.63 11.16 9.21
N ASP A 70 -2.59 9.85 9.36
CA ASP A 70 -1.88 8.97 8.42
C ASP A 70 -2.45 9.07 7.00
N LEU A 71 -3.76 9.34 6.90
CA LEU A 71 -4.42 9.53 5.61
C LEU A 71 -3.77 10.70 4.86
N ASP A 72 -3.65 11.84 5.53
CA ASP A 72 -3.05 13.03 4.93
C ASP A 72 -1.55 12.80 4.67
N ARG A 73 -0.87 12.12 5.61
CA ARG A 73 0.56 11.80 5.45
C ARG A 73 0.82 10.96 4.20
N GLN A 74 0.05 9.89 4.03
CA GLN A 74 0.15 9.06 2.82
C GLN A 74 -0.12 9.92 1.57
N LYS A 75 -1.19 10.71 1.62
CA LYS A 75 -1.54 11.61 0.53
C LYS A 75 -0.35 12.49 0.11
N GLN A 76 0.34 13.07 1.08
CA GLN A 76 1.52 13.91 0.78
C GLN A 76 2.63 13.10 0.09
N LYS A 77 2.84 11.86 0.55
CA LYS A 77 3.85 10.98 -0.03
C LYS A 77 3.42 10.41 -1.40
N LEU A 78 2.14 10.56 -1.72
CA LEU A 78 1.62 10.22 -3.05
C LEU A 78 1.65 11.45 -3.98
N GLU A 79 1.32 12.61 -3.41
CA GLU A 79 1.36 13.88 -4.13
C GLU A 79 2.79 14.22 -4.58
N ALA A 80 3.79 13.64 -3.90
CA ALA A 80 5.19 13.77 -4.30
C ALA A 80 5.40 13.34 -5.76
N GLU A 81 4.75 12.23 -6.15
CA GLU A 81 4.78 11.76 -7.54
C GLU A 81 3.64 12.35 -8.37
N GLY A 82 2.54 12.71 -7.70
CA GLY A 82 1.36 13.24 -8.37
C GLY A 82 0.26 12.19 -8.54
N ILE A 83 -0.31 11.75 -7.42
CA ILE A 83 -1.38 10.75 -7.43
C ILE A 83 -2.68 11.33 -6.87
N GLU A 84 -3.83 10.86 -7.36
CA GLU A 84 -5.13 11.41 -6.95
C GLU A 84 -5.61 10.85 -5.60
N VAL A 85 -5.70 11.72 -4.59
CA VAL A 85 -6.29 11.37 -3.30
C VAL A 85 -7.52 12.25 -3.01
N SER A 86 -8.71 11.72 -3.24
CA SER A 86 -9.95 12.51 -3.09
C SER A 86 -10.32 12.70 -1.61
N GLU A 87 -11.30 13.59 -1.38
CA GLU A 87 -11.66 14.11 -0.04
C GLU A 87 -11.65 13.06 1.09
N ILE A 88 -12.33 11.92 0.89
CA ILE A 88 -12.44 10.90 1.95
C ILE A 88 -11.21 9.97 2.00
N GLY A 89 -10.13 10.38 1.34
CA GLY A 89 -8.95 9.53 1.22
C GLY A 89 -9.15 8.38 0.24
N LYS A 90 -9.55 8.72 -0.99
CA LYS A 90 -9.82 7.70 -2.02
C LYS A 90 -8.92 7.87 -3.26
N ILE A 91 -8.27 6.79 -3.66
CA ILE A 91 -7.37 6.78 -4.82
C ILE A 91 -7.99 6.04 -6.02
N ALA A 92 -7.81 6.58 -7.23
CA ALA A 92 -8.32 5.93 -8.43
C ALA A 92 -7.45 4.71 -8.81
N LEU A 93 -7.85 3.54 -8.33
CA LEU A 93 -7.09 2.30 -8.54
C LEU A 93 -7.08 1.84 -10.00
N ARG A 94 -8.24 1.88 -10.66
CA ARG A 94 -8.36 1.34 -12.03
C ARG A 94 -7.25 1.86 -12.97
N LYS A 95 -6.78 3.09 -12.72
CA LYS A 95 -5.67 3.66 -13.51
C LYS A 95 -4.31 3.53 -12.79
N TYR A 96 -4.29 3.80 -11.48
CA TYR A 96 -3.04 3.77 -10.70
C TYR A 96 -2.70 2.37 -10.14
N LYS A 97 -3.47 1.36 -10.53
CA LYS A 97 -3.23 -0.02 -10.03
C LYS A 97 -1.84 -0.53 -10.44
N TRP A 98 -1.12 -1.11 -9.49
CA TRP A 98 0.22 -1.64 -9.75
C TRP A 98 0.18 -2.79 -10.76
N GLN A 99 1.08 -2.73 -11.72
CA GLN A 99 1.13 -3.73 -12.80
C GLN A 99 2.57 -4.19 -13.07
N PRO A 100 2.98 -5.36 -12.52
CA PRO A 100 4.30 -5.94 -12.81
C PRO A 100 4.43 -6.32 -14.30
N LEU A 101 3.37 -6.91 -14.83
CA LEU A 101 3.25 -7.20 -16.27
C LEU A 101 1.79 -7.03 -16.72
N GLU A 102 1.60 -6.72 -18.00
CA GLU A 102 0.26 -6.40 -18.52
C GLU A 102 -0.79 -7.51 -18.25
N MET A 1 14.04 -13.65 11.07
CA MET A 1 12.86 -12.85 10.63
C MET A 1 11.79 -13.77 10.03
N ASP A 2 10.52 -13.50 10.33
CA ASP A 2 9.42 -14.35 9.91
C ASP A 2 9.17 -14.27 8.39
N GLN A 3 9.09 -15.44 7.74
CA GLN A 3 8.89 -15.52 6.29
C GLN A 3 7.66 -14.72 5.82
N PHE A 4 6.63 -14.65 6.66
CA PHE A 4 5.44 -13.86 6.34
C PHE A 4 5.81 -12.41 6.03
N LEU A 5 6.53 -11.78 6.96
CA LEU A 5 6.98 -10.39 6.79
C LEU A 5 7.99 -10.26 5.65
N VAL A 6 8.94 -11.20 5.58
CA VAL A 6 9.97 -11.20 4.53
C VAL A 6 9.36 -11.17 3.12
N GLN A 7 8.37 -12.03 2.89
CA GLN A 7 7.75 -12.15 1.55
C GLN A 7 6.91 -10.91 1.20
N ILE A 8 5.99 -10.52 2.08
CA ILE A 8 5.10 -9.37 1.81
C ILE A 8 5.91 -8.07 1.58
N PHE A 9 6.91 -7.82 2.43
CA PHE A 9 7.77 -6.65 2.28
C PHE A 9 8.58 -6.71 0.98
N ALA A 10 9.12 -7.89 0.67
CA ALA A 10 9.89 -8.10 -0.57
C ALA A 10 9.08 -7.71 -1.81
N VAL A 11 7.76 -7.92 -1.74
CA VAL A 11 6.86 -7.52 -2.82
C VAL A 11 6.61 -6.00 -2.81
N ILE A 12 6.52 -5.42 -1.61
CA ILE A 12 6.28 -3.98 -1.47
C ILE A 12 7.46 -3.13 -1.99
N HIS A 13 8.68 -3.63 -1.81
CA HIS A 13 9.86 -2.95 -2.37
C HIS A 13 9.85 -2.95 -3.91
N GLN A 14 8.93 -3.71 -4.51
CA GLN A 14 8.82 -3.81 -5.96
C GLN A 14 7.76 -2.86 -6.52
N ILE A 15 7.12 -2.07 -5.65
CA ILE A 15 6.10 -1.10 -6.08
C ILE A 15 6.73 0.07 -6.86
N PRO A 16 6.38 0.23 -8.15
CA PRO A 16 6.93 1.30 -9.01
C PRO A 16 6.63 2.72 -8.50
N LYS A 17 7.59 3.63 -8.65
CA LYS A 17 7.43 5.02 -8.20
C LYS A 17 6.31 5.74 -8.97
N GLY A 18 5.08 5.58 -8.48
CA GLY A 18 3.91 6.17 -9.14
C GLY A 18 2.65 5.32 -8.97
N LYS A 19 2.82 4.01 -8.96
CA LYS A 19 1.69 3.07 -8.84
C LYS A 19 1.33 2.79 -7.38
N VAL A 20 0.18 2.15 -7.17
CA VAL A 20 -0.27 1.71 -5.84
C VAL A 20 -0.78 0.26 -5.89
N SER A 21 -0.77 -0.41 -4.73
CA SER A 21 -1.24 -1.81 -4.63
C SER A 21 -2.27 -1.97 -3.51
N THR A 22 -2.78 -3.20 -3.34
CA THR A 22 -3.79 -3.48 -2.30
C THR A 22 -3.39 -4.65 -1.40
N TYR A 23 -3.89 -4.65 -0.16
CA TYR A 23 -3.48 -5.64 0.86
C TYR A 23 -3.74 -7.10 0.43
N GLY A 24 -5.00 -7.44 0.16
CA GLY A 24 -5.34 -8.80 -0.27
C GLY A 24 -4.52 -9.25 -1.48
N GLU A 25 -4.18 -8.30 -2.33
CA GLU A 25 -3.33 -8.52 -3.51
C GLU A 25 -1.88 -8.84 -3.11
N ILE A 26 -1.30 -8.02 -2.24
CA ILE A 26 0.05 -8.24 -1.73
C ILE A 26 0.17 -9.61 -1.06
N ALA A 27 -0.77 -9.91 -0.16
CA ALA A 27 -0.81 -11.21 0.53
C ALA A 27 -0.88 -12.37 -0.46
N LYS A 28 -1.76 -12.25 -1.46
CA LYS A 28 -1.91 -13.27 -2.51
C LYS A 28 -0.58 -13.51 -3.26
N MET A 29 0.08 -12.42 -3.66
CA MET A 29 1.36 -12.52 -4.39
C MET A 29 2.49 -13.04 -3.49
N ALA A 30 2.47 -12.66 -2.22
CA ALA A 30 3.47 -13.11 -1.25
C ALA A 30 3.35 -14.62 -0.96
N GLY A 31 2.18 -15.18 -1.23
CA GLY A 31 1.94 -16.60 -0.98
C GLY A 31 1.05 -16.88 0.22
N TYR A 32 0.42 -15.82 0.75
CA TYR A 32 -0.45 -15.95 1.93
C TYR A 32 -1.85 -15.37 1.63
N PRO A 33 -2.67 -16.08 0.83
CA PRO A 33 -3.99 -15.57 0.40
C PRO A 33 -5.00 -15.45 1.56
N GLY A 34 -5.47 -14.23 1.81
CA GLY A 34 -6.44 -13.99 2.87
C GLY A 34 -5.89 -13.13 4.01
N TYR A 35 -4.57 -13.07 4.16
CA TYR A 35 -3.94 -12.31 5.25
C TYR A 35 -3.88 -10.80 4.96
N ALA A 36 -4.92 -10.26 4.32
CA ALA A 36 -4.97 -8.85 3.95
C ALA A 36 -4.80 -7.93 5.16
N ARG A 37 -5.61 -8.17 6.21
CA ARG A 37 -5.54 -7.39 7.45
C ARG A 37 -4.13 -7.40 8.06
N HIS A 38 -3.53 -8.59 8.16
CA HIS A 38 -2.20 -8.75 8.77
C HIS A 38 -1.15 -7.88 8.09
N VAL A 39 -1.22 -7.78 6.77
CA VAL A 39 -0.30 -6.92 6.00
C VAL A 39 -0.42 -5.46 6.44
N GLY A 40 -1.64 -4.94 6.48
CA GLY A 40 -1.89 -3.57 6.92
C GLY A 40 -1.55 -3.35 8.39
N LYS A 41 -1.79 -4.39 9.20
CA LYS A 41 -1.47 -4.34 10.63
C LYS A 41 0.05 -4.16 10.86
N ALA A 42 0.85 -4.80 10.01
CA ALA A 42 2.31 -4.68 10.06
C ALA A 42 2.77 -3.30 9.55
N LEU A 43 2.27 -2.90 8.39
CA LEU A 43 2.63 -1.61 7.79
C LEU A 43 2.21 -0.43 8.68
N GLY A 44 1.09 -0.58 9.39
CA GLY A 44 0.61 0.47 10.28
C GLY A 44 1.52 0.71 11.49
N ASN A 45 2.56 -0.11 11.64
CA ASN A 45 3.55 0.05 12.73
C ASN A 45 4.75 0.90 12.26
N LEU A 46 4.82 1.14 10.95
CA LEU A 46 5.97 1.84 10.35
C LEU A 46 5.78 3.37 10.32
N PRO A 47 6.87 4.14 10.48
CA PRO A 47 6.86 5.59 10.31
C PRO A 47 7.08 6.00 8.83
N GLU A 48 6.84 7.27 8.51
CA GLU A 48 7.02 7.76 7.14
C GLU A 48 8.51 7.78 6.75
N GLY A 49 9.36 8.18 7.69
CA GLY A 49 10.81 8.17 7.46
C GLY A 49 11.41 6.79 7.55
N SER A 50 11.13 5.94 6.57
CA SER A 50 11.64 4.56 6.55
C SER A 50 11.98 4.12 5.11
N LYS A 51 12.58 2.94 4.98
CA LYS A 51 13.00 2.44 3.65
C LYS A 51 11.88 1.64 2.96
N LEU A 52 10.94 1.12 3.72
CA LEU A 52 9.83 0.33 3.18
C LEU A 52 8.60 1.22 2.94
N PRO A 53 8.21 1.46 1.67
CA PRO A 53 7.05 2.31 1.37
C PRO A 53 5.71 1.64 1.69
N TRP A 54 5.19 1.92 2.87
CA TRP A 54 3.90 1.38 3.32
C TRP A 54 2.72 2.15 2.70
N PHE A 55 2.91 3.45 2.51
CA PHE A 55 1.86 4.35 2.03
C PHE A 55 1.35 4.01 0.61
N ARG A 56 2.05 3.11 -0.08
CA ARG A 56 1.66 2.76 -1.46
C ARG A 56 0.65 1.60 -1.49
N VAL A 57 0.40 0.98 -0.34
CA VAL A 57 -0.51 -0.16 -0.27
C VAL A 57 -1.84 0.23 0.41
N ILE A 58 -2.92 0.29 -0.37
CA ILE A 58 -4.23 0.70 0.14
C ILE A 58 -5.22 -0.49 0.16
N ASN A 59 -6.50 -0.21 0.40
CA ASN A 59 -7.52 -1.26 0.48
C ASN A 59 -8.05 -1.60 -0.92
N SER A 60 -8.65 -2.79 -1.07
CA SER A 60 -9.04 -3.34 -2.38
C SER A 60 -10.08 -2.49 -3.13
N GLN A 61 -10.62 -1.45 -2.51
CA GLN A 61 -11.63 -0.59 -3.16
C GLN A 61 -11.01 0.72 -3.68
N GLY A 62 -9.78 1.02 -3.27
CA GLY A 62 -9.13 2.25 -3.71
C GLY A 62 -9.36 3.42 -2.74
N LYS A 63 -8.94 3.26 -1.49
CA LYS A 63 -9.02 4.33 -0.49
C LYS A 63 -7.90 4.19 0.54
N ILE A 64 -7.55 5.28 1.20
CA ILE A 64 -6.51 5.28 2.23
C ILE A 64 -6.94 4.43 3.45
N SER A 65 -6.10 3.46 3.79
CA SER A 65 -6.39 2.54 4.91
C SER A 65 -6.31 3.25 6.27
N LEU A 66 -5.21 3.98 6.49
CA LEU A 66 -5.01 4.73 7.72
C LEU A 66 -5.93 5.96 7.76
N LYS A 67 -6.63 6.14 8.88
CA LYS A 67 -7.61 7.23 9.02
C LYS A 67 -7.12 8.32 9.98
N GLY A 68 -7.98 9.30 10.26
CA GLY A 68 -7.63 10.40 11.15
C GLY A 68 -6.57 11.33 10.55
N ARG A 69 -5.41 11.43 11.21
CA ARG A 69 -4.33 12.28 10.72
C ARG A 69 -3.39 11.50 9.78
N ASP A 70 -3.18 10.21 10.08
CA ASP A 70 -2.35 9.35 9.23
C ASP A 70 -2.86 9.34 7.78
N LEU A 71 -4.18 9.47 7.61
CA LEU A 71 -4.80 9.57 6.28
C LEU A 71 -4.15 10.68 5.44
N ASP A 72 -4.00 11.85 6.04
CA ASP A 72 -3.41 13.01 5.35
C ASP A 72 -1.91 12.75 5.04
N ARG A 73 -1.21 12.17 6.01
CA ARG A 73 0.23 11.86 5.85
C ARG A 73 0.45 10.85 4.72
N GLN A 74 -0.42 9.85 4.61
CA GLN A 74 -0.31 8.86 3.54
C GLN A 74 -0.56 9.52 2.17
N LYS A 75 -1.58 10.38 2.10
CA LYS A 75 -1.92 11.08 0.86
C LYS A 75 -0.76 11.97 0.38
N GLN A 76 -0.17 12.76 1.27
CA GLN A 76 0.94 13.64 0.88
C GLN A 76 2.12 12.83 0.31
N LYS A 77 2.37 11.65 0.90
CA LYS A 77 3.42 10.76 0.41
C LYS A 77 3.09 10.22 -1.00
N LEU A 78 1.80 10.15 -1.32
CA LEU A 78 1.37 9.78 -2.67
C LEU A 78 1.40 11.00 -3.62
N GLU A 79 1.10 12.18 -3.08
CA GLU A 79 1.20 13.43 -3.84
C GLU A 79 2.65 13.69 -4.27
N ALA A 80 3.60 13.03 -3.61
CA ALA A 80 5.00 13.06 -4.02
C ALA A 80 5.19 12.65 -5.49
N GLU A 81 4.36 11.69 -5.95
CA GLU A 81 4.35 11.30 -7.38
C GLU A 81 3.35 12.14 -8.18
N GLY A 82 2.56 12.94 -7.48
CA GLY A 82 1.49 13.70 -8.11
C GLY A 82 0.21 12.88 -8.29
N ILE A 83 -0.05 11.95 -7.36
CA ILE A 83 -1.22 11.07 -7.43
C ILE A 83 -2.52 11.82 -7.06
N GLU A 84 -3.54 11.63 -7.89
CA GLU A 84 -4.88 12.21 -7.66
C GLU A 84 -5.62 11.48 -6.54
N VAL A 85 -5.87 12.17 -5.43
CA VAL A 85 -6.61 11.59 -4.29
C VAL A 85 -7.83 12.46 -3.94
N SER A 86 -9.02 11.88 -4.04
CA SER A 86 -10.27 12.58 -3.67
C SER A 86 -10.28 12.93 -2.17
N GLU A 87 -10.99 14.01 -1.84
CA GLU A 87 -11.06 14.54 -0.46
C GLU A 87 -11.31 13.46 0.59
N ILE A 88 -12.06 12.43 0.21
CA ILE A 88 -12.40 11.32 1.12
C ILE A 88 -11.29 10.25 1.14
N GLY A 89 -10.09 10.63 0.73
CA GLY A 89 -8.97 9.69 0.67
C GLY A 89 -9.19 8.59 -0.36
N LYS A 90 -9.79 8.93 -1.49
CA LYS A 90 -10.15 7.93 -2.52
C LYS A 90 -9.20 8.02 -3.71
N ILE A 91 -8.68 6.87 -4.15
CA ILE A 91 -7.72 6.81 -5.27
C ILE A 91 -8.31 6.06 -6.48
N ALA A 92 -8.12 6.62 -7.68
CA ALA A 92 -8.60 5.99 -8.91
C ALA A 92 -7.67 4.86 -9.38
N LEU A 93 -7.99 3.62 -8.97
CA LEU A 93 -7.17 2.45 -9.29
C LEU A 93 -7.03 2.23 -10.81
N ARG A 94 -8.10 2.49 -11.56
CA ARG A 94 -8.11 2.28 -13.03
C ARG A 94 -6.87 2.85 -13.76
N LYS A 95 -6.21 3.85 -13.17
CA LYS A 95 -4.96 4.38 -13.75
C LYS A 95 -3.74 4.08 -12.87
N TYR A 96 -3.90 4.15 -11.55
CA TYR A 96 -2.78 3.93 -10.61
C TYR A 96 -2.59 2.44 -10.26
N LYS A 97 -3.36 1.57 -10.91
CA LYS A 97 -3.25 0.12 -10.70
C LYS A 97 -1.85 -0.42 -11.05
N TRP A 98 -1.38 -1.37 -10.26
CA TRP A 98 -0.11 -2.05 -10.56
C TRP A 98 -0.37 -3.50 -11.00
N GLN A 99 0.12 -3.84 -12.20
CA GLN A 99 0.03 -5.19 -12.72
C GLN A 99 1.34 -5.97 -12.49
N PRO A 100 1.41 -6.79 -11.42
CA PRO A 100 2.60 -7.63 -11.15
C PRO A 100 2.82 -8.72 -12.21
N LEU A 101 1.83 -8.87 -13.08
CA LEU A 101 1.90 -9.86 -14.16
C LEU A 101 2.63 -9.30 -15.40
N GLU A 102 3.16 -8.08 -15.29
CA GLU A 102 3.97 -7.48 -16.36
C GLU A 102 5.47 -7.82 -16.19
N MET A 1 12.14 -10.68 12.82
CA MET A 1 11.35 -10.42 11.59
C MET A 1 10.75 -11.73 11.04
N ASP A 2 9.42 -11.83 11.08
CA ASP A 2 8.71 -13.06 10.65
C ASP A 2 8.80 -13.30 9.13
N GLN A 3 8.73 -14.57 8.75
CA GLN A 3 8.72 -14.97 7.32
C GLN A 3 7.55 -14.32 6.57
N PHE A 4 6.42 -14.17 7.26
CA PHE A 4 5.28 -13.43 6.70
C PHE A 4 5.69 -12.02 6.28
N LEU A 5 6.33 -11.30 7.20
CA LEU A 5 6.80 -9.94 6.94
C LEU A 5 7.80 -9.90 5.78
N VAL A 6 8.76 -10.82 5.80
CA VAL A 6 9.78 -10.91 4.74
C VAL A 6 9.16 -10.97 3.34
N GLN A 7 8.18 -11.86 3.16
CA GLN A 7 7.54 -12.06 1.85
C GLN A 7 6.68 -10.85 1.42
N ILE A 8 5.82 -10.37 2.31
CA ILE A 8 4.92 -9.25 1.96
C ILE A 8 5.72 -7.97 1.63
N PHE A 9 6.75 -7.68 2.43
CA PHE A 9 7.61 -6.51 2.18
C PHE A 9 8.40 -6.69 0.87
N ALA A 10 8.85 -7.91 0.59
CA ALA A 10 9.55 -8.21 -0.65
C ALA A 10 8.71 -7.82 -1.88
N VAL A 11 7.39 -8.00 -1.78
CA VAL A 11 6.46 -7.58 -2.83
C VAL A 11 6.31 -6.05 -2.86
N ILE A 12 6.16 -5.45 -1.68
CA ILE A 12 5.96 -4.00 -1.55
C ILE A 12 7.15 -3.19 -2.10
N HIS A 13 8.37 -3.68 -1.89
CA HIS A 13 9.56 -3.01 -2.45
C HIS A 13 9.56 -3.00 -3.99
N GLN A 14 8.71 -3.83 -4.60
CA GLN A 14 8.62 -3.93 -6.06
C GLN A 14 7.53 -3.01 -6.64
N ILE A 15 6.85 -2.24 -5.79
CA ILE A 15 5.84 -1.27 -6.26
C ILE A 15 6.55 -0.01 -6.79
N PRO A 16 6.35 0.34 -8.07
CA PRO A 16 7.05 1.47 -8.72
C PRO A 16 6.49 2.85 -8.35
N LYS A 17 7.17 3.90 -8.82
CA LYS A 17 6.76 5.27 -8.55
C LYS A 17 5.50 5.64 -9.35
N GLY A 18 4.46 6.09 -8.66
CA GLY A 18 3.26 6.58 -9.34
C GLY A 18 2.11 5.57 -9.34
N LYS A 19 2.39 4.33 -8.96
CA LYS A 19 1.35 3.29 -8.91
C LYS A 19 1.14 2.76 -7.49
N VAL A 20 -0.05 2.20 -7.24
CA VAL A 20 -0.40 1.64 -5.93
C VAL A 20 -0.92 0.20 -6.06
N SER A 21 -1.15 -0.46 -4.92
CA SER A 21 -1.69 -1.82 -4.90
C SER A 21 -2.48 -2.08 -3.61
N THR A 22 -3.23 -3.18 -3.58
CA THR A 22 -4.07 -3.52 -2.41
C THR A 22 -3.41 -4.59 -1.53
N TYR A 23 -3.80 -4.62 -0.26
CA TYR A 23 -3.30 -5.62 0.69
C TYR A 23 -3.55 -7.05 0.20
N GLY A 24 -4.67 -7.26 -0.49
CA GLY A 24 -4.98 -8.55 -1.08
C GLY A 24 -3.94 -8.98 -2.11
N GLU A 25 -3.64 -8.10 -3.07
CA GLU A 25 -2.64 -8.38 -4.11
C GLU A 25 -1.28 -8.73 -3.49
N ILE A 26 -0.83 -7.91 -2.55
CA ILE A 26 0.43 -8.14 -1.84
C ILE A 26 0.46 -9.52 -1.18
N ALA A 27 -0.60 -9.84 -0.44
CA ALA A 27 -0.71 -11.14 0.25
C ALA A 27 -0.67 -12.33 -0.73
N LYS A 28 -1.45 -12.23 -1.81
CA LYS A 28 -1.51 -13.29 -2.83
C LYS A 28 -0.12 -13.61 -3.40
N MET A 29 0.53 -12.60 -3.98
CA MET A 29 1.84 -12.78 -4.62
C MET A 29 2.94 -13.13 -3.60
N ALA A 30 2.78 -12.69 -2.36
CA ALA A 30 3.72 -13.03 -1.29
C ALA A 30 3.64 -14.53 -0.92
N GLY A 31 2.46 -15.12 -1.12
CA GLY A 31 2.26 -16.53 -0.81
C GLY A 31 1.42 -16.76 0.45
N TYR A 32 0.66 -15.74 0.84
CA TYR A 32 -0.21 -15.84 2.03
C TYR A 32 -1.64 -15.33 1.72
N PRO A 33 -2.49 -16.19 1.13
CA PRO A 33 -3.88 -15.83 0.80
C PRO A 33 -4.76 -15.62 2.06
N GLY A 34 -5.55 -14.56 2.07
CA GLY A 34 -6.40 -14.25 3.22
C GLY A 34 -5.63 -13.65 4.39
N TYR A 35 -4.47 -13.08 4.12
CA TYR A 35 -3.66 -12.41 5.15
C TYR A 35 -3.61 -10.88 4.96
N ALA A 36 -4.44 -10.36 4.05
CA ALA A 36 -4.51 -8.91 3.80
C ALA A 36 -4.76 -8.13 5.11
N ARG A 37 -5.61 -8.70 5.95
CA ARG A 37 -5.86 -8.18 7.30
C ARG A 37 -4.56 -7.97 8.08
N HIS A 38 -3.66 -8.97 8.05
CA HIS A 38 -2.39 -8.91 8.78
C HIS A 38 -1.39 -7.97 8.10
N VAL A 39 -1.41 -7.92 6.76
CA VAL A 39 -0.54 -7.00 6.02
C VAL A 39 -0.84 -5.54 6.40
N GLY A 40 -2.14 -5.22 6.52
CA GLY A 40 -2.55 -3.90 6.99
C GLY A 40 -2.11 -3.63 8.43
N LYS A 41 -2.17 -4.66 9.26
CA LYS A 41 -1.70 -4.58 10.65
C LYS A 41 -0.18 -4.34 10.71
N ALA A 42 0.55 -4.85 9.72
CA ALA A 42 2.00 -4.69 9.64
C ALA A 42 2.38 -3.27 9.19
N LEU A 43 1.89 -2.85 8.03
CA LEU A 43 2.21 -1.53 7.48
C LEU A 43 1.68 -0.39 8.35
N GLY A 44 0.55 -0.63 9.02
CA GLY A 44 -0.01 0.37 9.93
C GLY A 44 0.86 0.63 11.16
N ASN A 45 1.88 -0.21 11.36
CA ASN A 45 2.78 -0.08 12.50
C ASN A 45 4.14 0.51 12.07
N LEU A 46 4.19 1.07 10.86
CA LEU A 46 5.44 1.65 10.33
C LEU A 46 5.51 3.18 10.55
N PRO A 47 6.73 3.74 10.66
CA PRO A 47 6.93 5.18 10.84
C PRO A 47 6.98 5.96 9.51
N GLU A 48 7.18 7.28 9.61
CA GLU A 48 7.18 8.15 8.43
C GLU A 48 8.52 8.11 7.67
N GLY A 49 9.62 7.92 8.39
CA GLY A 49 10.95 7.94 7.77
C GLY A 49 11.45 6.57 7.33
N SER A 50 10.53 5.66 7.01
CA SER A 50 10.89 4.31 6.57
C SER A 50 11.23 4.29 5.08
N LYS A 51 12.26 3.53 4.70
CA LYS A 51 12.65 3.40 3.29
C LYS A 51 11.70 2.44 2.55
N LEU A 52 11.07 1.55 3.30
CA LEU A 52 9.98 0.71 2.79
C LEU A 52 8.73 1.57 2.52
N PRO A 53 8.29 1.68 1.24
CA PRO A 53 7.12 2.51 0.91
C PRO A 53 5.79 1.83 1.25
N TRP A 54 5.24 2.16 2.41
CA TRP A 54 3.93 1.65 2.85
C TRP A 54 2.78 2.47 2.25
N PHE A 55 3.08 3.70 1.84
CA PHE A 55 2.06 4.62 1.32
C PHE A 55 1.46 4.16 -0.02
N ARG A 56 2.07 3.17 -0.67
CA ARG A 56 1.56 2.68 -1.96
C ARG A 56 0.53 1.55 -1.81
N VAL A 57 0.30 1.09 -0.57
CA VAL A 57 -0.60 -0.04 -0.33
C VAL A 57 -1.89 0.41 0.39
N ILE A 58 -3.04 0.20 -0.26
CA ILE A 58 -4.34 0.60 0.29
C ILE A 58 -5.32 -0.60 0.36
N ASN A 59 -6.55 -0.36 0.84
CA ASN A 59 -7.54 -1.43 0.98
C ASN A 59 -8.39 -1.64 -0.28
N SER A 60 -9.15 -2.74 -0.30
CA SER A 60 -9.84 -3.23 -1.51
C SER A 60 -10.80 -2.20 -2.15
N GLN A 61 -11.36 -1.29 -1.35
CA GLN A 61 -12.29 -0.28 -1.86
C GLN A 61 -11.60 0.79 -2.72
N GLY A 62 -10.27 0.74 -2.80
CA GLY A 62 -9.53 1.82 -3.45
C GLY A 62 -9.52 3.07 -2.57
N LYS A 63 -9.17 2.89 -1.31
CA LYS A 63 -9.26 3.94 -0.30
C LYS A 63 -8.07 3.86 0.67
N ILE A 64 -7.69 5.00 1.24
CA ILE A 64 -6.59 5.05 2.20
C ILE A 64 -6.92 4.23 3.47
N SER A 65 -6.07 3.27 3.78
CA SER A 65 -6.27 2.38 4.94
C SER A 65 -6.19 3.16 6.26
N LEU A 66 -5.13 3.97 6.41
CA LEU A 66 -4.96 4.82 7.59
C LEU A 66 -6.09 5.86 7.70
N LYS A 67 -6.25 6.44 8.89
CA LYS A 67 -7.30 7.44 9.13
C LYS A 67 -6.77 8.63 9.94
N GLY A 68 -7.66 9.55 10.31
CA GLY A 68 -7.25 10.74 11.03
C GLY A 68 -6.30 11.60 10.20
N ARG A 69 -5.17 11.99 10.79
CA ARG A 69 -4.16 12.75 10.06
C ARG A 69 -3.13 11.83 9.38
N ASP A 70 -3.09 10.57 9.82
CA ASP A 70 -2.27 9.55 9.15
C ASP A 70 -2.78 9.31 7.73
N LEU A 71 -4.07 9.52 7.52
CA LEU A 71 -4.68 9.50 6.18
C LEU A 71 -3.99 10.54 5.29
N ASP A 72 -3.88 11.77 5.78
CA ASP A 72 -3.18 12.84 5.08
C ASP A 72 -1.67 12.55 4.94
N ARG A 73 -1.10 11.84 5.92
CA ARG A 73 0.31 11.42 5.84
C ARG A 73 0.57 10.60 4.56
N GLN A 74 -0.20 9.52 4.37
CA GLN A 74 -0.09 8.70 3.17
C GLN A 74 -0.36 9.53 1.90
N LYS A 75 -1.45 10.28 1.91
CA LYS A 75 -1.84 11.11 0.76
C LYS A 75 -0.74 12.10 0.35
N GLN A 76 -0.17 12.81 1.33
CA GLN A 76 0.90 13.78 1.04
C GLN A 76 2.18 13.10 0.54
N LYS A 77 2.41 11.85 0.96
CA LYS A 77 3.51 11.05 0.41
C LYS A 77 3.27 10.73 -1.06
N LEU A 78 2.02 10.37 -1.38
CA LEU A 78 1.61 10.05 -2.75
C LEU A 78 1.63 11.29 -3.67
N GLU A 79 0.93 12.34 -3.24
CA GLU A 79 0.87 13.60 -4.00
C GLU A 79 2.27 14.22 -4.22
N ALA A 80 3.19 13.96 -3.29
CA ALA A 80 4.57 14.44 -3.43
C ALA A 80 5.22 13.95 -4.73
N GLU A 81 4.95 12.69 -5.09
CA GLU A 81 5.49 12.11 -6.33
C GLU A 81 4.57 12.40 -7.53
N GLY A 82 3.28 12.58 -7.26
CA GLY A 82 2.32 12.88 -8.33
C GLY A 82 1.21 11.84 -8.45
N ILE A 83 0.65 11.42 -7.33
CA ILE A 83 -0.50 10.52 -7.31
C ILE A 83 -1.75 11.23 -6.75
N GLU A 84 -2.72 11.49 -7.61
CA GLU A 84 -3.92 12.26 -7.23
C GLU A 84 -4.84 11.45 -6.30
N VAL A 85 -4.87 11.85 -5.03
CA VAL A 85 -5.76 11.23 -4.05
C VAL A 85 -7.04 12.05 -3.86
N SER A 86 -8.20 11.43 -4.05
CA SER A 86 -9.47 12.09 -3.77
C SER A 86 -9.49 12.56 -2.31
N GLU A 87 -9.92 13.80 -2.07
CA GLU A 87 -9.76 14.45 -0.75
C GLU A 87 -10.34 13.61 0.41
N ILE A 88 -11.41 12.86 0.16
CA ILE A 88 -12.04 12.02 1.19
C ILE A 88 -11.17 10.80 1.55
N GLY A 89 -10.07 10.62 0.82
CA GLY A 89 -9.14 9.52 1.07
C GLY A 89 -9.32 8.34 0.13
N LYS A 90 -9.50 8.59 -1.17
CA LYS A 90 -9.66 7.50 -2.16
C LYS A 90 -8.65 7.60 -3.32
N ILE A 91 -8.28 6.44 -3.84
CA ILE A 91 -7.38 6.35 -5.01
C ILE A 91 -8.03 5.51 -6.12
N ALA A 92 -8.04 6.02 -7.35
CA ALA A 92 -8.66 5.31 -8.47
C ALA A 92 -7.79 4.13 -8.96
N LEU A 93 -8.06 2.93 -8.44
CA LEU A 93 -7.30 1.72 -8.81
C LEU A 93 -7.38 1.42 -10.31
N ARG A 94 -8.49 1.79 -10.94
CA ARG A 94 -8.68 1.56 -12.37
C ARG A 94 -7.53 2.14 -13.23
N LYS A 95 -6.97 3.26 -12.79
CA LYS A 95 -5.85 3.90 -13.49
C LYS A 95 -4.51 3.71 -12.73
N TYR A 96 -4.55 3.82 -11.40
CA TYR A 96 -3.34 3.72 -10.58
C TYR A 96 -2.95 2.27 -10.26
N LYS A 97 -3.56 1.31 -10.96
CA LYS A 97 -3.26 -0.12 -10.77
C LYS A 97 -1.81 -0.46 -11.15
N TRP A 98 -1.18 -1.30 -10.35
CA TRP A 98 0.18 -1.78 -10.63
C TRP A 98 0.15 -2.98 -11.59
N GLN A 99 0.88 -2.88 -12.70
CA GLN A 99 1.00 -3.97 -13.67
C GLN A 99 2.44 -4.52 -13.74
N PRO A 100 2.70 -5.64 -13.04
CA PRO A 100 4.02 -6.30 -13.07
C PRO A 100 4.13 -7.39 -14.13
N LEU A 101 5.33 -7.96 -14.29
CA LEU A 101 5.54 -9.10 -15.19
C LEU A 101 5.10 -10.40 -14.50
N GLU A 102 3.79 -10.63 -14.49
CA GLU A 102 3.19 -11.79 -13.80
C GLU A 102 3.18 -13.05 -14.69
N MET A 1 13.00 -11.87 12.30
CA MET A 1 11.76 -11.42 11.63
C MET A 1 11.17 -12.55 10.76
N ASP A 2 9.94 -12.95 11.05
CA ASP A 2 9.29 -14.08 10.38
C ASP A 2 9.19 -13.89 8.86
N GLN A 3 9.17 -15.00 8.13
CA GLN A 3 9.14 -14.99 6.66
C GLN A 3 7.92 -14.24 6.11
N PHE A 4 6.84 -14.18 6.90
CA PHE A 4 5.64 -13.41 6.53
C PHE A 4 5.99 -11.94 6.24
N LEU A 5 6.58 -11.27 7.23
CA LEU A 5 6.98 -9.86 7.09
C LEU A 5 8.03 -9.70 5.99
N VAL A 6 9.01 -10.61 5.96
CA VAL A 6 10.07 -10.58 4.95
C VAL A 6 9.51 -10.52 3.52
N GLN A 7 8.55 -11.41 3.22
CA GLN A 7 7.97 -11.48 1.87
C GLN A 7 7.08 -10.28 1.55
N ILE A 8 6.06 -10.01 2.38
CA ILE A 8 5.11 -8.93 2.10
C ILE A 8 5.81 -7.58 1.87
N PHE A 9 6.79 -7.26 2.73
CA PHE A 9 7.56 -6.02 2.58
C PHE A 9 8.41 -6.04 1.29
N ALA A 10 9.06 -7.18 1.04
CA ALA A 10 9.89 -7.35 -0.17
C ALA A 10 9.07 -7.09 -1.45
N VAL A 11 7.84 -7.59 -1.49
CA VAL A 11 6.94 -7.35 -2.62
C VAL A 11 6.64 -5.85 -2.77
N ILE A 12 6.43 -5.17 -1.65
CA ILE A 12 6.17 -3.72 -1.65
C ILE A 12 7.39 -2.93 -2.20
N HIS A 13 8.60 -3.38 -1.89
CA HIS A 13 9.82 -2.76 -2.44
C HIS A 13 9.90 -2.92 -3.97
N GLN A 14 9.17 -3.89 -4.52
CA GLN A 14 9.17 -4.17 -5.97
C GLN A 14 8.15 -3.28 -6.72
N ILE A 15 7.32 -2.55 -5.99
CA ILE A 15 6.29 -1.70 -6.61
C ILE A 15 6.91 -0.51 -7.38
N PRO A 16 6.53 -0.33 -8.66
CA PRO A 16 6.96 0.84 -9.46
C PRO A 16 6.44 2.17 -8.87
N LYS A 17 7.18 3.26 -9.10
CA LYS A 17 6.86 4.55 -8.53
C LYS A 17 5.58 5.14 -9.16
N GLY A 18 4.59 5.44 -8.33
CA GLY A 18 3.33 6.01 -8.80
C GLY A 18 2.21 4.98 -8.95
N LYS A 19 2.55 3.69 -8.93
CA LYS A 19 1.55 2.63 -9.03
C LYS A 19 1.16 2.09 -7.64
N VAL A 20 -0.12 1.79 -7.46
CA VAL A 20 -0.62 1.30 -6.17
C VAL A 20 -1.34 -0.06 -6.30
N SER A 21 -1.54 -0.72 -5.17
CA SER A 21 -2.23 -2.02 -5.13
C SER A 21 -2.92 -2.23 -3.78
N THR A 22 -3.57 -3.39 -3.61
CA THR A 22 -4.31 -3.68 -2.37
C THR A 22 -3.60 -4.74 -1.50
N TYR A 23 -3.95 -4.75 -0.21
CA TYR A 23 -3.36 -5.68 0.76
C TYR A 23 -3.45 -7.14 0.29
N GLY A 24 -4.64 -7.53 -0.22
CA GLY A 24 -4.85 -8.88 -0.70
C GLY A 24 -3.93 -9.27 -1.84
N GLU A 25 -3.75 -8.36 -2.80
CA GLU A 25 -2.88 -8.61 -3.96
C GLU A 25 -1.42 -8.81 -3.52
N ILE A 26 -0.92 -7.91 -2.66
CA ILE A 26 0.43 -8.05 -2.10
C ILE A 26 0.59 -9.43 -1.43
N ALA A 27 -0.44 -9.85 -0.70
CA ALA A 27 -0.47 -11.17 -0.06
C ALA A 27 -0.40 -12.31 -1.10
N LYS A 28 -1.01 -12.11 -2.26
CA LYS A 28 -0.97 -13.11 -3.34
C LYS A 28 0.47 -13.41 -3.78
N MET A 29 1.19 -12.38 -4.23
CA MET A 29 2.59 -12.56 -4.65
C MET A 29 3.49 -12.96 -3.46
N ALA A 30 3.13 -12.49 -2.26
CA ALA A 30 3.88 -12.86 -1.05
C ALA A 30 3.68 -14.34 -0.68
N GLY A 31 2.50 -14.87 -1.02
CA GLY A 31 2.20 -16.27 -0.73
C GLY A 31 1.42 -16.47 0.57
N TYR A 32 0.61 -15.47 0.95
CA TYR A 32 -0.18 -15.53 2.19
C TYR A 32 -1.63 -15.00 1.97
N PRO A 33 -2.40 -15.58 1.04
CA PRO A 33 -3.81 -15.18 0.81
C PRO A 33 -4.67 -15.32 2.09
N GLY A 34 -5.43 -14.27 2.42
CA GLY A 34 -6.23 -14.27 3.63
C GLY A 34 -5.58 -13.53 4.80
N TYR A 35 -4.31 -13.15 4.63
CA TYR A 35 -3.58 -12.39 5.65
C TYR A 35 -3.50 -10.89 5.29
N ALA A 36 -4.41 -10.44 4.42
CA ALA A 36 -4.42 -9.04 3.95
C ALA A 36 -4.45 -8.03 5.11
N ARG A 37 -5.36 -8.24 6.06
CA ARG A 37 -5.46 -7.35 7.23
C ARG A 37 -4.17 -7.38 8.07
N HIS A 38 -3.51 -8.54 8.13
CA HIS A 38 -2.25 -8.67 8.87
C HIS A 38 -1.14 -7.83 8.20
N VAL A 39 -1.09 -7.88 6.87
CA VAL A 39 -0.16 -7.04 6.10
C VAL A 39 -0.39 -5.55 6.44
N GLY A 40 -1.64 -5.13 6.32
CA GLY A 40 -2.00 -3.75 6.65
C GLY A 40 -1.72 -3.39 8.11
N LYS A 41 -1.94 -4.35 9.02
CA LYS A 41 -1.66 -4.14 10.43
C LYS A 41 -0.17 -3.86 10.65
N ALA A 42 0.69 -4.63 9.99
CA ALA A 42 2.14 -4.43 10.07
C ALA A 42 2.54 -3.06 9.52
N LEU A 43 1.99 -2.71 8.36
CA LEU A 43 2.25 -1.39 7.74
C LEU A 43 1.78 -0.25 8.66
N GLY A 44 0.67 -0.48 9.36
CA GLY A 44 0.11 0.53 10.27
C GLY A 44 0.94 0.74 11.54
N ASN A 45 2.05 0.02 11.68
CA ASN A 45 2.96 0.20 12.82
C ASN A 45 4.36 0.67 12.37
N LEU A 46 4.53 0.89 11.07
CA LEU A 46 5.82 1.33 10.52
C LEU A 46 6.13 2.79 10.89
N PRO A 47 7.42 3.14 11.02
CA PRO A 47 7.84 4.51 11.42
C PRO A 47 7.51 5.59 10.36
N GLU A 48 7.65 6.85 10.76
CA GLU A 48 7.34 7.99 9.89
C GLU A 48 8.27 8.05 8.66
N GLY A 49 9.56 7.84 8.87
CA GLY A 49 10.54 7.92 7.79
C GLY A 49 11.16 6.58 7.45
N SER A 50 10.35 5.64 6.95
CA SER A 50 10.83 4.31 6.54
C SER A 50 11.10 4.28 5.02
N LYS A 51 12.22 3.66 4.62
CA LYS A 51 12.52 3.48 3.20
C LYS A 51 11.45 2.60 2.53
N LEU A 52 10.86 1.71 3.32
CA LEU A 52 9.75 0.87 2.86
C LEU A 52 8.46 1.70 2.66
N PRO A 53 7.98 1.82 1.41
CA PRO A 53 6.77 2.60 1.12
C PRO A 53 5.46 1.86 1.44
N TRP A 54 4.92 2.09 2.63
CA TRP A 54 3.67 1.46 3.05
C TRP A 54 2.45 2.18 2.45
N PHE A 55 2.63 3.46 2.13
CA PHE A 55 1.55 4.31 1.61
C PHE A 55 0.95 3.79 0.28
N ARG A 56 1.72 2.99 -0.46
CA ARG A 56 1.29 2.49 -1.78
C ARG A 56 0.19 1.41 -1.68
N VAL A 57 0.01 0.83 -0.49
CA VAL A 57 -0.92 -0.29 -0.32
C VAL A 57 -2.23 0.15 0.37
N ILE A 58 -3.32 0.21 -0.40
CA ILE A 58 -4.63 0.62 0.13
C ILE A 58 -5.66 -0.53 0.08
N ASN A 59 -6.92 -0.22 0.34
CA ASN A 59 -7.99 -1.23 0.32
C ASN A 59 -8.50 -1.49 -1.11
N SER A 60 -9.29 -2.54 -1.28
CA SER A 60 -9.85 -2.90 -2.59
C SER A 60 -11.02 -1.98 -2.99
N GLN A 61 -11.19 -0.88 -2.26
CA GLN A 61 -12.26 0.09 -2.53
C GLN A 61 -11.71 1.40 -3.11
N GLY A 62 -10.39 1.45 -3.33
CA GLY A 62 -9.75 2.66 -3.84
C GLY A 62 -9.76 3.80 -2.82
N LYS A 63 -9.40 3.48 -1.58
CA LYS A 63 -9.39 4.46 -0.49
C LYS A 63 -8.31 4.11 0.56
N ILE A 64 -7.74 5.14 1.18
CA ILE A 64 -6.80 4.95 2.29
C ILE A 64 -7.52 4.33 3.50
N SER A 65 -6.95 3.24 4.05
CA SER A 65 -7.61 2.49 5.13
C SER A 65 -7.38 3.12 6.51
N LEU A 66 -6.32 3.92 6.65
CA LEU A 66 -5.95 4.51 7.93
C LEU A 66 -6.91 5.65 8.34
N LYS A 67 -6.79 6.11 9.60
CA LYS A 67 -7.65 7.18 10.13
C LYS A 67 -7.24 8.56 9.58
N GLY A 68 -8.08 9.58 9.82
CA GLY A 68 -7.90 10.90 9.20
C GLY A 68 -6.46 11.45 9.23
N ARG A 69 -5.84 11.45 10.42
CA ARG A 69 -4.47 11.94 10.57
C ARG A 69 -3.48 11.14 9.70
N ASP A 70 -3.54 9.82 9.80
CA ASP A 70 -2.66 8.94 9.04
C ASP A 70 -3.03 8.93 7.56
N LEU A 71 -4.29 9.27 7.28
CA LEU A 71 -4.80 9.34 5.91
C LEU A 71 -4.15 10.50 5.16
N ASP A 72 -4.14 11.68 5.78
CA ASP A 72 -3.48 12.85 5.20
C ASP A 72 -1.98 12.58 5.00
N ARG A 73 -1.33 12.03 6.03
CA ARG A 73 0.10 11.67 5.96
C ARG A 73 0.38 10.73 4.77
N GLN A 74 -0.40 9.66 4.67
CA GLN A 74 -0.27 8.71 3.55
C GLN A 74 -0.58 9.40 2.22
N LYS A 75 -1.60 10.26 2.23
CA LYS A 75 -2.00 11.02 1.04
C LYS A 75 -0.87 11.92 0.52
N GLN A 76 -0.18 12.61 1.43
CA GLN A 76 0.97 13.46 1.05
C GLN A 76 2.04 12.65 0.32
N LYS A 77 2.36 11.48 0.88
CA LYS A 77 3.35 10.58 0.28
C LYS A 77 2.88 10.03 -1.07
N LEU A 78 1.59 9.71 -1.19
CA LEU A 78 1.00 9.26 -2.45
C LEU A 78 1.07 10.36 -3.53
N GLU A 79 0.70 11.58 -3.15
CA GLU A 79 0.78 12.72 -4.07
C GLU A 79 2.24 13.02 -4.42
N ALA A 80 3.17 12.73 -3.50
CA ALA A 80 4.60 12.84 -3.79
C ALA A 80 5.01 11.90 -4.94
N GLU A 81 4.36 10.74 -5.01
CA GLU A 81 4.56 9.79 -6.12
C GLU A 81 4.04 10.37 -7.46
N GLY A 82 3.14 11.35 -7.36
CA GLY A 82 2.51 11.93 -8.54
C GLY A 82 1.04 11.54 -8.68
N ILE A 83 0.46 11.01 -7.61
CA ILE A 83 -0.93 10.52 -7.61
C ILE A 83 -1.93 11.62 -7.20
N GLU A 84 -2.99 11.78 -7.98
CA GLU A 84 -4.06 12.72 -7.63
C GLU A 84 -5.05 12.10 -6.63
N VAL A 85 -4.81 12.32 -5.34
CA VAL A 85 -5.66 11.77 -4.28
C VAL A 85 -6.65 12.83 -3.75
N SER A 86 -7.91 12.45 -3.63
CA SER A 86 -8.93 13.36 -3.06
C SER A 86 -8.89 13.33 -1.52
N GLU A 87 -9.43 14.38 -0.90
CA GLU A 87 -9.31 14.62 0.54
C GLU A 87 -9.57 13.37 1.41
N ILE A 88 -10.62 12.60 1.09
CA ILE A 88 -10.99 11.42 1.89
C ILE A 88 -10.13 10.18 1.53
N GLY A 89 -8.96 10.41 0.94
CA GLY A 89 -8.12 9.30 0.51
C GLY A 89 -8.69 8.56 -0.69
N LYS A 90 -9.37 9.32 -1.56
CA LYS A 90 -10.02 8.76 -2.75
C LYS A 90 -9.04 8.64 -3.92
N ILE A 91 -8.76 7.39 -4.32
CA ILE A 91 -7.86 7.10 -5.45
C ILE A 91 -8.60 6.29 -6.53
N ALA A 92 -8.34 6.62 -7.80
CA ALA A 92 -8.92 5.87 -8.92
C ALA A 92 -7.99 4.73 -9.38
N LEU A 93 -8.27 3.51 -8.93
CA LEU A 93 -7.44 2.35 -9.28
C LEU A 93 -7.42 2.12 -10.80
N ARG A 94 -8.55 2.39 -11.46
CA ARG A 94 -8.63 2.30 -12.93
C ARG A 94 -7.56 3.15 -13.64
N LYS A 95 -6.88 4.02 -12.89
CA LYS A 95 -5.77 4.83 -13.43
C LYS A 95 -4.41 4.39 -12.87
N TYR A 96 -4.36 4.14 -11.56
CA TYR A 96 -3.08 3.87 -10.86
C TYR A 96 -2.90 2.38 -10.49
N LYS A 97 -3.71 1.50 -11.06
CA LYS A 97 -3.59 0.06 -10.79
C LYS A 97 -2.23 -0.50 -11.24
N TRP A 98 -1.47 -1.06 -10.30
CA TRP A 98 -0.22 -1.74 -10.66
C TRP A 98 -0.52 -3.05 -11.40
N GLN A 99 0.19 -3.28 -12.50
CA GLN A 99 -0.01 -4.48 -13.32
C GLN A 99 1.13 -5.50 -13.13
N PRO A 100 0.95 -6.50 -12.25
CA PRO A 100 1.96 -7.56 -12.03
C PRO A 100 2.15 -8.47 -13.26
N LEU A 101 1.25 -8.34 -14.23
CA LEU A 101 1.31 -9.13 -15.47
C LEU A 101 1.96 -8.35 -16.62
N GLU A 102 2.36 -7.11 -16.35
CA GLU A 102 2.96 -6.23 -17.38
C GLU A 102 4.41 -5.85 -17.05
N MET A 1 11.45 -11.14 12.99
CA MET A 1 10.78 -10.86 11.69
C MET A 1 10.35 -12.15 10.99
N ASP A 2 9.04 -12.34 10.82
CA ASP A 2 8.50 -13.56 10.19
C ASP A 2 8.72 -13.57 8.66
N GLN A 3 8.73 -14.77 8.08
CA GLN A 3 8.76 -14.93 6.62
C GLN A 3 7.58 -14.21 5.97
N PHE A 4 6.43 -14.23 6.64
CA PHE A 4 5.26 -13.46 6.20
C PHE A 4 5.64 -11.99 5.94
N LEU A 5 6.30 -11.38 6.93
CA LEU A 5 6.78 -10.00 6.81
C LEU A 5 7.78 -9.86 5.66
N VAL A 6 8.74 -10.79 5.60
CA VAL A 6 9.78 -10.78 4.56
C VAL A 6 9.17 -10.80 3.15
N GLN A 7 8.22 -11.70 2.92
CA GLN A 7 7.59 -11.86 1.60
C GLN A 7 6.77 -10.62 1.21
N ILE A 8 5.81 -10.24 2.05
CA ILE A 8 4.92 -9.11 1.74
C ILE A 8 5.71 -7.81 1.53
N PHE A 9 6.71 -7.56 2.39
CA PHE A 9 7.54 -6.36 2.26
C PHE A 9 8.37 -6.40 0.97
N ALA A 10 8.99 -7.55 0.67
CA ALA A 10 9.78 -7.71 -0.56
C ALA A 10 8.96 -7.38 -1.81
N VAL A 11 7.67 -7.72 -1.79
CA VAL A 11 6.75 -7.37 -2.87
C VAL A 11 6.52 -5.85 -2.93
N ILE A 12 6.27 -5.25 -1.76
CA ILE A 12 5.99 -3.80 -1.67
C ILE A 12 7.21 -2.96 -2.08
N HIS A 13 8.42 -3.44 -1.78
CA HIS A 13 9.66 -2.76 -2.20
C HIS A 13 9.72 -2.56 -3.73
N GLN A 14 9.02 -3.43 -4.46
CA GLN A 14 9.07 -3.44 -5.93
C GLN A 14 8.02 -2.51 -6.57
N ILE A 15 7.21 -1.84 -5.74
CA ILE A 15 6.18 -0.92 -6.25
C ILE A 15 6.80 0.42 -6.70
N PRO A 16 6.68 0.77 -8.00
CA PRO A 16 7.30 1.99 -8.56
C PRO A 16 6.52 3.29 -8.27
N LYS A 17 6.95 4.39 -8.89
CA LYS A 17 6.31 5.69 -8.73
C LYS A 17 4.95 5.76 -9.47
N GLY A 18 3.98 6.41 -8.84
CA GLY A 18 2.66 6.58 -9.45
C GLY A 18 1.83 5.29 -9.49
N LYS A 19 2.25 4.29 -8.71
CA LYS A 19 1.53 3.01 -8.65
C LYS A 19 1.24 2.58 -7.20
N VAL A 20 0.07 1.97 -7.01
CA VAL A 20 -0.38 1.48 -5.69
C VAL A 20 -0.90 0.03 -5.79
N SER A 21 -1.10 -0.60 -4.64
CA SER A 21 -1.59 -1.98 -4.59
C SER A 21 -2.61 -2.18 -3.47
N THR A 22 -3.13 -3.40 -3.32
CA THR A 22 -4.11 -3.70 -2.27
C THR A 22 -3.59 -4.79 -1.31
N TYR A 23 -4.03 -4.73 -0.05
CA TYR A 23 -3.62 -5.71 0.96
C TYR A 23 -3.88 -7.15 0.50
N GLY A 24 -5.01 -7.36 -0.16
CA GLY A 24 -5.39 -8.68 -0.64
C GLY A 24 -4.48 -9.22 -1.74
N GLU A 25 -4.14 -8.37 -2.71
CA GLU A 25 -3.32 -8.80 -3.85
C GLU A 25 -1.85 -9.00 -3.44
N ILE A 26 -1.35 -8.12 -2.56
CA ILE A 26 -0.03 -8.29 -1.95
C ILE A 26 0.09 -9.65 -1.25
N ALA A 27 -0.86 -9.94 -0.36
CA ALA A 27 -0.88 -11.19 0.40
C ALA A 27 -0.88 -12.42 -0.53
N LYS A 28 -1.71 -12.38 -1.58
CA LYS A 28 -1.80 -13.50 -2.53
C LYS A 28 -0.45 -13.76 -3.22
N MET A 29 0.16 -12.70 -3.75
CA MET A 29 1.45 -12.82 -4.44
C MET A 29 2.57 -13.26 -3.48
N ALA A 30 2.55 -12.72 -2.26
CA ALA A 30 3.53 -13.08 -1.23
C ALA A 30 3.44 -14.56 -0.84
N GLY A 31 2.28 -15.17 -1.07
CA GLY A 31 2.08 -16.59 -0.77
C GLY A 31 1.29 -16.82 0.51
N TYR A 32 0.52 -15.82 0.92
CA TYR A 32 -0.31 -15.94 2.13
C TYR A 32 -1.75 -15.45 1.86
N PRO A 33 -2.55 -16.24 1.11
CA PRO A 33 -3.92 -15.86 0.75
C PRO A 33 -4.86 -15.79 1.98
N GLY A 34 -5.47 -14.63 2.19
CA GLY A 34 -6.35 -14.43 3.33
C GLY A 34 -5.75 -13.52 4.40
N TYR A 35 -4.42 -13.40 4.39
CA TYR A 35 -3.70 -12.57 5.38
C TYR A 35 -3.69 -11.08 4.99
N ALA A 36 -4.72 -10.63 4.27
CA ALA A 36 -4.79 -9.27 3.75
C ALA A 36 -4.57 -8.19 4.83
N ARG A 37 -5.43 -8.16 5.85
CA ARG A 37 -5.33 -7.14 6.90
C ARG A 37 -4.03 -7.25 7.70
N HIS A 38 -3.49 -8.47 7.83
CA HIS A 38 -2.24 -8.68 8.55
C HIS A 38 -1.09 -7.90 7.90
N VAL A 39 -1.15 -7.74 6.58
CA VAL A 39 -0.20 -6.89 5.85
C VAL A 39 -0.36 -5.42 6.28
N GLY A 40 -1.61 -4.96 6.38
CA GLY A 40 -1.89 -3.59 6.81
C GLY A 40 -1.37 -3.27 8.20
N LYS A 41 -1.59 -4.18 9.15
CA LYS A 41 -1.09 -4.02 10.52
C LYS A 41 0.45 -4.03 10.55
N ALA A 42 1.06 -4.90 9.75
CA ALA A 42 2.52 -4.97 9.63
C ALA A 42 3.09 -3.63 9.14
N LEU A 43 2.44 -3.05 8.12
CA LEU A 43 2.84 -1.73 7.60
C LEU A 43 2.60 -0.63 8.65
N GLY A 44 1.54 -0.75 9.41
CA GLY A 44 1.22 0.24 10.45
C GLY A 44 2.24 0.28 11.58
N ASN A 45 3.07 -0.76 11.69
CA ASN A 45 4.11 -0.82 12.73
C ASN A 45 5.49 -0.37 12.20
N LEU A 46 5.53 0.08 10.95
CA LEU A 46 6.79 0.52 10.33
C LEU A 46 7.26 1.88 10.89
N PRO A 47 8.54 1.99 11.28
CA PRO A 47 9.14 3.28 11.67
C PRO A 47 9.60 4.10 10.46
N GLU A 48 9.67 5.42 10.61
CA GLU A 48 10.08 6.33 9.53
C GLU A 48 11.47 5.98 8.96
N GLY A 49 12.33 5.41 9.80
CA GLY A 49 13.67 4.99 9.35
C GLY A 49 13.64 3.89 8.29
N SER A 50 12.53 3.16 8.22
CA SER A 50 12.36 2.10 7.21
C SER A 50 12.06 2.69 5.82
N LYS A 51 12.80 2.23 4.82
CA LYS A 51 12.65 2.75 3.44
C LYS A 51 11.50 2.08 2.68
N LEU A 52 10.71 1.27 3.38
CA LEU A 52 9.58 0.56 2.78
C LEU A 52 8.34 1.46 2.68
N PRO A 53 7.86 1.76 1.45
CA PRO A 53 6.69 2.64 1.27
C PRO A 53 5.36 1.96 1.63
N TRP A 54 4.90 2.18 2.86
CA TRP A 54 3.62 1.64 3.33
C TRP A 54 2.43 2.36 2.68
N PHE A 55 2.60 3.64 2.37
CA PHE A 55 1.53 4.47 1.82
C PHE A 55 1.03 4.00 0.43
N ARG A 56 1.76 3.06 -0.16
CA ARG A 56 1.42 2.55 -1.50
C ARG A 56 0.38 1.40 -1.46
N VAL A 57 0.15 0.82 -0.29
CA VAL A 57 -0.76 -0.33 -0.18
C VAL A 57 -2.06 0.04 0.58
N ILE A 58 -3.19 -0.05 -0.11
CA ILE A 58 -4.49 0.29 0.49
C ILE A 58 -5.50 -0.87 0.35
N ASN A 59 -6.78 -0.60 0.65
CA ASN A 59 -7.85 -1.59 0.52
C ASN A 59 -8.42 -1.62 -0.90
N SER A 60 -9.02 -2.75 -1.28
CA SER A 60 -9.56 -2.96 -2.63
C SER A 60 -10.79 -2.07 -2.93
N GLN A 61 -11.23 -1.31 -1.93
CA GLN A 61 -12.38 -0.40 -2.10
C GLN A 61 -11.98 0.91 -2.81
N GLY A 62 -10.69 1.13 -3.02
CA GLY A 62 -10.21 2.33 -3.70
C GLY A 62 -10.17 3.57 -2.79
N LYS A 63 -9.91 3.35 -1.50
CA LYS A 63 -9.85 4.45 -0.53
C LYS A 63 -8.60 4.37 0.35
N ILE A 64 -8.30 5.46 1.05
CA ILE A 64 -7.21 5.47 2.03
C ILE A 64 -7.63 4.74 3.31
N SER A 65 -6.96 3.63 3.60
CA SER A 65 -7.29 2.80 4.77
C SER A 65 -6.98 3.49 6.09
N LEU A 66 -6.10 4.48 6.05
CA LEU A 66 -5.72 5.23 7.26
C LEU A 66 -6.57 6.50 7.43
N LYS A 67 -6.94 6.81 8.66
CA LYS A 67 -7.80 7.97 8.94
C LYS A 67 -7.16 8.91 9.98
N GLY A 68 -7.57 10.18 9.98
CA GLY A 68 -7.00 11.15 10.91
C GLY A 68 -5.64 11.67 10.47
N ARG A 69 -4.70 11.79 11.40
CA ARG A 69 -3.33 12.21 11.06
C ARG A 69 -2.68 11.24 10.07
N ASP A 70 -3.06 9.97 10.17
CA ASP A 70 -2.54 8.92 9.30
C ASP A 70 -3.04 9.09 7.85
N LEU A 71 -4.13 9.84 7.68
CA LEU A 71 -4.69 10.09 6.35
C LEU A 71 -3.83 11.14 5.60
N ASP A 72 -3.66 12.31 6.20
CA ASP A 72 -2.92 13.40 5.55
C ASP A 72 -1.45 13.00 5.26
N ARG A 73 -0.79 12.32 6.21
CA ARG A 73 0.58 11.86 5.99
C ARG A 73 0.66 10.93 4.78
N GLN A 74 -0.24 9.94 4.70
CA GLN A 74 -0.26 9.01 3.56
C GLN A 74 -0.59 9.74 2.26
N LYS A 75 -1.56 10.66 2.32
CA LYS A 75 -1.97 11.44 1.15
C LYS A 75 -0.79 12.22 0.54
N GLN A 76 -0.11 13.02 1.37
CA GLN A 76 0.99 13.85 0.88
C GLN A 76 2.16 13.01 0.32
N LYS A 77 2.38 11.82 0.87
CA LYS A 77 3.38 10.90 0.30
C LYS A 77 3.02 10.55 -1.15
N LEU A 78 1.75 10.23 -1.37
CA LEU A 78 1.24 9.92 -2.70
C LEU A 78 1.27 11.15 -3.62
N GLU A 79 0.87 12.30 -3.07
CA GLU A 79 0.94 13.58 -3.78
C GLU A 79 2.36 13.83 -4.32
N ALA A 80 3.37 13.51 -3.51
CA ALA A 80 4.76 13.62 -3.92
C ALA A 80 5.09 12.68 -5.10
N GLU A 81 4.50 11.49 -5.09
CA GLU A 81 4.65 10.51 -6.18
C GLU A 81 3.95 11.00 -7.46
N GLY A 82 2.98 11.90 -7.29
CA GLY A 82 2.20 12.40 -8.42
C GLY A 82 0.85 11.70 -8.54
N ILE A 83 0.36 11.12 -7.44
CA ILE A 83 -0.90 10.39 -7.44
C ILE A 83 -2.09 11.29 -7.07
N GLU A 84 -3.12 11.29 -7.92
CA GLU A 84 -4.34 12.06 -7.69
C GLU A 84 -5.21 11.43 -6.58
N VAL A 85 -5.07 11.92 -5.36
CA VAL A 85 -5.93 11.49 -4.25
C VAL A 85 -7.21 12.34 -4.18
N SER A 86 -8.36 11.70 -4.36
CA SER A 86 -9.65 12.43 -4.43
C SER A 86 -10.18 12.82 -3.04
N GLU A 87 -11.18 13.70 -3.05
CA GLU A 87 -11.72 14.39 -1.85
C GLU A 87 -11.84 13.48 -0.60
N ILE A 88 -12.56 12.37 -0.71
CA ILE A 88 -12.81 11.49 0.44
C ILE A 88 -11.68 10.48 0.66
N GLY A 89 -10.47 10.83 0.21
CA GLY A 89 -9.35 9.90 0.25
C GLY A 89 -9.54 8.77 -0.75
N LYS A 90 -10.12 9.08 -1.89
CA LYS A 90 -10.44 8.07 -2.91
C LYS A 90 -9.37 8.03 -4.01
N ILE A 91 -8.75 6.87 -4.20
CA ILE A 91 -7.67 6.72 -5.19
C ILE A 91 -8.17 5.98 -6.44
N ALA A 92 -7.93 6.56 -7.61
CA ALA A 92 -8.33 5.94 -8.87
C ALA A 92 -7.44 4.73 -9.21
N LEU A 93 -7.88 3.55 -8.80
CA LEU A 93 -7.08 2.33 -8.93
C LEU A 93 -6.79 1.94 -10.39
N ARG A 94 -7.78 2.06 -11.27
CA ARG A 94 -7.63 1.60 -12.67
C ARG A 94 -6.37 2.17 -13.34
N LYS A 95 -6.07 3.45 -13.10
CA LYS A 95 -4.88 4.08 -13.69
C LYS A 95 -3.64 3.99 -12.76
N TYR A 96 -3.86 3.88 -11.45
CA TYR A 96 -2.74 3.83 -10.49
C TYR A 96 -2.43 2.40 -10.01
N LYS A 97 -3.12 1.39 -10.52
CA LYS A 97 -2.91 0.01 -10.10
C LYS A 97 -1.54 -0.52 -10.55
N TRP A 98 -0.80 -1.13 -9.62
CA TRP A 98 0.48 -1.76 -9.93
C TRP A 98 0.27 -3.12 -10.62
N GLN A 99 1.20 -3.50 -11.48
CA GLN A 99 1.07 -4.75 -12.24
C GLN A 99 2.45 -5.34 -12.57
N PRO A 100 3.02 -6.16 -11.66
CA PRO A 100 4.37 -6.73 -11.83
C PRO A 100 4.41 -7.94 -12.77
N LEU A 101 3.24 -8.42 -13.18
CA LEU A 101 3.14 -9.63 -14.01
C LEU A 101 3.82 -9.47 -15.38
N GLU A 102 5.03 -10.01 -15.51
CA GLU A 102 5.75 -10.03 -16.81
C GLU A 102 5.99 -11.47 -17.29
N MET A 1 12.56 -11.39 12.52
CA MET A 1 11.53 -10.98 11.53
C MET A 1 10.99 -12.20 10.76
N ASP A 2 9.71 -12.49 10.97
CA ASP A 2 9.09 -13.70 10.40
C ASP A 2 8.93 -13.61 8.86
N GLN A 3 9.02 -14.76 8.19
CA GLN A 3 8.92 -14.84 6.73
C GLN A 3 7.67 -14.11 6.20
N PHE A 4 6.57 -14.18 6.95
CA PHE A 4 5.34 -13.46 6.58
C PHE A 4 5.63 -11.98 6.26
N LEU A 5 6.24 -11.28 7.21
CA LEU A 5 6.58 -9.86 7.04
C LEU A 5 7.61 -9.68 5.92
N VAL A 6 8.64 -10.54 5.91
CA VAL A 6 9.69 -10.49 4.90
C VAL A 6 9.13 -10.56 3.47
N GLN A 7 8.22 -11.52 3.24
CA GLN A 7 7.66 -11.74 1.91
C GLN A 7 6.72 -10.61 1.48
N ILE A 8 5.73 -10.27 2.32
CA ILE A 8 4.76 -9.22 1.97
C ILE A 8 5.47 -7.89 1.69
N PHE A 9 6.46 -7.54 2.50
CA PHE A 9 7.24 -6.30 2.30
C PHE A 9 8.12 -6.40 1.05
N ALA A 10 8.67 -7.58 0.79
CA ALA A 10 9.48 -7.81 -0.42
C ALA A 10 8.68 -7.50 -1.70
N VAL A 11 7.39 -7.85 -1.69
CA VAL A 11 6.49 -7.53 -2.80
C VAL A 11 6.29 -6.01 -2.92
N ILE A 12 6.08 -5.36 -1.78
CA ILE A 12 5.90 -3.90 -1.73
C ILE A 12 7.17 -3.15 -2.16
N HIS A 13 8.34 -3.75 -1.91
CA HIS A 13 9.61 -3.18 -2.37
C HIS A 13 9.69 -3.11 -3.91
N GLN A 14 8.78 -3.79 -4.60
CA GLN A 14 8.78 -3.84 -6.06
C GLN A 14 7.75 -2.89 -6.69
N ILE A 15 7.06 -2.10 -5.86
CA ILE A 15 6.09 -1.10 -6.35
C ILE A 15 6.81 0.06 -7.06
N PRO A 16 6.39 0.41 -8.29
CA PRO A 16 6.97 1.53 -9.05
C PRO A 16 6.26 2.88 -8.76
N LYS A 17 6.60 3.91 -9.55
CA LYS A 17 6.03 5.24 -9.40
C LYS A 17 4.53 5.24 -9.74
N GLY A 18 3.71 5.77 -8.82
CA GLY A 18 2.28 5.95 -9.09
C GLY A 18 1.44 4.68 -8.95
N LYS A 19 1.90 3.58 -9.55
CA LYS A 19 1.15 2.32 -9.55
C LYS A 19 1.01 1.72 -8.13
N VAL A 20 -0.14 1.95 -7.50
CA VAL A 20 -0.40 1.45 -6.15
C VAL A 20 -1.03 0.04 -6.17
N SER A 21 -0.90 -0.68 -5.07
CA SER A 21 -1.41 -2.06 -4.97
C SER A 21 -2.33 -2.24 -3.77
N THR A 22 -3.04 -3.37 -3.73
CA THR A 22 -3.95 -3.68 -2.62
C THR A 22 -3.36 -4.78 -1.70
N TYR A 23 -3.73 -4.74 -0.42
CA TYR A 23 -3.24 -5.70 0.57
C TYR A 23 -3.42 -7.15 0.12
N GLY A 24 -4.53 -7.42 -0.57
CA GLY A 24 -4.80 -8.77 -1.08
C GLY A 24 -3.77 -9.24 -2.09
N GLU A 25 -3.46 -8.39 -3.08
CA GLU A 25 -2.46 -8.70 -4.10
C GLU A 25 -1.09 -8.98 -3.46
N ILE A 26 -0.65 -8.08 -2.59
CA ILE A 26 0.62 -8.22 -1.87
C ILE A 26 0.71 -9.58 -1.17
N ALA A 27 -0.35 -9.95 -0.45
CA ALA A 27 -0.40 -11.23 0.27
C ALA A 27 -0.29 -12.44 -0.69
N LYS A 28 -0.90 -12.33 -1.87
CA LYS A 28 -0.89 -13.41 -2.86
C LYS A 28 0.53 -13.74 -3.35
N MET A 29 1.22 -12.75 -3.93
CA MET A 29 2.59 -12.96 -4.42
C MET A 29 3.55 -13.29 -3.27
N ALA A 30 3.19 -12.86 -2.04
CA ALA A 30 3.97 -13.19 -0.85
C ALA A 30 3.83 -14.68 -0.48
N GLY A 31 2.70 -15.27 -0.85
CA GLY A 31 2.45 -16.68 -0.55
C GLY A 31 1.50 -16.89 0.62
N TYR A 32 0.84 -15.82 1.07
CA TYR A 32 -0.10 -15.89 2.20
C TYR A 32 -1.46 -15.26 1.84
N PRO A 33 -2.25 -15.90 0.96
CA PRO A 33 -3.50 -15.34 0.44
C PRO A 33 -4.68 -15.40 1.44
N GLY A 34 -4.38 -15.32 2.72
CA GLY A 34 -5.42 -15.31 3.75
C GLY A 34 -5.15 -14.31 4.87
N TYR A 35 -4.08 -13.53 4.74
CA TYR A 35 -3.68 -12.57 5.77
C TYR A 35 -3.62 -11.13 5.25
N ALA A 36 -4.43 -10.84 4.22
CA ALA A 36 -4.46 -9.49 3.62
C ALA A 36 -4.81 -8.41 4.66
N ARG A 37 -5.70 -8.75 5.59
CA ARG A 37 -6.09 -7.83 6.67
C ARG A 37 -4.89 -7.54 7.59
N HIS A 38 -4.07 -8.56 7.80
CA HIS A 38 -2.89 -8.45 8.66
C HIS A 38 -1.79 -7.62 8.00
N VAL A 39 -1.69 -7.73 6.67
CA VAL A 39 -0.75 -6.90 5.90
C VAL A 39 -1.03 -5.40 6.14
N GLY A 40 -2.30 -5.02 6.11
CA GLY A 40 -2.70 -3.66 6.41
C GLY A 40 -2.30 -3.23 7.83
N LYS A 41 -2.51 -4.12 8.79
CA LYS A 41 -2.11 -3.87 10.19
C LYS A 41 -0.60 -3.62 10.28
N ALA A 42 0.18 -4.49 9.62
CA ALA A 42 1.65 -4.38 9.63
C ALA A 42 2.11 -3.03 9.07
N LEU A 43 1.60 -2.67 7.89
CA LEU A 43 1.95 -1.39 7.25
C LEU A 43 1.53 -0.20 8.13
N GLY A 44 0.35 -0.31 8.75
CA GLY A 44 -0.12 0.75 9.66
C GLY A 44 0.67 0.81 10.97
N ASN A 45 1.48 -0.21 11.24
CA ASN A 45 2.32 -0.24 12.46
C ASN A 45 3.74 0.27 12.17
N LEU A 46 4.11 0.34 10.90
CA LEU A 46 5.44 0.80 10.49
C LEU A 46 5.68 2.28 10.87
N PRO A 47 6.94 2.65 11.17
CA PRO A 47 7.29 4.05 11.48
C PRO A 47 7.25 4.98 10.25
N GLU A 48 7.83 6.17 10.38
CA GLU A 48 7.85 7.17 9.31
C GLU A 48 8.63 6.66 8.08
N GLY A 49 9.94 6.54 8.23
CA GLY A 49 10.79 6.05 7.14
C GLY A 49 11.53 4.77 7.50
N SER A 50 10.98 3.62 7.11
CA SER A 50 11.58 2.32 7.40
C SER A 50 12.16 1.68 6.12
N LYS A 51 12.56 2.54 5.17
CA LYS A 51 13.07 2.10 3.85
C LYS A 51 11.92 1.61 2.95
N LEU A 52 11.06 0.76 3.50
CA LEU A 52 9.88 0.25 2.78
C LEU A 52 8.84 1.37 2.52
N PRO A 53 8.39 1.55 1.27
CA PRO A 53 7.30 2.48 0.96
C PRO A 53 5.92 1.91 1.34
N TRP A 54 5.45 2.26 2.53
CA TRP A 54 4.15 1.77 3.04
C TRP A 54 2.97 2.51 2.40
N PHE A 55 3.18 3.77 2.05
CA PHE A 55 2.12 4.62 1.48
C PHE A 55 1.60 4.12 0.13
N ARG A 56 2.34 3.24 -0.54
CA ARG A 56 1.98 2.76 -1.88
C ARG A 56 1.00 1.59 -1.86
N VAL A 57 0.44 1.26 -0.70
CA VAL A 57 -0.50 0.13 -0.59
C VAL A 57 -1.82 0.55 0.10
N ILE A 58 -2.95 0.20 -0.52
CA ILE A 58 -4.28 0.54 -0.01
C ILE A 58 -5.25 -0.67 -0.06
N ASN A 59 -6.52 -0.45 0.29
CA ASN A 59 -7.51 -1.54 0.31
C ASN A 59 -8.30 -1.64 -1.02
N SER A 60 -9.23 -2.60 -1.08
CA SER A 60 -10.00 -2.87 -2.30
C SER A 60 -10.79 -1.64 -2.79
N GLN A 61 -11.29 -0.84 -1.86
CA GLN A 61 -12.10 0.34 -2.21
C GLN A 61 -11.23 1.49 -2.74
N GLY A 62 -9.93 1.25 -2.88
CA GLY A 62 -9.02 2.31 -3.30
C GLY A 62 -8.98 3.46 -2.30
N LYS A 63 -8.77 3.12 -1.02
CA LYS A 63 -8.82 4.12 0.05
C LYS A 63 -7.69 3.90 1.08
N ILE A 64 -7.25 4.99 1.70
CA ILE A 64 -6.25 4.94 2.76
C ILE A 64 -6.83 4.31 4.05
N SER A 65 -6.24 3.20 4.49
CA SER A 65 -6.75 2.43 5.63
C SER A 65 -6.19 2.93 6.98
N LEU A 66 -5.88 4.24 7.05
CA LEU A 66 -5.34 4.84 8.28
C LEU A 66 -6.34 5.83 8.90
N LYS A 67 -5.98 6.40 10.06
CA LYS A 67 -6.82 7.39 10.75
C LYS A 67 -6.93 8.69 9.94
N GLY A 68 -7.82 9.59 10.38
CA GLY A 68 -8.06 10.84 9.66
C GLY A 68 -6.82 11.69 9.44
N ARG A 69 -5.94 11.75 10.44
CA ARG A 69 -4.70 12.53 10.35
C ARG A 69 -3.62 11.77 9.56
N ASP A 70 -3.44 10.48 9.87
CA ASP A 70 -2.50 9.63 9.13
C ASP A 70 -2.89 9.53 7.64
N LEU A 71 -4.18 9.78 7.35
CA LEU A 71 -4.67 9.81 5.97
C LEU A 71 -3.93 10.87 5.15
N ASP A 72 -4.01 12.13 5.61
CA ASP A 72 -3.30 13.23 4.94
C ASP A 72 -1.78 12.99 4.92
N ARG A 73 -1.26 12.36 5.96
CA ARG A 73 0.16 11.97 6.03
C ARG A 73 0.54 11.06 4.86
N GLN A 74 -0.22 9.99 4.65
CA GLN A 74 0.01 9.08 3.52
C GLN A 74 -0.27 9.81 2.19
N LYS A 75 -1.37 10.56 2.15
CA LYS A 75 -1.76 11.33 0.97
C LYS A 75 -0.64 12.29 0.53
N GLN A 76 0.02 12.93 1.49
CA GLN A 76 1.15 13.83 1.20
C GLN A 76 2.31 13.07 0.54
N LYS A 77 2.63 11.89 1.08
CA LYS A 77 3.66 11.02 0.49
C LYS A 77 3.29 10.61 -0.95
N LEU A 78 1.99 10.41 -1.19
CA LEU A 78 1.48 10.03 -2.51
C LEU A 78 1.51 11.21 -3.50
N GLU A 79 1.03 12.38 -3.07
CA GLU A 79 1.03 13.57 -3.92
C GLU A 79 2.45 14.06 -4.20
N ALA A 80 3.42 13.62 -3.38
CA ALA A 80 4.83 13.88 -3.64
C ALA A 80 5.29 13.22 -4.96
N GLU A 81 4.64 12.11 -5.31
CA GLU A 81 4.84 11.47 -6.63
C GLU A 81 3.86 12.03 -7.67
N GLY A 82 2.79 12.66 -7.18
CA GLY A 82 1.76 13.20 -8.06
C GLY A 82 0.66 12.19 -8.36
N ILE A 83 0.09 11.61 -7.32
CA ILE A 83 -1.00 10.64 -7.46
C ILE A 83 -2.36 11.29 -7.22
N GLU A 84 -3.32 11.04 -8.12
CA GLU A 84 -4.68 11.57 -7.98
C GLU A 84 -5.41 10.94 -6.77
N VAL A 85 -5.30 11.60 -5.62
CA VAL A 85 -5.94 11.12 -4.39
C VAL A 85 -7.11 12.04 -3.99
N SER A 86 -8.31 11.47 -3.91
CA SER A 86 -9.49 12.22 -3.44
C SER A 86 -9.29 12.64 -1.98
N GLU A 87 -9.88 13.79 -1.62
CA GLU A 87 -9.65 14.41 -0.29
C GLU A 87 -9.83 13.42 0.87
N ILE A 88 -10.82 12.54 0.76
CA ILE A 88 -11.09 11.53 1.80
C ILE A 88 -10.13 10.33 1.71
N GLY A 89 -9.01 10.51 1.01
CA GLY A 89 -8.02 9.44 0.85
C GLY A 89 -8.48 8.33 -0.07
N LYS A 90 -9.06 8.70 -1.22
CA LYS A 90 -9.58 7.71 -2.18
C LYS A 90 -8.87 7.81 -3.54
N ILE A 91 -8.10 6.76 -3.88
CA ILE A 91 -7.33 6.71 -5.13
C ILE A 91 -8.07 5.90 -6.20
N ALA A 92 -7.99 6.34 -7.46
CA ALA A 92 -8.62 5.62 -8.57
C ALA A 92 -7.76 4.43 -9.02
N LEU A 93 -8.05 3.25 -8.46
CA LEU A 93 -7.34 2.01 -8.81
C LEU A 93 -7.36 1.74 -10.32
N ARG A 94 -8.44 2.14 -10.98
CA ARG A 94 -8.61 1.90 -12.42
C ARG A 94 -7.43 2.45 -13.24
N LYS A 95 -6.84 3.56 -12.80
CA LYS A 95 -5.70 4.19 -13.51
C LYS A 95 -4.37 4.04 -12.74
N TYR A 96 -4.43 3.60 -11.48
CA TYR A 96 -3.21 3.45 -10.66
C TYR A 96 -2.96 2.01 -10.20
N LYS A 97 -3.68 1.04 -10.75
CA LYS A 97 -3.48 -0.37 -10.38
C LYS A 97 -2.07 -0.87 -10.77
N TRP A 98 -1.41 -1.54 -9.84
CA TRP A 98 -0.06 -2.06 -10.08
C TRP A 98 -0.06 -3.16 -11.15
N GLN A 99 0.62 -2.90 -12.26
CA GLN A 99 0.74 -3.84 -13.37
C GLN A 99 2.17 -4.40 -13.48
N PRO A 100 2.45 -5.55 -12.82
CA PRO A 100 3.77 -6.20 -12.87
C PRO A 100 4.05 -6.90 -14.22
N LEU A 101 3.10 -7.71 -14.69
CA LEU A 101 3.28 -8.49 -15.92
C LEU A 101 3.10 -7.64 -17.18
N GLU A 102 4.23 -7.19 -17.74
CA GLU A 102 4.28 -6.41 -19.01
C GLU A 102 3.10 -5.41 -19.19
N MET A 1 13.78 -10.95 10.94
CA MET A 1 12.33 -11.03 11.27
C MET A 1 11.67 -12.25 10.61
N ASP A 2 10.45 -12.58 11.03
CA ASP A 2 9.72 -13.73 10.50
C ASP A 2 9.53 -13.65 8.97
N GLN A 3 9.44 -14.82 8.34
CA GLN A 3 9.40 -14.93 6.88
C GLN A 3 8.20 -14.19 6.27
N PHE A 4 7.03 -14.34 6.87
CA PHE A 4 5.80 -13.64 6.42
C PHE A 4 6.07 -12.13 6.21
N LEU A 5 6.69 -11.50 7.20
CA LEU A 5 7.04 -10.08 7.11
C LEU A 5 8.04 -9.84 5.98
N VAL A 6 9.05 -10.72 5.87
CA VAL A 6 10.06 -10.63 4.81
C VAL A 6 9.41 -10.68 3.41
N GLN A 7 8.42 -11.57 3.26
CA GLN A 7 7.75 -11.76 1.96
C GLN A 7 6.97 -10.50 1.53
N ILE A 8 5.97 -10.12 2.32
CA ILE A 8 5.13 -8.96 1.99
C ILE A 8 5.96 -7.67 1.80
N PHE A 9 6.97 -7.48 2.65
CA PHE A 9 7.85 -6.32 2.53
C PHE A 9 8.66 -6.36 1.22
N ALA A 10 9.14 -7.56 0.85
CA ALA A 10 9.88 -7.74 -0.40
C ALA A 10 9.01 -7.43 -1.62
N VAL A 11 7.71 -7.74 -1.52
CA VAL A 11 6.76 -7.42 -2.59
C VAL A 11 6.54 -5.90 -2.71
N ILE A 12 6.51 -5.21 -1.57
CA ILE A 12 6.36 -3.75 -1.55
C ILE A 12 7.55 -3.04 -2.23
N HIS A 13 8.75 -3.60 -2.08
CA HIS A 13 9.94 -3.07 -2.76
C HIS A 13 9.90 -3.34 -4.27
N GLN A 14 8.93 -4.15 -4.71
CA GLN A 14 8.74 -4.42 -6.15
C GLN A 14 7.77 -3.41 -6.79
N ILE A 15 7.19 -2.53 -5.97
CA ILE A 15 6.25 -1.51 -6.47
C ILE A 15 6.98 -0.37 -7.18
N PRO A 16 6.63 -0.06 -8.45
CA PRO A 16 7.20 1.07 -9.19
C PRO A 16 6.76 2.44 -8.64
N LYS A 17 7.55 3.46 -8.95
CA LYS A 17 7.28 4.83 -8.49
C LYS A 17 5.96 5.37 -9.10
N GLY A 18 5.03 5.76 -8.24
CA GLY A 18 3.75 6.31 -8.70
C GLY A 18 2.63 5.28 -8.84
N LYS A 19 2.93 4.01 -8.55
CA LYS A 19 1.92 2.94 -8.65
C LYS A 19 1.43 2.51 -7.27
N VAL A 20 0.12 2.23 -7.16
CA VAL A 20 -0.47 1.77 -5.91
C VAL A 20 -0.86 0.29 -5.96
N SER A 21 -0.98 -0.33 -4.80
CA SER A 21 -1.35 -1.75 -4.69
C SER A 21 -2.39 -1.96 -3.58
N THR A 22 -2.86 -3.19 -3.42
CA THR A 22 -3.89 -3.51 -2.40
C THR A 22 -3.41 -4.60 -1.42
N TYR A 23 -3.89 -4.52 -0.17
CA TYR A 23 -3.41 -5.42 0.91
C TYR A 23 -3.45 -6.91 0.52
N GLY A 24 -4.65 -7.43 0.24
CA GLY A 24 -4.78 -8.85 -0.12
C GLY A 24 -3.95 -9.23 -1.35
N GLU A 25 -3.76 -8.26 -2.25
CA GLU A 25 -2.98 -8.44 -3.47
C GLU A 25 -1.49 -8.64 -3.16
N ILE A 26 -0.93 -7.78 -2.29
CA ILE A 26 0.46 -7.94 -1.83
C ILE A 26 0.67 -9.31 -1.19
N ALA A 27 -0.22 -9.68 -0.28
CA ALA A 27 -0.19 -10.99 0.37
C ALA A 27 -0.29 -12.13 -0.67
N LYS A 28 -1.18 -11.96 -1.65
CA LYS A 28 -1.35 -12.91 -2.75
C LYS A 28 -0.03 -13.18 -3.47
N MET A 29 0.66 -12.12 -3.87
CA MET A 29 1.97 -12.24 -4.54
C MET A 29 3.07 -12.72 -3.57
N ALA A 30 2.86 -12.51 -2.27
CA ALA A 30 3.80 -12.99 -1.25
C ALA A 30 3.60 -14.49 -0.95
N GLY A 31 2.59 -15.09 -1.57
CA GLY A 31 2.32 -16.52 -1.37
C GLY A 31 1.33 -16.81 -0.25
N TYR A 32 0.69 -15.76 0.27
CA TYR A 32 -0.31 -15.90 1.33
C TYR A 32 -1.59 -15.14 0.99
N PRO A 33 -2.43 -15.69 0.09
CA PRO A 33 -3.65 -15.01 -0.38
C PRO A 33 -4.72 -14.85 0.71
N GLY A 34 -5.47 -13.75 0.66
CA GLY A 34 -6.55 -13.52 1.63
C GLY A 34 -6.11 -12.83 2.92
N TYR A 35 -4.79 -12.74 3.14
CA TYR A 35 -4.26 -12.12 4.36
C TYR A 35 -4.25 -10.57 4.28
N ALA A 36 -5.38 -9.99 3.86
CA ALA A 36 -5.50 -8.54 3.71
C ALA A 36 -5.31 -7.79 5.04
N ARG A 37 -5.98 -8.26 6.08
CA ARG A 37 -5.90 -7.62 7.41
C ARG A 37 -4.48 -7.69 7.98
N HIS A 38 -3.79 -8.81 7.79
CA HIS A 38 -2.43 -8.99 8.31
C HIS A 38 -1.45 -7.99 7.68
N VAL A 39 -1.58 -7.76 6.37
CA VAL A 39 -0.75 -6.78 5.67
C VAL A 39 -1.02 -5.35 6.18
N GLY A 40 -2.30 -4.96 6.19
CA GLY A 40 -2.67 -3.63 6.70
C GLY A 40 -2.32 -3.44 8.18
N LYS A 41 -2.40 -4.53 8.94
CA LYS A 41 -2.03 -4.54 10.35
C LYS A 41 -0.54 -4.22 10.53
N ALA A 42 0.31 -4.92 9.76
CA ALA A 42 1.76 -4.71 9.81
C ALA A 42 2.13 -3.30 9.35
N LEU A 43 1.61 -2.89 8.20
CA LEU A 43 1.88 -1.55 7.66
C LEU A 43 1.36 -0.46 8.60
N GLY A 44 0.18 -0.68 9.17
CA GLY A 44 -0.39 0.27 10.13
C GLY A 44 0.33 0.24 11.49
N ASN A 45 1.40 -0.54 11.58
CA ASN A 45 2.23 -0.59 12.80
C ASN A 45 3.61 0.03 12.54
N LEU A 46 3.83 0.50 11.32
CA LEU A 46 5.10 1.14 10.93
C LEU A 46 5.11 2.64 11.25
N PRO A 47 6.28 3.22 11.56
CA PRO A 47 6.42 4.67 11.80
C PRO A 47 6.23 5.51 10.52
N GLU A 48 6.03 6.82 10.70
CA GLU A 48 5.75 7.72 9.58
C GLU A 48 6.89 7.76 8.55
N GLY A 49 8.10 7.42 8.98
CA GLY A 49 9.25 7.40 8.06
C GLY A 49 10.15 6.19 8.27
N SER A 50 9.63 4.99 8.02
CA SER A 50 10.41 3.75 8.17
C SER A 50 11.26 3.48 6.93
N LYS A 51 12.05 2.39 6.98
CA LYS A 51 12.88 2.00 5.83
C LYS A 51 12.05 1.23 4.78
N LEU A 52 10.74 1.19 4.99
CA LEU A 52 9.80 0.56 4.05
C LEU A 52 8.68 1.55 3.67
N PRO A 53 8.50 1.85 2.38
CA PRO A 53 7.41 2.72 1.93
C PRO A 53 6.04 2.04 2.04
N TRP A 54 5.33 2.29 3.14
CA TRP A 54 4.01 1.69 3.39
C TRP A 54 2.91 2.40 2.60
N PHE A 55 3.19 3.61 2.12
CA PHE A 55 2.22 4.41 1.36
C PHE A 55 1.92 3.81 -0.04
N ARG A 56 2.54 2.67 -0.34
CA ARG A 56 2.35 2.02 -1.64
C ARG A 56 1.08 1.13 -1.66
N VAL A 57 0.52 0.85 -0.49
CA VAL A 57 -0.58 -0.14 -0.39
C VAL A 57 -1.85 0.45 0.27
N ILE A 58 -3.01 0.11 -0.28
CA ILE A 58 -4.31 0.50 0.30
C ILE A 58 -5.30 -0.68 0.27
N ASN A 59 -6.55 -0.45 0.67
CA ASN A 59 -7.57 -1.50 0.61
C ASN A 59 -8.27 -1.52 -0.76
N SER A 60 -8.72 -2.71 -1.18
CA SER A 60 -9.24 -2.93 -2.55
C SER A 60 -10.54 -2.15 -2.84
N GLN A 61 -10.97 -1.31 -1.89
CA GLN A 61 -12.18 -0.51 -2.08
C GLN A 61 -11.85 0.83 -2.77
N GLY A 62 -10.55 1.13 -2.88
CA GLY A 62 -10.11 2.38 -3.51
C GLY A 62 -9.96 3.53 -2.52
N LYS A 63 -9.49 3.21 -1.32
CA LYS A 63 -9.36 4.20 -0.24
C LYS A 63 -8.21 3.87 0.73
N ILE A 64 -7.69 4.91 1.40
CA ILE A 64 -6.75 4.75 2.51
C ILE A 64 -7.51 4.51 3.82
N SER A 65 -7.30 3.34 4.43
CA SER A 65 -8.01 2.98 5.68
C SER A 65 -7.43 3.69 6.91
N LEU A 66 -6.25 4.31 6.75
CA LEU A 66 -5.60 5.02 7.85
C LEU A 66 -6.39 6.28 8.26
N LYS A 67 -6.47 6.53 9.56
CA LYS A 67 -7.21 7.68 10.10
C LYS A 67 -6.28 8.67 10.81
N GLY A 68 -6.81 9.83 11.18
CA GLY A 68 -5.98 10.89 11.76
C GLY A 68 -5.09 11.57 10.73
N ARG A 69 -3.99 12.18 11.17
CA ARG A 69 -3.03 12.81 10.25
C ARG A 69 -2.34 11.77 9.35
N ASP A 70 -2.39 10.51 9.79
CA ASP A 70 -1.76 9.40 9.06
C ASP A 70 -2.31 9.30 7.62
N LEU A 71 -3.60 9.58 7.44
CA LEU A 71 -4.21 9.59 6.12
C LEU A 71 -3.53 10.63 5.21
N ASP A 72 -3.45 11.87 5.68
CA ASP A 72 -2.77 12.94 4.94
C ASP A 72 -1.26 12.66 4.77
N ARG A 73 -0.67 11.92 5.70
CA ARG A 73 0.74 11.52 5.56
C ARG A 73 0.93 10.75 4.25
N GLN A 74 0.12 9.70 4.06
CA GLN A 74 0.15 8.90 2.83
C GLN A 74 -0.33 9.71 1.63
N LYS A 75 -1.42 10.44 1.81
CA LYS A 75 -2.01 11.31 0.78
C LYS A 75 -0.97 12.25 0.16
N GLN A 76 -0.29 13.04 1.00
CA GLN A 76 0.73 13.98 0.52
C GLN A 76 1.88 13.26 -0.20
N LYS A 77 2.31 12.12 0.36
CA LYS A 77 3.34 11.28 -0.29
C LYS A 77 2.92 10.90 -1.72
N LEU A 78 1.70 10.38 -1.85
CA LEU A 78 1.18 9.94 -3.16
C LEU A 78 1.05 11.10 -4.15
N GLU A 79 0.40 12.19 -3.74
CA GLU A 79 0.25 13.38 -4.60
C GLU A 79 1.63 14.02 -4.90
N ALA A 80 2.62 13.73 -4.06
CA ALA A 80 4.00 14.13 -4.33
C ALA A 80 4.64 13.23 -5.41
N GLU A 81 4.25 11.96 -5.42
CA GLU A 81 4.70 11.01 -6.46
C GLU A 81 3.98 11.29 -7.80
N GLY A 82 2.79 11.88 -7.72
CA GLY A 82 2.00 12.18 -8.91
C GLY A 82 0.69 11.42 -8.97
N ILE A 83 0.18 11.00 -7.81
CA ILE A 83 -1.07 10.24 -7.73
C ILE A 83 -2.24 11.13 -7.28
N GLU A 84 -3.28 11.18 -8.09
CA GLU A 84 -4.50 11.94 -7.76
C GLU A 84 -5.27 11.27 -6.59
N VAL A 85 -5.13 11.83 -5.39
CA VAL A 85 -5.86 11.35 -4.22
C VAL A 85 -7.07 12.24 -3.91
N SER A 86 -8.20 11.62 -3.56
CA SER A 86 -9.42 12.36 -3.20
C SER A 86 -9.50 12.61 -1.69
N GLU A 87 -10.28 13.62 -1.30
CA GLU A 87 -10.32 14.13 0.08
C GLU A 87 -10.39 13.02 1.15
N ILE A 88 -11.32 12.07 0.99
CA ILE A 88 -11.51 11.00 1.97
C ILE A 88 -10.44 9.88 1.85
N GLY A 89 -9.32 10.20 1.20
CA GLY A 89 -8.29 9.21 0.94
C GLY A 89 -8.66 8.24 -0.16
N LYS A 90 -9.47 8.71 -1.11
CA LYS A 90 -9.99 7.85 -2.18
C LYS A 90 -9.10 7.89 -3.44
N ILE A 91 -8.56 6.74 -3.83
CA ILE A 91 -7.64 6.64 -4.98
C ILE A 91 -8.28 5.90 -6.16
N ALA A 92 -8.13 6.46 -7.37
CA ALA A 92 -8.68 5.85 -8.58
C ALA A 92 -7.84 4.64 -9.05
N LEU A 93 -8.24 3.44 -8.61
CA LEU A 93 -7.50 2.21 -8.91
C LEU A 93 -7.49 1.88 -10.41
N ARG A 94 -8.56 2.22 -11.12
CA ARG A 94 -8.69 1.87 -12.54
C ARG A 94 -7.56 2.44 -13.40
N LYS A 95 -7.00 3.58 -13.00
CA LYS A 95 -5.89 4.21 -13.76
C LYS A 95 -4.54 4.09 -13.02
N TYR A 96 -4.58 3.94 -11.70
CA TYR A 96 -3.33 3.78 -10.91
C TYR A 96 -3.06 2.31 -10.55
N LYS A 97 -3.84 1.40 -11.14
CA LYS A 97 -3.63 -0.04 -10.94
C LYS A 97 -2.21 -0.46 -11.35
N TRP A 98 -1.55 -1.24 -10.48
CA TRP A 98 -0.22 -1.76 -10.79
C TRP A 98 -0.31 -3.05 -11.62
N GLN A 99 0.28 -3.02 -12.81
CA GLN A 99 0.34 -4.19 -13.68
C GLN A 99 1.78 -4.75 -13.75
N PRO A 100 2.07 -5.81 -12.97
CA PRO A 100 3.40 -6.44 -12.96
C PRO A 100 3.68 -7.27 -14.23
N LEU A 101 2.81 -7.12 -15.24
CA LEU A 101 2.94 -7.84 -16.51
C LEU A 101 3.68 -7.00 -17.56
N GLU A 102 3.89 -5.72 -17.26
CA GLU A 102 4.50 -4.78 -18.22
C GLU A 102 5.13 -3.55 -17.51
N MET A 1 10.77 -10.54 13.95
CA MET A 1 10.24 -10.34 12.57
C MET A 1 10.24 -11.66 11.80
N ASP A 2 9.07 -12.25 11.60
CA ASP A 2 8.94 -13.49 10.82
C ASP A 2 9.05 -13.20 9.32
N GLN A 3 9.50 -14.21 8.56
CA GLN A 3 9.68 -14.06 7.12
C GLN A 3 8.37 -13.75 6.40
N PHE A 4 7.25 -14.07 7.05
CA PHE A 4 5.93 -13.66 6.58
C PHE A 4 5.90 -12.15 6.27
N LEU A 5 6.39 -11.37 7.23
CA LEU A 5 6.47 -9.90 7.07
C LEU A 5 7.46 -9.53 5.96
N VAL A 6 8.61 -10.20 5.95
CA VAL A 6 9.65 -9.95 4.93
C VAL A 6 9.10 -10.19 3.51
N GLN A 7 8.30 -11.24 3.35
CA GLN A 7 7.74 -11.59 2.04
C GLN A 7 6.76 -10.53 1.52
N ILE A 8 5.82 -10.10 2.36
CA ILE A 8 4.85 -9.08 1.97
C ILE A 8 5.53 -7.72 1.69
N PHE A 9 6.48 -7.34 2.55
CA PHE A 9 7.24 -6.11 2.34
C PHE A 9 8.05 -6.17 1.05
N ALA A 10 8.61 -7.34 0.74
CA ALA A 10 9.34 -7.56 -0.50
C ALA A 10 8.49 -7.19 -1.72
N VAL A 11 7.24 -7.66 -1.73
CA VAL A 11 6.30 -7.34 -2.82
C VAL A 11 6.10 -5.83 -2.95
N ILE A 12 5.99 -5.14 -1.82
CA ILE A 12 5.77 -3.69 -1.80
C ILE A 12 6.94 -2.91 -2.45
N HIS A 13 8.17 -3.39 -2.28
CA HIS A 13 9.34 -2.76 -2.92
C HIS A 13 9.28 -2.83 -4.45
N GLN A 14 8.59 -3.85 -4.97
CA GLN A 14 8.49 -4.09 -6.42
C GLN A 14 7.59 -3.04 -7.12
N ILE A 15 6.68 -2.42 -6.37
CA ILE A 15 5.76 -1.43 -6.94
C ILE A 15 6.52 -0.24 -7.56
N PRO A 16 6.26 0.09 -8.84
CA PRO A 16 6.92 1.22 -9.51
C PRO A 16 6.47 2.59 -8.97
N LYS A 17 7.34 3.59 -9.13
CA LYS A 17 7.07 4.93 -8.61
C LYS A 17 5.82 5.55 -9.24
N GLY A 18 4.76 5.73 -8.45
CA GLY A 18 3.53 6.33 -8.96
C GLY A 18 2.37 5.35 -9.10
N LYS A 19 2.54 4.12 -8.60
CA LYS A 19 1.46 3.12 -8.61
C LYS A 19 1.11 2.65 -7.19
N VAL A 20 -0.14 2.21 -7.01
CA VAL A 20 -0.60 1.70 -5.71
C VAL A 20 -1.11 0.26 -5.84
N SER A 21 -1.40 -0.37 -4.70
CA SER A 21 -1.91 -1.75 -4.67
C SER A 21 -2.80 -2.00 -3.46
N THR A 22 -3.36 -3.20 -3.36
CA THR A 22 -4.28 -3.55 -2.26
C THR A 22 -3.72 -4.67 -1.37
N TYR A 23 -4.21 -4.74 -0.13
CA TYR A 23 -3.75 -5.75 0.85
C TYR A 23 -3.80 -7.18 0.28
N GLY A 24 -4.89 -7.51 -0.42
CA GLY A 24 -5.03 -8.83 -1.02
C GLY A 24 -3.93 -9.16 -2.03
N GLU A 25 -3.68 -8.23 -2.95
CA GLU A 25 -2.65 -8.42 -3.98
C GLU A 25 -1.26 -8.67 -3.37
N ILE A 26 -0.85 -7.79 -2.46
CA ILE A 26 0.44 -7.92 -1.77
C ILE A 26 0.59 -9.33 -1.18
N ALA A 27 -0.46 -9.82 -0.52
CA ALA A 27 -0.46 -11.16 0.07
C ALA A 27 -0.37 -12.26 -1.01
N LYS A 28 -1.04 -12.04 -2.15
CA LYS A 28 -1.03 -13.02 -3.26
C LYS A 28 0.39 -13.27 -3.79
N MET A 29 1.11 -12.21 -4.16
CA MET A 29 2.50 -12.36 -4.62
C MET A 29 3.40 -12.88 -3.49
N ALA A 30 3.13 -12.46 -2.25
CA ALA A 30 3.90 -12.92 -1.09
C ALA A 30 3.71 -14.42 -0.84
N GLY A 31 2.60 -14.98 -1.34
CA GLY A 31 2.32 -16.40 -1.17
C GLY A 31 1.47 -16.73 0.04
N TYR A 32 0.77 -15.72 0.58
CA TYR A 32 -0.10 -15.91 1.76
C TYR A 32 -1.45 -15.19 1.57
N PRO A 33 -2.30 -15.68 0.65
CA PRO A 33 -3.60 -15.04 0.36
C PRO A 33 -4.62 -15.14 1.51
N GLY A 34 -5.33 -14.04 1.77
CA GLY A 34 -6.33 -14.02 2.84
C GLY A 34 -5.84 -13.28 4.11
N TYR A 35 -4.54 -13.29 4.34
CA TYR A 35 -3.96 -12.68 5.56
C TYR A 35 -3.76 -11.16 5.40
N ALA A 36 -4.69 -10.51 4.72
CA ALA A 36 -4.64 -9.06 4.49
C ALA A 36 -4.57 -8.26 5.80
N ARG A 37 -5.32 -8.70 6.81
CA ARG A 37 -5.33 -8.07 8.13
C ARG A 37 -3.93 -8.10 8.76
N HIS A 38 -3.26 -9.25 8.69
CA HIS A 38 -1.91 -9.40 9.24
C HIS A 38 -0.92 -8.47 8.51
N VAL A 39 -1.12 -8.32 7.20
CA VAL A 39 -0.35 -7.33 6.41
C VAL A 39 -0.60 -5.91 6.96
N GLY A 40 -1.86 -5.59 7.22
CA GLY A 40 -2.21 -4.30 7.80
C GLY A 40 -1.58 -4.06 9.17
N LYS A 41 -1.51 -5.12 9.98
CA LYS A 41 -0.85 -5.05 11.30
C LYS A 41 0.64 -4.73 11.16
N ALA A 42 1.27 -5.30 10.13
CA ALA A 42 2.68 -5.05 9.85
C ALA A 42 2.91 -3.61 9.37
N LEU A 43 2.12 -3.19 8.39
CA LEU A 43 2.20 -1.82 7.86
C LEU A 43 2.00 -0.77 8.96
N GLY A 44 1.04 -1.02 9.85
CA GLY A 44 0.76 -0.10 10.96
C GLY A 44 1.90 0.02 11.96
N ASN A 45 2.93 -0.82 11.79
CA ASN A 45 4.12 -0.79 12.67
C ASN A 45 5.33 -0.17 11.94
N LEU A 46 5.20 0.07 10.63
CA LEU A 46 6.31 0.60 9.82
C LEU A 46 6.65 2.06 10.16
N PRO A 47 7.96 2.41 10.14
CA PRO A 47 8.40 3.79 10.40
C PRO A 47 7.99 4.78 9.30
N GLU A 48 7.57 5.98 9.72
CA GLU A 48 7.10 7.04 8.80
C GLU A 48 8.09 7.31 7.66
N GLY A 49 9.38 7.41 7.99
CA GLY A 49 10.41 7.72 7.00
C GLY A 49 11.09 6.49 6.43
N SER A 50 10.32 5.42 6.23
CA SER A 50 10.87 4.18 5.65
C SER A 50 11.03 4.30 4.13
N LYS A 51 12.07 3.64 3.60
CA LYS A 51 12.24 3.54 2.15
C LYS A 51 11.25 2.53 1.56
N LEU A 52 10.63 1.75 2.44
CA LEU A 52 9.54 0.84 2.07
C LEU A 52 8.20 1.60 2.02
N PRO A 53 7.59 1.74 0.83
CA PRO A 53 6.33 2.49 0.68
C PRO A 53 5.14 1.81 1.37
N TRP A 54 4.87 2.20 2.61
CA TRP A 54 3.70 1.72 3.35
C TRP A 54 2.41 2.40 2.88
N PHE A 55 2.57 3.53 2.20
CA PHE A 55 1.45 4.38 1.78
C PHE A 55 0.76 3.88 0.48
N ARG A 56 1.34 2.87 -0.18
CA ARG A 56 0.80 2.36 -1.44
C ARG A 56 -0.30 1.30 -1.24
N VAL A 57 -0.34 0.69 -0.06
CA VAL A 57 -1.27 -0.43 0.19
C VAL A 57 -2.62 0.04 0.75
N ILE A 58 -3.64 0.00 -0.09
CA ILE A 58 -5.00 0.42 0.30
C ILE A 58 -6.00 -0.76 0.18
N ASN A 59 -7.29 -0.49 0.39
CA ASN A 59 -8.31 -1.55 0.30
C ASN A 59 -8.86 -1.70 -1.13
N SER A 60 -9.58 -2.79 -1.38
CA SER A 60 -10.10 -3.12 -2.72
C SER A 60 -10.97 -1.99 -3.31
N GLN A 61 -11.64 -1.24 -2.45
CA GLN A 61 -12.49 -0.11 -2.89
C GLN A 61 -11.68 1.02 -3.54
N GLY A 62 -10.35 0.93 -3.52
CA GLY A 62 -9.52 2.02 -4.03
C GLY A 62 -9.58 3.25 -3.13
N LYS A 63 -9.34 3.04 -1.84
CA LYS A 63 -9.46 4.10 -0.85
C LYS A 63 -8.49 3.88 0.31
N ILE A 64 -7.98 4.97 0.89
CA ILE A 64 -7.07 4.91 2.03
C ILE A 64 -7.76 4.33 3.27
N SER A 65 -7.16 3.30 3.87
CA SER A 65 -7.73 2.64 5.05
C SER A 65 -7.54 3.48 6.32
N LEU A 66 -6.45 4.24 6.37
CA LEU A 66 -6.17 5.12 7.52
C LEU A 66 -7.04 6.38 7.47
N LYS A 67 -7.32 6.97 8.64
CA LYS A 67 -8.11 8.20 8.72
C LYS A 67 -7.44 9.25 9.63
N GLY A 68 -8.11 10.37 9.84
CA GLY A 68 -7.54 11.47 10.61
C GLY A 68 -6.32 12.08 9.91
N ARG A 69 -5.38 12.60 10.71
CA ARG A 69 -4.15 13.18 10.16
C ARG A 69 -3.32 12.13 9.41
N ASP A 70 -3.44 10.87 9.82
CA ASP A 70 -2.75 9.75 9.16
C ASP A 70 -3.12 9.65 7.68
N LEU A 71 -4.38 9.95 7.35
CA LEU A 71 -4.86 9.93 5.96
C LEU A 71 -4.18 11.03 5.14
N ASP A 72 -4.25 12.27 5.63
CA ASP A 72 -3.59 13.41 4.97
C ASP A 72 -2.08 13.17 4.84
N ARG A 73 -1.49 12.60 5.88
CA ARG A 73 -0.05 12.29 5.89
C ARG A 73 0.29 11.26 4.81
N GLN A 74 -0.49 10.18 4.74
CA GLN A 74 -0.32 9.17 3.68
C GLN A 74 -0.53 9.79 2.29
N LYS A 75 -1.50 10.70 2.21
CA LYS A 75 -1.75 11.44 0.96
C LYS A 75 -0.48 12.17 0.48
N GLN A 76 0.13 12.96 1.37
CA GLN A 76 1.33 13.72 1.03
C GLN A 76 2.44 12.81 0.47
N LYS A 77 2.55 11.62 1.04
CA LYS A 77 3.47 10.59 0.53
C LYS A 77 3.15 10.23 -0.93
N LEU A 78 1.87 9.94 -1.20
CA LEU A 78 1.41 9.56 -2.54
C LEU A 78 1.53 10.72 -3.54
N GLU A 79 1.10 11.91 -3.12
CA GLU A 79 1.23 13.14 -3.93
C GLU A 79 2.69 13.35 -4.37
N ALA A 80 3.63 12.93 -3.52
CA ALA A 80 5.06 13.02 -3.82
C ALA A 80 5.44 12.14 -5.03
N GLU A 81 4.73 11.03 -5.22
CA GLU A 81 4.98 10.13 -6.35
C GLU A 81 4.17 10.53 -7.59
N GLY A 82 3.33 11.56 -7.44
CA GLY A 82 2.47 11.99 -8.53
C GLY A 82 1.08 11.35 -8.48
N ILE A 83 0.76 10.73 -7.34
CA ILE A 83 -0.53 10.06 -7.15
C ILE A 83 -1.57 11.01 -6.54
N GLU A 84 -2.53 11.46 -7.35
CA GLU A 84 -3.57 12.38 -6.88
C GLU A 84 -4.59 11.67 -5.99
N VAL A 85 -4.62 12.05 -4.72
CA VAL A 85 -5.58 11.48 -3.77
C VAL A 85 -6.76 12.44 -3.53
N SER A 86 -7.97 11.98 -3.81
CA SER A 86 -9.18 12.78 -3.58
C SER A 86 -9.42 13.02 -2.08
N GLU A 87 -9.88 14.21 -1.73
CA GLU A 87 -10.03 14.62 -0.31
C GLU A 87 -10.84 13.62 0.53
N ILE A 88 -11.68 12.81 -0.11
CA ILE A 88 -12.45 11.77 0.60
C ILE A 88 -11.60 10.51 0.87
N GLY A 89 -10.30 10.59 0.57
CA GLY A 89 -9.40 9.45 0.73
C GLY A 89 -9.45 8.48 -0.44
N LYS A 90 -9.81 8.98 -1.63
CA LYS A 90 -10.02 8.11 -2.80
C LYS A 90 -8.79 8.07 -3.73
N ILE A 91 -8.43 6.87 -4.17
CA ILE A 91 -7.34 6.67 -5.14
C ILE A 91 -7.85 5.88 -6.36
N ALA A 92 -7.95 6.55 -7.51
CA ALA A 92 -8.45 5.92 -8.73
C ALA A 92 -7.55 4.76 -9.20
N LEU A 93 -7.92 3.53 -8.83
CA LEU A 93 -7.16 2.33 -9.22
C LEU A 93 -7.09 2.17 -10.74
N ARG A 94 -8.14 2.58 -11.44
CA ARG A 94 -8.19 2.48 -12.91
C ARG A 94 -6.94 3.10 -13.58
N LYS A 95 -6.37 4.12 -12.95
CA LYS A 95 -5.19 4.81 -13.51
C LYS A 95 -3.93 4.58 -12.66
N TYR A 96 -4.10 4.20 -11.38
CA TYR A 96 -2.95 3.96 -10.48
C TYR A 96 -2.76 2.48 -10.14
N LYS A 97 -3.42 1.60 -10.90
CA LYS A 97 -3.30 0.15 -10.69
C LYS A 97 -1.86 -0.35 -10.94
N TRP A 98 -1.37 -1.19 -10.03
CA TRP A 98 -0.05 -1.81 -10.20
C TRP A 98 -0.12 -2.94 -11.25
N GLN A 99 0.94 -3.08 -12.04
CA GLN A 99 1.01 -4.13 -13.07
C GLN A 99 2.03 -5.22 -12.69
N PRO A 100 1.60 -6.22 -11.88
CA PRO A 100 2.48 -7.31 -11.44
C PRO A 100 2.46 -8.55 -12.37
N LEU A 101 1.46 -8.65 -13.23
CA LEU A 101 1.30 -9.81 -14.13
C LEU A 101 0.40 -9.50 -15.34
N GLU A 102 0.28 -8.23 -15.70
CA GLU A 102 -0.54 -7.82 -16.84
C GLU A 102 0.31 -7.72 -18.14
#